data_7BOZ
#
_entry.id   7BOZ
#
_entity_poly.entity_id   1
_entity_poly.type   'polypeptide(L)'
_entity_poly.pdbx_seq_one_letter_code
;MANVIKTVLTYQLDGSNRDFNIPFEYLARKFVVVTLIGVDRKVLTINTDYRFATRTTISLTKAWGPADGYTTIELRRVTS
TTDRLVDFTDGSILRAYDLNVAQIQTMHVAEEARDLTTDTIGVNNDGHLDARGRRIVNLANAVDDRDAVPFGQLKTMNQN
SWQARNEALQFRNEAETFRNQAEGFKNESSTNATNTKQWRDETKGFRDEAKRFKNTAGQYATSAGNSASAAHQSEVNAEN
SATASANSAHLAEQQADRAEREADKLENYNGLAGAIDKVDGTNVYWKGNIHANGRLYMTTNGFDCGQYQQFFGGVTNRYS
VMEWGDENGWLMYVQRREWTTAIGGNIQLVVNGQIITQGGAMTGQLKLQNGHVLQLESASDKAHYILSKDGNRNNWYIGR
GSDNNNDCTFHSYVHGTTLTLKQDYAVVNKHFHVGQAVVATDGNIQGTKWGGKWLDAYLRDSFVAKSKAWTQVWSGSAGG
GVSVTVSQDLRFRNIWIKCANNSWNFFRTGPDGIYFIASDGGWLRFQIHSNGLGFKNIADSRSVPNAIMVENE
;
_entity_poly.pdbx_strand_id   a,b,c,d,e,f,g,h,i,j,k,l,m,n,o,p,q,r
#
# COMPACT_ATOMS: atom_id res chain seq x y z
N ASN A 3 -58.61 1.40 42.46
CA ASN A 3 -57.79 0.39 41.81
C ASN A 3 -56.49 0.98 41.27
N VAL A 4 -55.34 0.48 41.73
CA VAL A 4 -55.20 -0.47 42.82
C VAL A 4 -54.29 0.26 43.81
N ILE A 5 -54.39 -0.05 45.10
CA ILE A 5 -53.60 0.63 46.11
C ILE A 5 -52.13 0.31 45.94
N LYS A 6 -51.31 1.35 45.79
CA LYS A 6 -49.90 1.20 45.48
C LYS A 6 -48.98 1.56 46.62
N THR A 7 -49.44 2.34 47.59
CA THR A 7 -48.53 2.84 48.61
C THR A 7 -49.01 2.58 50.03
N VAL A 8 -50.19 2.00 50.21
CA VAL A 8 -50.57 1.38 51.47
C VAL A 8 -50.49 -0.12 51.24
N LEU A 9 -49.92 -0.86 52.18
CA LEU A 9 -49.81 -2.30 51.99
C LEU A 9 -49.81 -3.00 53.33
N THR A 10 -50.48 -4.15 53.36
CA THR A 10 -50.74 -4.90 54.58
C THR A 10 -50.18 -6.31 54.40
N TYR A 11 -49.01 -6.56 54.95
CA TYR A 11 -48.46 -7.91 54.87
C TYR A 11 -49.02 -8.76 56.00
N GLN A 12 -49.17 -10.05 55.71
CA GLN A 12 -49.51 -11.02 56.75
C GLN A 12 -48.32 -11.14 57.68
N LEU A 13 -48.55 -10.88 58.96
CA LEU A 13 -47.47 -10.81 59.92
C LEU A 13 -46.88 -12.19 60.19
N ASP A 14 -47.75 -13.19 60.36
CA ASP A 14 -47.42 -14.61 60.17
C ASP A 14 -46.35 -15.11 61.14
N GLY A 15 -46.69 -15.07 62.42
CA GLY A 15 -45.81 -15.61 63.45
C GLY A 15 -44.54 -14.79 63.58
N SER A 16 -43.42 -15.52 63.65
CA SER A 16 -42.11 -14.88 63.72
C SER A 16 -41.55 -14.73 62.31
N ASN A 17 -41.81 -13.58 61.70
CA ASN A 17 -41.12 -13.13 60.49
C ASN A 17 -40.65 -11.71 60.75
N ARG A 18 -39.35 -11.49 60.61
CA ARG A 18 -38.75 -10.25 61.09
C ARG A 18 -38.69 -9.18 60.00
N ASP A 19 -38.88 -9.56 58.75
CA ASP A 19 -38.26 -8.83 57.65
C ASP A 19 -39.16 -8.78 56.43
N PHE A 20 -39.60 -7.55 56.08
CA PHE A 20 -40.57 -7.32 55.02
C PHE A 20 -40.01 -6.29 54.02
N ASN A 21 -40.55 -6.28 52.79
CA ASN A 21 -40.04 -5.39 51.74
C ASN A 21 -40.99 -4.22 51.48
N ILE A 22 -40.45 -3.09 51.03
CA ILE A 22 -41.29 -1.92 50.76
C ILE A 22 -41.14 -1.53 49.28
N PRO A 23 -42.16 -1.78 48.45
CA PRO A 23 -41.99 -1.60 47.00
C PRO A 23 -42.15 -0.20 46.47
N PHE A 24 -43.00 0.63 47.06
CA PHE A 24 -43.23 1.97 46.54
C PHE A 24 -42.02 2.86 46.75
N GLU A 25 -42.03 4.03 46.10
CA GLU A 25 -40.84 4.88 46.02
C GLU A 25 -40.91 6.02 47.04
N TYR A 26 -40.84 5.64 48.31
CA TYR A 26 -40.83 6.57 49.44
C TYR A 26 -39.66 7.57 49.32
N LEU A 27 -39.97 8.85 49.53
CA LEU A 27 -38.91 9.82 49.25
C LEU A 27 -37.91 9.90 50.39
N ALA A 28 -38.35 9.94 51.65
CA ALA A 28 -37.39 9.97 52.74
C ALA A 28 -37.76 8.89 53.73
N ARG A 29 -36.81 8.61 54.63
CA ARG A 29 -36.96 7.54 55.62
C ARG A 29 -38.21 7.72 56.46
N LYS A 30 -38.43 8.94 56.94
CA LYS A 30 -39.52 9.22 57.86
C LYS A 30 -40.87 9.31 57.16
N PHE A 31 -40.92 9.18 55.83
CA PHE A 31 -42.19 9.21 55.15
C PHE A 31 -42.91 7.88 55.18
N VAL A 32 -42.22 6.79 55.49
CA VAL A 32 -42.85 5.50 55.72
C VAL A 32 -43.25 5.43 57.17
N VAL A 33 -44.53 5.34 57.44
CA VAL A 33 -44.98 4.93 58.75
C VAL A 33 -45.43 3.48 58.65
N VAL A 34 -44.91 2.67 59.57
CA VAL A 34 -45.29 1.28 59.70
C VAL A 34 -46.23 1.24 60.89
N THR A 35 -47.30 0.45 60.79
CA THR A 35 -48.16 0.24 61.95
C THR A 35 -48.49 -1.23 62.09
N LEU A 36 -49.05 -1.57 63.24
CA LEU A 36 -49.38 -2.93 63.60
C LEU A 36 -50.89 -3.04 63.71
N ILE A 37 -51.46 -4.09 63.14
CA ILE A 37 -52.91 -4.24 63.13
C ILE A 37 -53.27 -5.49 63.92
N GLY A 38 -54.36 -5.42 64.67
CA GLY A 38 -55.05 -6.65 65.00
C GLY A 38 -55.85 -6.70 66.28
N VAL A 39 -55.46 -5.88 67.26
CA VAL A 39 -56.40 -5.36 68.24
C VAL A 39 -56.20 -3.84 68.23
N ASP A 40 -54.99 -3.40 67.95
CA ASP A 40 -54.62 -2.00 68.07
C ASP A 40 -54.13 -1.43 66.75
N ARG A 41 -53.62 -0.21 66.85
CA ARG A 41 -53.03 0.57 65.77
C ARG A 41 -51.64 1.06 66.20
N LYS A 42 -50.80 0.14 66.63
CA LYS A 42 -49.53 0.51 67.25
C LYS A 42 -48.55 1.06 66.21
N VAL A 43 -48.02 2.25 66.51
CA VAL A 43 -47.00 2.87 65.70
C VAL A 43 -45.68 2.66 66.43
N LEU A 44 -44.63 2.43 65.64
CA LEU A 44 -43.35 1.98 66.13
C LEU A 44 -42.27 2.85 65.49
N THR A 45 -41.36 3.36 66.33
CA THR A 45 -40.42 4.38 65.93
C THR A 45 -39.16 3.74 65.35
N ILE A 46 -38.42 4.49 64.55
CA ILE A 46 -37.47 3.88 63.63
C ILE A 46 -36.22 3.40 64.36
N ASN A 47 -35.41 4.33 64.86
CA ASN A 47 -33.98 4.07 65.06
C ASN A 47 -33.73 3.06 66.18
N THR A 48 -34.70 2.85 67.05
CA THR A 48 -34.64 1.82 68.07
C THR A 48 -35.35 0.54 67.66
N ASP A 49 -36.64 0.65 67.32
CA ASP A 49 -37.49 -0.54 67.28
C ASP A 49 -37.30 -1.33 65.98
N TYR A 50 -36.99 -0.66 64.88
CA TYR A 50 -36.72 -1.40 63.64
C TYR A 50 -35.73 -0.67 62.77
N ARG A 51 -34.68 -1.37 62.37
CA ARG A 51 -33.88 -0.77 61.33
C ARG A 51 -34.61 -0.85 60.01
N PHE A 52 -34.44 0.19 59.21
CA PHE A 52 -34.41 0.00 57.77
C PHE A 52 -33.29 -1.00 57.56
N ALA A 53 -33.65 -2.19 57.10
CA ALA A 53 -32.64 -3.19 56.79
C ALA A 53 -31.70 -2.69 55.72
N THR A 54 -32.26 -2.35 54.58
CA THR A 54 -31.54 -1.92 53.40
C THR A 54 -32.31 -0.74 52.82
N ARG A 55 -32.04 -0.49 51.54
CA ARG A 55 -32.78 0.46 50.75
C ARG A 55 -34.27 0.18 50.74
N THR A 56 -34.67 -1.09 50.70
CA THR A 56 -36.07 -1.39 50.43
C THR A 56 -36.70 -2.37 51.41
N THR A 57 -36.09 -2.57 52.57
CA THR A 57 -36.49 -3.66 53.44
C THR A 57 -36.51 -3.16 54.88
N ILE A 58 -37.54 -3.60 55.63
CA ILE A 58 -37.73 -3.13 57.02
C ILE A 58 -37.46 -4.33 57.94
N SER A 59 -36.23 -4.36 58.47
CA SER A 59 -35.86 -5.39 59.46
C SER A 59 -36.48 -5.00 60.78
N LEU A 60 -37.64 -5.56 61.05
CA LEU A 60 -38.37 -5.25 62.28
C LEU A 60 -37.88 -6.11 63.41
N THR A 61 -37.58 -5.48 64.54
CA THR A 61 -36.94 -6.15 65.68
C THR A 61 -37.74 -5.91 66.94
N LYS A 62 -38.55 -6.88 67.38
CA LYS A 62 -38.63 -8.21 66.80
C LYS A 62 -39.98 -8.89 66.84
N ALA A 63 -40.16 -9.75 65.84
CA ALA A 63 -40.96 -10.99 65.88
C ALA A 63 -42.28 -10.87 66.64
N TRP A 64 -43.10 -9.91 66.24
CA TRP A 64 -44.40 -9.72 66.87
C TRP A 64 -45.36 -10.80 66.41
N GLY A 65 -46.45 -10.98 67.17
CA GLY A 65 -47.69 -11.56 66.73
C GLY A 65 -47.71 -12.99 66.24
N PRO A 66 -48.89 -13.50 65.86
CA PRO A 66 -50.20 -12.84 66.06
C PRO A 66 -50.70 -13.03 67.48
N ALA A 67 -50.39 -14.16 68.09
CA ALA A 67 -50.65 -14.32 69.51
C ALA A 67 -49.54 -13.63 70.28
N ASP A 68 -49.94 -12.81 71.26
CA ASP A 68 -49.39 -11.59 71.88
C ASP A 68 -49.75 -10.35 71.05
N GLY A 69 -50.70 -10.47 70.12
CA GLY A 69 -51.60 -9.37 69.84
C GLY A 69 -51.90 -8.89 68.43
N TYR A 70 -50.90 -8.79 67.57
CA TYR A 70 -51.07 -8.04 66.33
C TYR A 70 -51.09 -8.98 65.13
N THR A 71 -52.05 -8.79 64.22
CA THR A 71 -52.26 -9.82 63.20
C THR A 71 -51.53 -9.51 61.89
N THR A 72 -51.35 -8.23 61.53
CA THR A 72 -50.75 -7.87 60.24
C THR A 72 -49.93 -6.60 60.42
N ILE A 73 -48.62 -6.69 60.14
CA ILE A 73 -47.83 -5.48 59.95
C ILE A 73 -48.25 -4.82 58.65
N GLU A 74 -48.63 -3.55 58.74
CA GLU A 74 -48.88 -2.79 57.52
C GLU A 74 -48.04 -1.54 57.54
N LEU A 75 -47.69 -1.06 56.37
CA LEU A 75 -46.98 0.20 56.27
C LEU A 75 -47.56 1.00 55.13
N ARG A 76 -47.48 2.31 55.25
CA ARG A 76 -47.92 3.22 54.23
C ARG A 76 -46.94 4.37 54.18
N ARG A 77 -46.97 5.09 53.07
CA ARG A 77 -46.24 6.32 52.94
C ARG A 77 -47.10 7.42 53.55
N VAL A 78 -46.47 8.35 54.24
CA VAL A 78 -47.08 9.62 54.59
C VAL A 78 -46.08 10.70 54.22
N THR A 79 -46.31 11.35 53.09
CA THR A 79 -45.49 12.47 52.66
C THR A 79 -46.06 13.74 53.27
N SER A 80 -45.19 14.54 53.86
CA SER A 80 -45.61 15.83 54.39
C SER A 80 -46.02 16.74 53.25
N THR A 81 -47.28 17.19 53.28
CA THR A 81 -47.80 18.02 52.20
C THR A 81 -47.56 19.50 52.47
N THR A 82 -47.15 19.83 53.70
CA THR A 82 -46.80 21.21 54.00
C THR A 82 -45.32 21.45 53.80
N ASP A 83 -44.49 20.72 54.56
CA ASP A 83 -43.04 20.88 54.52
C ASP A 83 -42.54 20.33 53.20
N ARG A 84 -42.35 21.24 52.25
CA ARG A 84 -41.72 20.86 51.01
C ARG A 84 -40.23 20.63 51.23
N LEU A 85 -39.60 19.95 50.28
CA LEU A 85 -38.32 19.34 50.60
C LEU A 85 -37.16 20.07 49.95
N VAL A 86 -37.37 20.66 48.78
CA VAL A 86 -36.43 21.65 48.28
C VAL A 86 -37.24 22.84 47.79
N ASP A 87 -36.88 24.03 48.25
CA ASP A 87 -37.64 25.22 47.98
C ASP A 87 -36.74 26.18 47.21
N PHE A 88 -37.23 26.72 46.11
CA PHE A 88 -36.35 27.49 45.25
C PHE A 88 -36.32 28.96 45.64
N THR A 89 -35.12 29.45 45.89
CA THR A 89 -34.86 30.87 46.07
C THR A 89 -34.05 31.32 44.87
N ASP A 90 -33.85 32.64 44.77
CA ASP A 90 -33.09 33.20 43.66
C ASP A 90 -31.64 32.74 43.74
N GLY A 91 -31.00 32.69 42.57
CA GLY A 91 -30.03 31.64 42.28
C GLY A 91 -28.80 31.67 43.18
N SER A 92 -28.44 30.52 43.79
CA SER A 92 -29.06 29.15 43.92
C SER A 92 -29.49 28.41 42.63
N ILE A 93 -28.47 27.97 41.89
CA ILE A 93 -28.64 27.44 40.55
C ILE A 93 -29.56 26.21 40.56
N LEU A 94 -30.33 26.06 39.48
CA LEU A 94 -31.18 24.90 39.33
C LEU A 94 -30.33 23.66 39.10
N ARG A 95 -30.57 22.64 39.91
CA ARG A 95 -29.84 21.40 39.74
C ARG A 95 -30.82 20.37 39.20
N ALA A 96 -30.27 19.31 38.61
CA ALA A 96 -31.09 18.19 38.21
C ALA A 96 -31.72 17.52 39.42
N TYR A 97 -30.96 17.43 40.52
CA TYR A 97 -31.48 16.86 41.75
C TYR A 97 -32.57 17.73 42.34
N ASP A 98 -32.40 19.05 42.26
CA ASP A 98 -33.34 19.97 42.90
C ASP A 98 -34.69 19.96 42.19
N LEU A 99 -34.70 20.02 40.87
CA LEU A 99 -35.97 20.03 40.14
C LEU A 99 -36.66 18.69 40.21
N ASN A 100 -35.89 17.60 40.26
CA ASN A 100 -36.52 16.29 40.30
C ASN A 100 -37.21 16.06 41.64
N VAL A 101 -36.47 16.13 42.76
CA VAL A 101 -37.00 15.92 44.11
C VAL A 101 -38.21 16.80 44.39
N ALA A 102 -38.18 18.03 43.87
CA ALA A 102 -39.35 18.91 43.93
C ALA A 102 -40.52 18.34 43.13
N GLN A 103 -40.24 17.79 41.95
CA GLN A 103 -41.30 17.16 41.17
C GLN A 103 -41.63 15.77 41.72
N ILE A 104 -40.63 15.07 42.29
CA ILE A 104 -40.88 13.77 42.92
C ILE A 104 -41.87 13.92 44.06
N GLN A 105 -41.68 14.94 44.89
CA GLN A 105 -42.46 15.10 46.11
C GLN A 105 -43.91 15.41 45.80
N THR A 106 -44.16 16.31 44.87
CA THR A 106 -45.54 16.64 44.53
C THR A 106 -46.18 15.55 43.68
N MET A 107 -45.37 14.67 43.12
CA MET A 107 -45.92 13.49 42.48
C MET A 107 -46.44 12.51 43.52
N HIS A 108 -45.78 12.46 44.68
CA HIS A 108 -46.24 11.58 45.74
C HIS A 108 -47.51 12.09 46.37
N VAL A 109 -47.57 13.40 46.65
CA VAL A 109 -48.66 13.98 47.43
C VAL A 109 -49.98 13.83 46.68
N ALA A 110 -49.93 13.98 45.36
CA ALA A 110 -51.11 13.71 44.55
C ALA A 110 -51.40 12.21 44.49
N GLU A 111 -50.36 11.39 44.50
CA GLU A 111 -50.58 9.94 44.49
C GLU A 111 -51.01 9.44 45.86
N GLU A 112 -50.38 9.94 46.92
CA GLU A 112 -50.76 9.59 48.29
C GLU A 112 -52.19 10.01 48.57
N ALA A 113 -52.64 11.12 47.98
CA ALA A 113 -54.04 11.50 48.06
C ALA A 113 -54.92 10.47 47.39
N ARG A 114 -54.71 10.23 46.09
CA ARG A 114 -55.54 9.30 45.30
C ARG A 114 -55.53 7.89 45.88
N ASP A 115 -54.41 7.49 46.47
CA ASP A 115 -54.33 6.19 47.10
C ASP A 115 -55.15 6.14 48.38
N LEU A 116 -55.08 7.21 49.18
CA LEU A 116 -55.78 7.27 50.47
C LEU A 116 -57.30 7.22 50.26
N THR A 117 -57.75 7.66 49.09
CA THR A 117 -59.18 7.76 48.85
C THR A 117 -59.81 6.40 48.62
N THR A 118 -59.08 5.45 48.03
CA THR A 118 -59.57 4.08 48.01
C THR A 118 -59.41 3.44 49.37
N ASP A 119 -58.43 3.91 50.15
CA ASP A 119 -57.97 3.19 51.34
C ASP A 119 -59.01 3.19 52.46
N THR A 120 -59.91 4.17 52.46
CA THR A 120 -60.86 4.31 53.55
C THR A 120 -61.98 3.28 53.46
N ILE A 121 -62.82 3.38 52.43
CA ILE A 121 -63.75 2.34 52.05
C ILE A 121 -63.92 2.45 50.54
N GLY A 122 -63.75 1.34 49.83
CA GLY A 122 -63.63 1.41 48.39
C GLY A 122 -63.67 0.05 47.74
N VAL A 123 -63.77 0.06 46.42
CA VAL A 123 -64.01 -1.16 45.67
C VAL A 123 -62.77 -2.05 45.68
N ASN A 124 -62.97 -3.29 46.14
CA ASN A 124 -61.96 -4.34 46.11
C ASN A 124 -62.02 -4.98 44.73
N ASN A 125 -60.87 -5.41 44.22
CA ASN A 125 -60.71 -5.79 42.83
C ASN A 125 -61.31 -7.15 42.46
N LEU A 129 -66.78 -4.66 45.49
CA LEU A 129 -67.15 -4.88 46.89
C LEU A 129 -66.23 -4.08 47.80
N ASP A 130 -66.74 -3.66 48.95
CA ASP A 130 -66.05 -2.66 49.77
C ASP A 130 -65.26 -3.31 50.89
N ALA A 131 -64.18 -2.65 51.29
CA ALA A 131 -63.12 -3.30 52.04
C ALA A 131 -62.42 -2.28 52.94
N ARG A 132 -62.06 -2.74 54.16
CA ARG A 132 -60.73 -2.65 54.79
C ARG A 132 -60.93 -3.18 56.22
N GLY A 133 -59.86 -3.52 56.94
CA GLY A 133 -59.93 -4.02 58.29
C GLY A 133 -60.23 -3.03 59.39
N ARG A 134 -60.93 -1.94 59.11
CA ARG A 134 -61.29 -0.98 60.15
C ARG A 134 -62.56 -1.43 60.86
N ARG A 135 -62.97 -0.64 61.85
CA ARG A 135 -64.02 -1.07 62.75
C ARG A 135 -65.41 -0.66 62.25
N ILE A 136 -65.48 0.23 61.25
CA ILE A 136 -66.65 0.98 60.76
C ILE A 136 -67.57 1.44 61.89
N VAL A 137 -67.10 2.35 62.74
CA VAL A 137 -67.40 2.51 64.17
C VAL A 137 -68.88 2.49 64.55
N ASN A 138 -69.68 3.44 64.05
CA ASN A 138 -71.11 3.44 64.37
C ASN A 138 -71.95 3.75 63.14
N LEU A 139 -73.08 3.04 63.02
CA LEU A 139 -74.14 3.33 62.07
C LEU A 139 -75.51 3.36 62.76
N ALA A 140 -75.59 2.80 63.97
CA ALA A 140 -76.57 3.08 65.01
C ALA A 140 -77.99 2.52 64.82
N ASN A 141 -78.29 1.88 63.68
CA ASN A 141 -79.60 1.25 63.59
C ASN A 141 -79.55 0.02 62.69
N ALA A 142 -80.26 -1.02 63.12
CA ALA A 142 -80.52 -2.22 62.34
C ALA A 142 -81.95 -2.15 61.82
N VAL A 143 -82.08 -2.09 60.49
CA VAL A 143 -83.40 -2.05 59.87
C VAL A 143 -83.63 -3.30 59.02
N ILE B 5 -63.29 16.52 35.52
CA ILE B 5 -64.56 16.61 34.81
C ILE B 5 -64.42 16.05 33.38
N LYS B 6 -64.70 14.77 33.19
CA LYS B 6 -64.70 13.75 34.22
C LYS B 6 -63.88 12.60 33.65
N THR B 7 -62.94 12.09 34.44
CA THR B 7 -62.08 11.02 33.95
C THR B 7 -62.84 9.73 33.76
N VAL B 8 -63.33 9.18 34.86
CA VAL B 8 -64.06 7.92 34.86
C VAL B 8 -65.43 8.19 34.28
N LEU B 9 -65.80 7.42 33.29
CA LEU B 9 -67.18 7.27 32.88
C LEU B 9 -67.47 5.79 32.71
N THR B 10 -68.74 5.50 32.47
CA THR B 10 -69.17 4.30 31.80
C THR B 10 -70.10 4.75 30.71
N TYR B 11 -69.97 4.13 29.56
CA TYR B 11 -70.89 4.32 28.45
C TYR B 11 -72.09 3.41 28.66
N GLN B 12 -72.83 3.21 27.59
CA GLN B 12 -73.73 2.07 27.47
C GLN B 12 -73.32 1.32 26.21
N LEU B 13 -73.17 0.01 26.32
CA LEU B 13 -72.83 -0.81 25.17
C LEU B 13 -73.92 -1.83 24.91
N ASP B 14 -74.27 -1.97 23.64
CA ASP B 14 -74.95 -3.12 23.11
C ASP B 14 -74.18 -3.54 21.86
N GLY B 15 -74.34 -4.79 21.47
CA GLY B 15 -73.55 -5.34 20.38
C GLY B 15 -73.78 -4.63 19.06
N SER B 16 -72.76 -4.72 18.19
CA SER B 16 -72.55 -4.05 16.90
C SER B 16 -72.20 -2.57 17.05
N ASN B 17 -72.16 -2.02 18.26
CA ASN B 17 -71.60 -0.70 18.51
C ASN B 17 -70.21 -0.90 19.10
N ARG B 18 -69.23 -0.21 18.53
CA ARG B 18 -67.83 -0.46 18.87
C ARG B 18 -66.98 0.80 18.93
N ASP B 19 -67.57 1.98 18.80
CA ASP B 19 -66.78 3.20 18.66
C ASP B 19 -67.18 4.23 19.71
N PHE B 20 -66.33 4.40 20.72
CA PHE B 20 -66.64 5.16 21.93
C PHE B 20 -65.54 6.19 22.15
N ASN B 21 -65.92 7.40 22.55
CA ASN B 21 -64.96 8.49 22.56
C ASN B 21 -64.46 8.82 23.96
N ILE B 22 -63.32 9.51 24.04
CA ILE B 22 -62.79 9.93 25.33
C ILE B 22 -63.01 11.43 25.51
N PRO B 23 -63.56 11.87 26.65
CA PRO B 23 -63.74 13.31 26.85
C PRO B 23 -62.49 14.01 27.35
N PHE B 24 -61.67 13.35 28.16
CA PHE B 24 -60.48 13.98 28.72
C PHE B 24 -59.38 14.10 27.68
N GLU B 25 -58.20 14.51 28.14
CA GLU B 25 -56.98 14.42 27.34
C GLU B 25 -56.01 13.51 28.07
N TYR B 26 -55.34 12.63 27.33
CA TYR B 26 -54.89 11.39 27.94
C TYR B 26 -53.42 11.47 28.34
N LEU B 27 -52.61 12.21 27.58
CA LEU B 27 -51.21 12.59 27.73
C LEU B 27 -50.23 11.44 27.42
N ALA B 28 -50.66 10.18 27.40
CA ALA B 28 -49.81 9.08 26.95
C ALA B 28 -50.70 7.89 26.63
N ARG B 29 -50.30 7.18 25.57
CA ARG B 29 -51.10 6.15 24.90
C ARG B 29 -51.59 5.06 25.86
N LYS B 30 -50.79 4.74 26.88
CA LYS B 30 -51.12 3.68 27.80
C LYS B 30 -51.95 4.15 28.99
N PHE B 31 -52.15 5.47 29.14
CA PHE B 31 -52.75 5.96 30.38
C PHE B 31 -54.24 5.68 30.42
N VAL B 32 -54.88 5.51 29.27
CA VAL B 32 -56.23 5.00 29.24
C VAL B 32 -56.20 3.52 29.53
N VAL B 33 -56.99 3.07 30.49
CA VAL B 33 -57.24 1.64 30.66
C VAL B 33 -58.74 1.41 30.44
N VAL B 34 -59.08 0.40 29.67
CA VAL B 34 -60.43 0.18 29.18
C VAL B 34 -60.91 -1.15 29.72
N THR B 35 -61.91 -1.10 30.60
CA THR B 35 -62.43 -2.30 31.24
C THR B 35 -63.92 -2.40 31.02
N LEU B 36 -64.32 -3.47 30.32
CA LEU B 36 -65.72 -3.89 30.33
C LEU B 36 -66.01 -4.30 31.76
N ILE B 37 -66.78 -3.48 32.48
CA ILE B 37 -67.06 -3.77 33.89
C ILE B 37 -67.97 -5.00 34.00
N GLY B 38 -68.79 -5.22 32.97
CA GLY B 38 -69.50 -6.46 32.76
C GLY B 38 -70.40 -6.87 33.89
N VAL B 39 -70.66 -8.17 33.96
CA VAL B 39 -70.89 -8.77 35.27
C VAL B 39 -69.60 -8.74 36.07
N ASP B 40 -68.46 -9.00 35.42
CA ASP B 40 -67.19 -9.15 36.11
C ASP B 40 -66.12 -8.30 35.43
N ARG B 41 -65.14 -7.89 36.23
CA ARG B 41 -64.10 -7.00 35.75
C ARG B 41 -63.17 -7.69 34.77
N LYS B 42 -62.93 -7.03 33.65
CA LYS B 42 -62.08 -7.58 32.61
C LYS B 42 -61.33 -6.42 31.98
N VAL B 43 -60.01 -6.49 32.04
CA VAL B 43 -59.14 -5.46 31.49
C VAL B 43 -58.83 -5.84 30.04
N LEU B 44 -58.83 -4.85 29.16
CA LEU B 44 -58.69 -5.07 27.72
C LEU B 44 -57.32 -4.56 27.26
N THR B 45 -56.82 -5.09 26.14
CA THR B 45 -55.39 -5.01 25.85
C THR B 45 -55.10 -4.24 24.56
N ILE B 46 -54.07 -3.37 24.66
CA ILE B 46 -53.91 -2.13 23.87
C ILE B 46 -54.03 -2.35 22.35
N ASN B 47 -53.75 -3.55 21.87
CA ASN B 47 -53.87 -3.82 20.44
C ASN B 47 -54.86 -4.92 20.09
N THR B 48 -55.05 -5.93 20.97
CA THR B 48 -55.88 -7.09 20.65
C THR B 48 -57.31 -6.71 20.34
N ASP B 49 -57.86 -5.79 21.12
CA ASP B 49 -59.30 -5.70 21.25
C ASP B 49 -59.84 -4.28 21.09
N TYR B 50 -59.15 -3.27 21.63
CA TYR B 50 -59.48 -1.88 21.33
C TYR B 50 -58.30 -1.17 20.70
N ARG B 51 -58.53 -0.45 19.62
CA ARG B 51 -57.52 0.45 19.06
C ARG B 51 -58.07 1.87 19.11
N PHE B 52 -57.19 2.83 19.38
CA PHE B 52 -57.61 4.22 19.34
C PHE B 52 -57.81 4.61 17.88
N ALA B 53 -59.05 4.90 17.51
CA ALA B 53 -59.38 5.11 16.11
C ALA B 53 -58.91 6.46 15.59
N THR B 54 -59.08 7.54 16.36
CA THR B 54 -58.75 8.87 15.86
C THR B 54 -58.08 9.76 16.90
N ARG B 55 -57.41 9.16 17.89
CA ARG B 55 -56.77 9.72 19.11
C ARG B 55 -57.82 10.10 20.15
N THR B 56 -59.09 10.14 19.77
CA THR B 56 -60.12 10.47 20.75
C THR B 56 -61.30 9.54 20.76
N THR B 57 -61.40 8.55 19.86
CA THR B 57 -62.42 7.52 19.96
C THR B 57 -61.75 6.17 20.05
N ILE B 58 -62.21 5.33 20.98
CA ILE B 58 -61.65 3.98 21.11
C ILE B 58 -62.53 3.07 20.25
N SER B 59 -61.96 2.54 19.19
CA SER B 59 -62.65 1.51 18.42
C SER B 59 -62.55 0.20 19.18
N LEU B 60 -63.41 -0.76 18.82
CA LEU B 60 -63.37 -2.08 19.42
C LEU B 60 -63.40 -3.12 18.32
N THR B 61 -62.45 -4.06 18.36
CA THR B 61 -62.35 -5.04 17.28
C THR B 61 -63.47 -6.07 17.36
N LYS B 62 -64.05 -6.25 18.54
CA LYS B 62 -64.82 -7.44 18.83
C LYS B 62 -66.28 -7.13 19.19
N ALA B 63 -66.61 -5.85 19.35
CA ALA B 63 -67.99 -5.35 19.43
C ALA B 63 -68.83 -6.06 20.48
N TRP B 64 -68.39 -5.97 21.72
CA TRP B 64 -68.99 -6.76 22.78
C TRP B 64 -70.40 -6.28 23.08
N GLY B 65 -71.23 -7.22 23.48
CA GLY B 65 -72.59 -6.93 23.81
C GLY B 65 -72.89 -7.43 25.21
N PRO B 66 -74.13 -7.24 25.65
CA PRO B 66 -74.54 -7.83 26.93
C PRO B 66 -74.70 -9.33 26.87
N ALA B 67 -74.76 -9.91 25.66
CA ALA B 67 -75.21 -11.28 25.52
C ALA B 67 -74.11 -12.29 25.84
N ASP B 68 -72.85 -11.92 25.61
CA ASP B 68 -71.78 -12.74 26.15
C ASP B 68 -71.42 -12.33 27.58
N GLY B 69 -72.23 -11.47 28.20
CA GLY B 69 -72.24 -11.29 29.62
C GLY B 69 -71.82 -9.93 30.13
N TYR B 70 -71.46 -8.99 29.25
CA TYR B 70 -70.69 -7.84 29.66
C TYR B 70 -71.41 -6.53 29.34
N THR B 71 -71.71 -5.76 30.37
CA THR B 71 -72.01 -4.32 30.34
C THR B 71 -71.38 -3.71 31.59
N THR B 72 -70.50 -2.72 31.43
CA THR B 72 -70.23 -1.90 30.26
C THR B 72 -68.73 -1.54 30.34
N ILE B 73 -68.16 -0.96 29.28
CA ILE B 73 -66.85 -0.32 29.33
C ILE B 73 -66.80 0.77 30.37
N GLU B 74 -65.82 0.68 31.26
CA GLU B 74 -65.42 1.79 32.11
C GLU B 74 -64.00 2.16 31.72
N LEU B 75 -63.81 3.40 31.26
CA LEU B 75 -62.47 3.86 30.86
C LEU B 75 -62.06 4.98 31.81
N ARG B 76 -61.09 4.68 32.66
CA ARG B 76 -60.49 5.71 33.47
C ARG B 76 -59.15 6.09 32.86
N ARG B 77 -58.57 7.16 33.38
CA ARG B 77 -57.23 7.54 32.99
C ARG B 77 -56.31 7.28 34.20
N VAL B 78 -55.86 6.03 34.30
CA VAL B 78 -54.93 5.71 35.36
C VAL B 78 -53.57 6.29 34.97
N THR B 79 -53.02 7.11 35.84
CA THR B 79 -51.75 7.73 35.60
C THR B 79 -50.78 7.26 36.66
N SER B 80 -49.74 6.58 36.21
CA SER B 80 -48.78 5.92 37.08
C SER B 80 -47.97 6.94 37.87
N THR B 81 -47.57 6.56 39.09
CA THR B 81 -46.66 7.40 39.83
C THR B 81 -45.21 7.01 39.59
N THR B 82 -44.98 5.76 39.21
CA THR B 82 -43.60 5.30 39.04
C THR B 82 -43.08 5.63 37.66
N ASP B 83 -43.91 5.45 36.64
CA ASP B 83 -43.58 5.76 35.25
C ASP B 83 -43.75 7.27 35.01
N ARG B 84 -42.92 8.05 35.68
CA ARG B 84 -42.90 9.48 35.45
C ARG B 84 -42.29 9.76 34.09
N LEU B 85 -42.78 10.81 33.44
CA LEU B 85 -42.45 11.04 32.04
C LEU B 85 -41.32 12.05 31.90
N VAL B 86 -41.14 12.92 32.87
CA VAL B 86 -40.14 13.96 32.78
C VAL B 86 -39.05 13.69 33.80
N ASP B 87 -37.85 13.45 33.31
CA ASP B 87 -36.68 13.27 34.18
C ASP B 87 -35.64 14.31 33.79
N PHE B 88 -35.13 15.01 34.77
CA PHE B 88 -34.11 16.01 34.55
C PHE B 88 -32.76 15.41 34.92
N THR B 89 -31.95 15.17 33.92
CA THR B 89 -30.59 14.74 34.13
C THR B 89 -29.69 15.96 34.21
N ASP B 90 -28.40 15.72 34.44
CA ASP B 90 -27.42 16.79 34.30
C ASP B 90 -27.40 17.26 32.86
N GLY B 91 -27.40 18.57 32.68
CA GLY B 91 -27.81 19.25 31.46
C GLY B 91 -27.27 18.81 30.11
N SER B 92 -28.10 18.51 29.09
CA SER B 92 -29.57 18.37 28.99
C SER B 92 -30.44 19.56 29.42
N ILE B 93 -30.43 20.62 28.58
CA ILE B 93 -31.10 21.90 28.82
C ILE B 93 -32.53 21.71 29.29
N LEU B 94 -32.98 22.57 30.21
CA LEU B 94 -34.40 22.60 30.51
C LEU B 94 -35.03 23.44 29.43
N ARG B 95 -35.78 22.77 28.56
CA ARG B 95 -36.81 23.49 27.85
C ARG B 95 -37.92 23.80 28.84
N ALA B 96 -38.72 24.80 28.49
CA ALA B 96 -39.92 25.05 29.27
C ALA B 96 -40.89 23.89 29.13
N TYR B 97 -40.85 23.22 27.98
CA TYR B 97 -41.74 22.09 27.72
C TYR B 97 -41.49 20.94 28.69
N ASP B 98 -40.23 20.70 29.05
CA ASP B 98 -39.91 19.66 30.03
C ASP B 98 -40.54 19.96 31.38
N LEU B 99 -40.36 21.19 31.86
CA LEU B 99 -40.95 21.60 33.12
C LEU B 99 -42.46 21.68 33.02
N ASN B 100 -42.99 21.89 31.81
CA ASN B 100 -44.43 21.93 31.64
C ASN B 100 -45.06 20.56 31.87
N VAL B 101 -44.59 19.53 31.14
CA VAL B 101 -45.23 18.22 31.19
C VAL B 101 -45.04 17.56 32.57
N ALA B 102 -44.00 17.96 33.28
CA ALA B 102 -43.80 17.50 34.65
C ALA B 102 -44.90 18.03 35.58
N GLN B 103 -45.26 19.31 35.43
CA GLN B 103 -46.35 19.83 36.25
C GLN B 103 -47.70 19.53 35.61
N ILE B 104 -47.72 19.15 34.34
CA ILE B 104 -48.99 18.74 33.74
C ILE B 104 -49.42 17.39 34.27
N GLN B 105 -48.49 16.42 34.26
CA GLN B 105 -48.83 15.03 34.57
C GLN B 105 -49.16 14.85 36.04
N THR B 106 -48.57 15.67 36.91
CA THR B 106 -48.83 15.49 38.34
C THR B 106 -50.15 16.12 38.74
N MET B 107 -50.68 17.05 37.92
CA MET B 107 -52.05 17.51 38.14
C MET B 107 -53.03 16.45 37.69
N HIS B 108 -52.64 15.66 36.69
CA HIS B 108 -53.51 14.64 36.13
C HIS B 108 -53.80 13.54 37.14
N VAL B 109 -52.83 13.22 37.99
CA VAL B 109 -53.07 12.27 39.08
C VAL B 109 -53.99 12.89 40.12
N ALA B 110 -53.75 14.16 40.42
CA ALA B 110 -54.48 14.84 41.49
C ALA B 110 -55.94 15.02 41.14
N GLU B 111 -56.25 15.18 39.86
CA GLU B 111 -57.65 15.27 39.48
C GLU B 111 -58.29 13.90 39.41
N GLU B 112 -57.51 12.87 39.07
CA GLU B 112 -58.01 11.49 39.08
C GLU B 112 -58.45 11.09 40.49
N ALA B 113 -57.86 11.71 41.51
CA ALA B 113 -58.32 11.52 42.87
C ALA B 113 -59.70 12.11 43.08
N ARG B 114 -60.08 13.12 42.29
CA ARG B 114 -61.39 13.75 42.50
C ARG B 114 -62.48 13.09 41.69
N ASP B 115 -62.12 12.10 40.88
CA ASP B 115 -63.16 11.24 40.31
C ASP B 115 -63.04 9.83 40.86
N LEU B 116 -62.15 9.61 41.82
CA LEU B 116 -62.24 8.40 42.62
C LEU B 116 -63.36 8.54 43.63
N THR B 117 -63.64 9.79 44.06
CA THR B 117 -64.54 10.04 45.18
C THR B 117 -65.98 9.71 44.83
N THR B 118 -66.29 9.58 43.55
CA THR B 118 -67.65 9.28 43.16
C THR B 118 -67.89 7.78 43.09
N ASP B 119 -66.83 6.99 42.96
CA ASP B 119 -66.98 5.57 42.67
C ASP B 119 -66.75 4.69 43.89
N THR B 120 -66.58 5.29 45.07
CA THR B 120 -66.83 4.59 46.32
C THR B 120 -68.12 5.18 46.89
N ILE B 121 -68.50 4.73 48.08
CA ILE B 121 -69.88 4.41 48.47
C ILE B 121 -70.97 5.37 47.98
N GLY B 122 -70.80 6.68 48.16
CA GLY B 122 -71.88 7.62 47.96
C GLY B 122 -72.95 7.53 49.04
N VAL B 123 -73.48 8.67 49.44
CA VAL B 123 -74.63 8.71 50.31
C VAL B 123 -75.86 9.06 49.47
N ASN B 124 -76.94 8.31 49.67
CA ASN B 124 -78.15 8.61 48.93
C ASN B 124 -79.14 9.38 49.79
N ASN B 125 -79.00 9.26 51.11
CA ASN B 125 -79.93 9.78 52.14
C ASN B 125 -81.34 9.27 51.89
N LEU B 129 -75.54 1.86 51.79
CA LEU B 129 -75.69 3.06 50.98
C LEU B 129 -75.48 2.76 49.51
N ASP B 130 -75.06 1.53 49.21
CA ASP B 130 -74.71 1.15 47.85
C ASP B 130 -75.15 -0.30 47.63
N ALA B 131 -75.30 -0.67 46.37
CA ALA B 131 -75.79 -1.96 45.95
C ALA B 131 -74.69 -3.02 45.78
N ARG B 132 -73.60 -2.91 46.54
CA ARG B 132 -72.60 -3.98 46.52
C ARG B 132 -73.20 -5.25 47.10
N GLY B 133 -72.89 -6.38 46.47
CA GLY B 133 -73.34 -7.66 47.00
C GLY B 133 -72.71 -7.99 48.33
N ARG B 134 -71.47 -7.54 48.53
CA ARG B 134 -70.77 -7.76 49.78
C ARG B 134 -70.07 -6.49 50.23
N ARG B 135 -70.05 -6.31 51.53
CA ARG B 135 -68.96 -5.64 52.22
C ARG B 135 -68.26 -6.73 53.01
N ILE B 136 -66.95 -6.56 53.21
CA ILE B 136 -66.10 -7.61 53.75
C ILE B 136 -65.37 -7.05 54.97
N VAL B 137 -64.17 -7.54 55.20
CA VAL B 137 -63.42 -7.95 56.39
C VAL B 137 -63.57 -7.15 57.70
N ASN B 138 -64.59 -6.28 57.81
CA ASN B 138 -65.51 -6.04 59.00
C ASN B 138 -65.53 -4.59 59.43
N LYS C 6 -59.65 20.83 56.48
CA LYS C 6 -60.13 22.20 56.59
C LYS C 6 -60.01 22.93 55.25
N THR C 7 -59.96 22.18 54.15
CA THR C 7 -60.12 22.82 52.85
C THR C 7 -61.55 23.27 52.62
N VAL C 8 -62.50 22.66 53.31
CA VAL C 8 -63.90 23.05 53.31
C VAL C 8 -64.29 23.24 54.77
N LEU C 9 -65.02 24.32 55.06
CA LEU C 9 -65.60 24.54 56.37
C LEU C 9 -67.01 25.04 56.22
N THR C 10 -67.76 24.90 57.29
CA THR C 10 -69.16 25.29 57.33
C THR C 10 -69.32 26.46 58.28
N TYR C 11 -70.17 27.42 57.89
CA TYR C 11 -70.35 28.67 58.61
C TYR C 11 -71.82 28.98 58.66
N GLN C 12 -72.47 28.71 59.79
CA GLN C 12 -73.81 29.21 60.04
C GLN C 12 -73.71 30.33 61.06
N LEU C 13 -74.57 31.34 60.92
CA LEU C 13 -74.40 32.59 61.65
C LEU C 13 -75.72 33.36 61.69
N ASP C 14 -75.74 34.43 62.48
CA ASP C 14 -76.88 35.33 62.53
C ASP C 14 -76.93 36.25 61.31
N GLY C 15 -78.11 36.75 61.01
CA GLY C 15 -78.32 37.49 59.77
C GLY C 15 -77.70 38.87 59.80
N SER C 16 -77.55 39.40 58.58
CA SER C 16 -76.99 40.73 58.29
C SER C 16 -75.56 40.91 58.83
N ASN C 17 -74.84 39.80 58.95
CA ASN C 17 -73.42 39.81 59.25
C ASN C 17 -72.70 39.20 58.07
N ARG C 18 -71.53 39.76 57.75
CA ARG C 18 -70.91 39.43 56.48
C ARG C 18 -69.39 39.23 56.56
N ASP C 19 -68.76 39.60 57.68
CA ASP C 19 -67.30 39.59 57.77
C ASP C 19 -66.76 38.23 58.23
N PHE C 20 -66.89 37.22 57.35
CA PHE C 20 -66.28 35.92 57.59
C PHE C 20 -64.79 35.95 57.31
N ASN C 21 -64.02 35.33 58.18
CA ASN C 21 -62.60 35.04 57.92
C ASN C 21 -62.49 33.70 57.24
N ILE C 22 -61.56 33.56 56.31
CA ILE C 22 -61.26 32.30 55.66
C ILE C 22 -59.80 31.96 55.90
N PRO C 23 -59.50 30.83 56.53
CA PRO C 23 -58.36 30.06 56.07
C PRO C 23 -58.81 28.88 55.20
N PHE C 24 -58.24 28.81 54.00
CA PHE C 24 -57.43 27.63 53.76
C PHE C 24 -56.04 28.18 53.41
N GLU C 25 -55.86 28.68 52.19
CA GLU C 25 -55.36 29.94 51.67
C GLU C 25 -55.30 29.67 50.17
N TYR C 26 -55.62 30.65 49.34
CA TYR C 26 -55.88 30.33 47.93
C TYR C 26 -54.74 30.74 47.03
N LEU C 27 -54.97 30.54 45.72
CA LEU C 27 -54.03 30.99 44.70
C LEU C 27 -54.68 32.01 43.77
N ALA C 28 -55.89 31.72 43.30
CA ALA C 28 -56.68 32.65 42.50
C ALA C 28 -58.02 32.86 43.19
N ARG C 29 -58.57 34.06 43.03
CA ARG C 29 -59.73 34.48 43.81
C ARG C 29 -60.99 33.73 43.38
N LYS C 30 -61.02 33.24 42.15
CA LYS C 30 -62.14 32.45 41.66
C LYS C 30 -62.03 30.98 42.05
N PHE C 31 -61.06 30.61 42.88
CA PHE C 31 -61.00 29.24 43.36
C PHE C 31 -61.92 29.05 44.55
N VAL C 32 -62.06 30.09 45.36
CA VAL C 32 -63.05 30.07 46.43
C VAL C 32 -64.43 30.08 45.80
N VAL C 33 -65.13 28.96 45.92
CA VAL C 33 -66.55 28.92 45.60
C VAL C 33 -67.29 28.78 46.92
N VAL C 34 -68.41 29.48 47.02
CA VAL C 34 -69.09 29.66 48.29
C VAL C 34 -70.59 29.52 48.00
N THR C 35 -71.30 28.90 48.92
CA THR C 35 -72.58 28.29 48.58
C THR C 35 -73.67 28.69 49.57
N LEU C 36 -74.91 28.37 49.19
CA LEU C 36 -76.08 28.48 50.04
C LEU C 36 -76.69 27.08 50.08
N ILE C 37 -77.37 26.77 51.17
CA ILE C 37 -77.27 25.44 51.80
C ILE C 37 -78.69 24.91 52.04
N GLY C 38 -78.79 23.81 52.79
CA GLY C 38 -79.54 22.58 52.67
C GLY C 38 -80.93 22.61 52.07
N VAL C 39 -81.65 23.73 52.07
CA VAL C 39 -82.85 23.79 51.25
C VAL C 39 -82.48 23.78 49.77
N ASP C 40 -81.48 24.59 49.40
CA ASP C 40 -81.01 24.65 48.02
C ASP C 40 -79.50 24.50 47.97
N ARG C 41 -78.97 24.41 46.75
CA ARG C 41 -77.53 24.38 46.50
C ARG C 41 -77.06 25.65 45.82
N LYS C 42 -77.57 26.80 46.26
CA LYS C 42 -77.36 28.06 45.56
C LYS C 42 -75.91 28.52 45.60
N VAL C 43 -75.32 28.68 44.41
CA VAL C 43 -73.93 29.07 44.25
C VAL C 43 -73.92 30.50 43.73
N LEU C 44 -73.47 31.43 44.56
CA LEU C 44 -73.50 32.85 44.24
C LEU C 44 -72.16 33.28 43.64
N THR C 45 -72.22 34.29 42.78
CA THR C 45 -71.06 34.69 41.99
C THR C 45 -70.38 35.90 42.62
N ILE C 46 -69.22 36.23 42.09
CA ILE C 46 -68.31 37.16 42.75
C ILE C 46 -68.84 38.60 42.67
N ASN C 47 -69.07 39.11 41.47
CA ASN C 47 -69.24 40.56 41.36
C ASN C 47 -70.67 41.02 41.41
N THR C 48 -71.63 40.15 41.12
CA THR C 48 -72.99 40.42 41.58
C THR C 48 -73.02 40.47 43.10
N ASP C 49 -72.24 39.62 43.75
CA ASP C 49 -72.42 39.48 45.18
C ASP C 49 -71.18 39.80 46.02
N TYR C 50 -70.08 39.04 45.94
CA TYR C 50 -69.10 39.07 47.02
C TYR C 50 -67.70 39.42 46.51
N ARG C 51 -67.07 40.43 47.09
CA ARG C 51 -65.65 40.64 46.88
C ARG C 51 -64.88 39.95 48.01
N PHE C 52 -63.55 40.05 48.00
CA PHE C 52 -62.75 39.83 49.20
C PHE C 52 -62.14 41.18 49.57
N ALA C 53 -62.23 41.56 50.82
CA ALA C 53 -61.78 42.90 51.21
C ALA C 53 -60.34 42.89 51.68
N THR C 54 -60.00 42.09 52.69
CA THR C 54 -58.69 42.12 53.31
C THR C 54 -57.88 40.89 52.93
N ARG C 55 -58.14 40.33 51.73
CA ARG C 55 -57.53 39.15 51.08
C ARG C 55 -57.52 37.88 51.96
N THR C 56 -58.24 37.90 53.07
CA THR C 56 -58.44 36.75 53.93
C THR C 56 -59.87 36.71 54.43
N THR C 57 -60.67 37.72 54.11
CA THR C 57 -62.08 37.77 54.48
C THR C 57 -62.93 37.88 53.23
N ILE C 58 -64.13 37.33 53.31
CA ILE C 58 -65.04 37.37 52.17
C ILE C 58 -66.03 38.52 52.26
N SER C 59 -66.21 39.12 53.46
CA SER C 59 -66.85 40.43 53.67
C SER C 59 -68.21 40.54 52.99
N LEU C 60 -69.07 39.56 53.28
CA LEU C 60 -69.72 38.73 52.25
C LEU C 60 -70.25 39.54 51.08
N THR C 61 -71.51 39.91 51.13
CA THR C 61 -72.11 40.78 50.12
C THR C 61 -72.81 41.89 50.88
N LYS C 62 -73.87 41.43 51.54
CA LYS C 62 -74.74 41.97 52.57
C LYS C 62 -75.73 40.82 52.74
N ALA C 63 -76.73 40.99 53.58
CA ALA C 63 -77.15 40.10 54.68
C ALA C 63 -76.93 38.61 54.44
N TRP C 64 -77.55 37.98 53.43
CA TRP C 64 -78.39 36.79 53.64
C TRP C 64 -77.94 35.87 54.76
N GLY C 65 -78.86 35.64 55.69
CA GLY C 65 -78.71 34.69 56.76
C GLY C 65 -79.82 34.93 57.76
N PRO C 66 -80.31 33.88 58.42
CA PRO C 66 -80.38 32.50 57.92
C PRO C 66 -81.76 32.27 57.30
N ALA C 67 -82.54 33.35 57.26
CA ALA C 67 -84.01 33.24 57.30
C ALA C 67 -84.60 32.62 56.05
N ASP C 68 -83.98 32.80 54.90
CA ASP C 68 -84.58 32.31 53.65
C ASP C 68 -84.19 30.86 53.36
N GLY C 69 -84.35 29.99 54.36
CA GLY C 69 -83.98 28.60 54.25
C GLY C 69 -82.51 28.33 54.04
N TYR C 70 -81.65 29.26 54.44
CA TYR C 70 -80.24 29.25 54.08
C TYR C 70 -79.44 29.25 55.38
N THR C 71 -79.21 28.07 55.96
CA THR C 71 -78.68 27.92 57.32
C THR C 71 -77.38 27.11 57.40
N THR C 72 -76.20 27.71 57.18
CA THR C 72 -75.90 28.89 56.36
C THR C 72 -74.57 28.39 55.73
N ILE C 73 -73.71 29.34 55.33
CA ILE C 73 -72.73 29.23 54.25
C ILE C 73 -71.66 28.16 54.47
N GLU C 74 -71.30 27.45 53.39
CA GLU C 74 -70.19 26.49 53.36
C GLU C 74 -69.21 26.87 52.25
N LEU C 75 -68.25 27.75 52.54
CA LEU C 75 -67.28 28.14 51.54
C LEU C 75 -66.19 27.08 51.42
N ARG C 76 -65.57 27.01 50.25
CA ARG C 76 -64.65 25.92 49.97
C ARG C 76 -63.70 26.26 48.84
N ARG C 77 -62.53 25.64 48.88
CA ARG C 77 -61.62 25.60 47.75
C ARG C 77 -62.15 24.70 46.66
N VAL C 78 -62.17 25.19 45.43
CA VAL C 78 -62.11 24.36 44.23
C VAL C 78 -61.03 24.98 43.34
N THR C 79 -59.84 24.38 43.34
CA THR C 79 -58.82 24.74 42.36
C THR C 79 -59.14 24.08 41.03
N SER C 80 -59.05 24.83 39.95
CA SER C 80 -59.23 24.29 38.62
C SER C 80 -57.97 23.54 38.21
N THR C 81 -58.15 22.32 37.71
CA THR C 81 -57.02 21.51 37.26
C THR C 81 -56.68 21.72 35.80
N THR C 82 -57.51 22.44 35.06
CA THR C 82 -57.25 22.60 33.64
C THR C 82 -56.54 23.91 33.37
N ASP C 83 -57.07 25.00 33.91
CA ASP C 83 -56.45 26.31 33.79
C ASP C 83 -55.27 26.36 34.74
N ARG C 84 -54.11 25.98 34.23
CA ARG C 84 -52.87 26.18 34.97
C ARG C 84 -52.57 27.66 35.06
N LEU C 85 -52.22 28.12 36.25
CA LEU C 85 -51.98 29.55 36.45
C LEU C 85 -50.71 29.98 35.75
N VAL C 86 -49.69 29.15 35.81
CA VAL C 86 -48.46 29.46 35.11
C VAL C 86 -48.28 28.49 33.94
N ASP C 87 -47.98 29.05 32.78
CA ASP C 87 -47.40 28.32 31.68
C ASP C 87 -45.96 28.79 31.53
N PHE C 88 -45.02 27.86 31.67
CA PHE C 88 -43.63 28.19 31.44
C PHE C 88 -43.42 28.36 29.95
N THR C 89 -42.73 29.42 29.57
CA THR C 89 -42.36 29.64 28.18
C THR C 89 -40.83 29.74 28.08
N ASP C 90 -40.34 29.68 26.85
CA ASP C 90 -38.91 29.79 26.63
C ASP C 90 -38.45 31.21 26.96
N GLY C 91 -37.27 31.28 27.58
CA GLY C 91 -37.00 32.31 28.57
C GLY C 91 -36.98 33.73 28.03
N SER C 92 -37.82 34.64 28.57
CA SER C 92 -38.86 34.60 29.65
C SER C 92 -38.53 33.92 30.97
N ILE C 93 -37.61 34.57 31.69
CA ILE C 93 -36.82 33.89 32.70
C ILE C 93 -37.69 33.52 33.91
N LEU C 94 -37.30 32.44 34.56
CA LEU C 94 -38.02 31.97 35.74
C LEU C 94 -37.80 32.93 36.89
N ARG C 95 -38.79 33.05 37.75
CA ARG C 95 -38.58 33.65 39.06
C ARG C 95 -38.76 32.54 40.08
N ALA C 96 -38.08 32.67 41.21
CA ALA C 96 -38.12 31.60 42.19
C ALA C 96 -39.46 31.53 42.90
N TYR C 97 -40.22 32.62 42.83
CA TYR C 97 -41.61 32.57 43.25
C TYR C 97 -42.40 31.61 42.36
N ASP C 98 -42.09 31.60 41.07
CA ASP C 98 -42.86 30.81 40.11
C ASP C 98 -42.63 29.31 40.30
N LEU C 99 -41.36 28.90 40.38
CA LEU C 99 -41.01 27.49 40.46
C LEU C 99 -41.63 26.83 41.68
N ASN C 100 -41.84 27.61 42.74
CA ASN C 100 -42.62 27.12 43.85
C ASN C 100 -44.09 26.99 43.48
N VAL C 101 -44.74 28.10 43.08
CA VAL C 101 -46.19 28.18 42.88
C VAL C 101 -46.69 27.15 41.86
N ALA C 102 -45.81 26.79 40.91
CA ALA C 102 -46.07 25.69 39.99
C ALA C 102 -46.34 24.37 40.71
N GLN C 103 -45.45 23.95 41.61
CA GLN C 103 -45.68 22.71 42.33
C GLN C 103 -46.64 22.93 43.50
N ILE C 104 -46.84 24.18 43.91
CA ILE C 104 -47.72 24.45 45.04
C ILE C 104 -49.18 24.20 44.68
N GLN C 105 -49.55 24.54 43.44
CA GLN C 105 -50.95 24.40 43.04
C GLN C 105 -51.38 22.95 42.92
N THR C 106 -50.51 22.11 42.36
CA THR C 106 -50.89 20.73 42.14
C THR C 106 -50.86 19.92 43.44
N MET C 107 -50.24 20.46 44.49
CA MET C 107 -50.37 19.84 45.80
C MET C 107 -51.71 20.18 46.43
N HIS C 108 -52.39 21.21 45.91
CA HIS C 108 -53.59 21.70 46.57
C HIS C 108 -54.83 20.99 46.06
N VAL C 109 -54.78 20.46 44.84
CA VAL C 109 -55.82 19.55 44.41
C VAL C 109 -55.77 18.30 45.27
N ALA C 110 -54.58 17.83 45.61
CA ALA C 110 -54.40 16.64 46.44
C ALA C 110 -54.96 16.86 47.84
N GLU C 111 -54.67 18.02 48.44
CA GLU C 111 -55.23 18.33 49.75
C GLU C 111 -56.74 18.54 49.66
N GLU C 112 -57.23 19.00 48.51
CA GLU C 112 -58.66 19.09 48.30
C GLU C 112 -59.27 17.71 48.15
N ALA C 113 -58.61 16.85 47.37
CA ALA C 113 -59.20 15.60 46.92
C ALA C 113 -59.39 14.61 48.06
N ARG C 114 -58.45 14.58 49.01
CA ARG C 114 -58.56 13.61 50.09
C ARG C 114 -59.69 13.99 51.04
N ASP C 115 -59.92 15.29 51.23
CA ASP C 115 -60.74 15.73 52.34
C ASP C 115 -62.23 15.57 52.06
N LEU C 116 -62.64 15.64 50.79
CA LEU C 116 -64.04 15.39 50.51
C LEU C 116 -64.35 13.90 50.41
N THR C 117 -63.31 13.06 50.37
CA THR C 117 -63.53 11.63 50.51
C THR C 117 -63.67 11.24 51.97
N THR C 118 -62.98 11.96 52.84
CA THR C 118 -63.05 11.69 54.28
C THR C 118 -64.37 12.16 54.88
N ASP C 119 -65.20 12.85 54.10
CA ASP C 119 -66.46 13.37 54.64
C ASP C 119 -67.59 12.37 54.52
N THR C 120 -67.57 11.55 53.47
CA THR C 120 -68.24 10.24 53.51
C THR C 120 -67.37 9.34 54.40
N ILE C 121 -67.75 8.07 54.61
CA ILE C 121 -67.72 7.35 55.90
C ILE C 121 -66.45 7.46 56.76
N GLY C 122 -65.43 8.20 56.31
CA GLY C 122 -64.53 8.81 57.28
C GLY C 122 -63.27 8.02 57.37
N VAL C 123 -62.42 8.37 58.32
CA VAL C 123 -61.31 7.48 58.65
C VAL C 123 -61.34 7.22 60.15
N ASN C 124 -61.78 8.21 60.90
CA ASN C 124 -61.59 8.23 62.34
C ASN C 124 -62.68 9.10 62.96
N ASN D 3 -65.74 -13.02 -27.45
CA ASN D 3 -64.63 -13.82 -26.97
C ASN D 3 -63.60 -12.97 -26.21
N VAL D 4 -63.34 -13.27 -24.94
CA VAL D 4 -64.05 -14.24 -24.13
C VAL D 4 -64.55 -13.42 -22.94
N ILE D 5 -65.64 -13.84 -22.30
CA ILE D 5 -66.21 -13.09 -21.19
C ILE D 5 -65.27 -13.12 -19.99
N LYS D 6 -64.88 -11.94 -19.52
CA LYS D 6 -63.89 -11.80 -18.47
C LYS D 6 -64.47 -11.35 -17.14
N THR D 7 -65.64 -10.70 -17.13
CA THR D 7 -66.11 -10.07 -15.92
C THR D 7 -67.52 -10.51 -15.51
N VAL D 8 -68.20 -11.31 -16.33
CA VAL D 8 -69.37 -12.06 -15.92
C VAL D 8 -68.93 -13.50 -15.77
N LEU D 9 -69.32 -14.15 -14.67
CA LEU D 9 -68.89 -15.51 -14.48
C LEU D 9 -69.92 -16.30 -13.69
N THR D 10 -70.11 -17.55 -14.11
CA THR D 10 -71.15 -18.42 -13.59
C THR D 10 -70.49 -19.67 -13.04
N TYR D 11 -70.28 -19.73 -11.75
CA TYR D 11 -69.72 -20.93 -11.16
C TYR D 11 -70.82 -21.95 -10.94
N GLN D 12 -70.46 -23.22 -11.04
CA GLN D 12 -71.34 -24.30 -10.65
C GLN D 12 -71.52 -24.25 -9.14
N LEU D 13 -72.77 -24.18 -8.72
CA LEU D 13 -73.06 -23.97 -7.31
C LEU D 13 -72.76 -25.22 -6.49
N ASP D 14 -73.18 -26.39 -6.99
CA ASP D 14 -72.62 -27.69 -6.64
C ASP D 14 -72.83 -28.04 -5.16
N GLY D 15 -74.09 -28.16 -4.77
CA GLY D 15 -74.40 -28.58 -3.42
C GLY D 15 -74.02 -27.54 -2.39
N SER D 16 -73.42 -28.02 -1.30
CA SER D 16 -72.93 -27.15 -0.25
C SER D 16 -71.48 -26.79 -0.53
N ASN D 17 -71.26 -25.68 -1.24
CA ASN D 17 -69.97 -25.02 -1.32
C ASN D 17 -70.20 -23.56 -0.99
N ARG D 18 -69.42 -23.04 -0.03
CA ARG D 18 -69.73 -21.74 0.54
C ARG D 18 -68.94 -20.63 -0.13
N ASP D 19 -67.88 -20.96 -0.86
CA ASP D 19 -66.77 -20.05 -1.00
C ASP D 19 -66.19 -20.09 -2.42
N PHE D 20 -66.30 -18.96 -3.12
CA PHE D 20 -65.95 -18.83 -4.53
C PHE D 20 -64.97 -17.67 -4.72
N ASN D 21 -64.19 -17.69 -5.81
CA ASN D 21 -63.19 -16.65 -6.05
C ASN D 21 -63.63 -15.68 -7.13
N ILE D 22 -63.19 -14.43 -7.05
CA ILE D 22 -63.57 -13.44 -8.06
C ILE D 22 -62.31 -12.90 -8.74
N PRO D 23 -62.07 -13.29 -10.00
CA PRO D 23 -60.77 -13.00 -10.63
C PRO D 23 -60.63 -11.60 -11.20
N PHE D 24 -61.69 -11.01 -11.71
CA PHE D 24 -61.58 -9.71 -12.37
C PHE D 24 -61.31 -8.60 -11.35
N GLU D 25 -60.93 -7.43 -11.86
CA GLU D 25 -60.37 -6.36 -11.02
C GLU D 25 -61.43 -5.32 -10.68
N TYR D 26 -62.47 -5.77 -9.97
CA TYR D 26 -63.58 -4.93 -9.50
C TYR D 26 -63.10 -3.73 -8.70
N LEU D 27 -63.62 -2.55 -9.02
CA LEU D 27 -63.01 -1.37 -8.43
C LEU D 27 -63.49 -1.15 -7.00
N ALA D 28 -64.77 -1.28 -6.73
CA ALA D 28 -65.23 -1.11 -5.36
C ALA D 28 -66.11 -2.29 -5.01
N ARG D 29 -66.36 -2.44 -3.70
CA ARG D 29 -67.08 -3.59 -3.15
C ARG D 29 -68.46 -3.74 -3.78
N LYS D 30 -69.20 -2.63 -3.87
CA LYS D 30 -70.57 -2.66 -4.35
C LYS D 30 -70.67 -2.83 -5.86
N PHE D 31 -69.56 -2.79 -6.58
CA PHE D 31 -69.61 -2.99 -8.02
C PHE D 31 -69.80 -4.44 -8.41
N VAL D 32 -69.50 -5.38 -7.51
CA VAL D 32 -69.79 -6.78 -7.72
C VAL D 32 -71.22 -7.03 -7.29
N VAL D 33 -72.07 -7.38 -8.22
CA VAL D 33 -73.35 -7.96 -7.86
C VAL D 33 -73.25 -9.46 -8.08
N VAL D 34 -73.65 -10.21 -7.07
CA VAL D 34 -73.74 -11.66 -7.13
C VAL D 34 -75.21 -11.96 -7.30
N THR D 35 -75.55 -12.92 -8.15
CA THR D 35 -76.94 -13.36 -8.25
C THR D 35 -76.99 -14.88 -8.28
N LEU D 36 -78.20 -15.39 -8.06
CA LEU D 36 -78.46 -16.82 -7.99
C LEU D 36 -79.27 -17.23 -9.21
N ILE D 37 -78.89 -18.31 -9.86
CA ILE D 37 -79.57 -18.76 -11.06
C ILE D 37 -80.22 -20.10 -10.77
N GLY D 38 -81.41 -20.31 -11.32
CA GLY D 38 -81.82 -21.67 -11.59
C GLY D 38 -83.29 -21.96 -11.58
N VAL D 39 -84.06 -21.14 -10.87
CA VAL D 39 -85.44 -20.87 -11.22
C VAL D 39 -85.57 -19.35 -11.28
N ASP D 40 -84.79 -18.66 -10.46
CA ASP D 40 -84.94 -17.22 -10.29
C ASP D 40 -83.65 -16.48 -10.64
N ARG D 41 -83.70 -15.18 -10.33
CA ARG D 41 -82.61 -14.23 -10.48
C ARG D 41 -82.38 -13.50 -9.14
N LYS D 42 -82.20 -14.28 -8.08
CA LYS D 42 -82.16 -13.71 -6.74
C LYS D 42 -80.88 -12.91 -6.52
N VAL D 43 -81.05 -11.67 -6.06
CA VAL D 43 -79.94 -10.81 -5.68
C VAL D 43 -79.87 -10.85 -4.16
N LEU D 44 -78.63 -10.84 -3.65
CA LEU D 44 -78.33 -11.06 -2.26
C LEU D 44 -77.38 -9.96 -1.81
N THR D 45 -77.69 -9.34 -0.67
CA THR D 45 -77.03 -8.11 -0.23
C THR D 45 -75.79 -8.46 0.58
N ILE D 46 -74.85 -7.51 0.67
CA ILE D 46 -73.49 -7.85 1.06
C ILE D 46 -73.42 -8.10 2.56
N ASN D 47 -73.60 -7.06 3.38
CA ASN D 47 -73.01 -7.03 4.73
C ASN D 47 -73.64 -8.06 5.67
N THR D 48 -74.84 -8.53 5.33
CA THR D 48 -75.50 -9.58 6.08
C THR D 48 -75.33 -10.95 5.46
N ASP D 49 -75.70 -11.09 4.17
CA ASP D 49 -75.89 -12.42 3.61
C ASP D 49 -74.57 -13.07 3.20
N TYR D 50 -73.58 -12.28 2.81
CA TYR D 50 -72.29 -12.88 2.45
C TYR D 50 -71.16 -11.91 2.73
N ARG D 51 -70.17 -12.37 3.48
CA ARG D 51 -68.99 -11.54 3.54
C ARG D 51 -68.22 -11.67 2.23
N PHE D 52 -67.63 -10.55 1.82
CA PHE D 52 -66.37 -10.62 1.12
C PHE D 52 -65.46 -11.36 2.07
N ALA D 53 -65.07 -12.57 1.68
CA ALA D 53 -64.17 -13.35 2.51
C ALA D 53 -62.85 -12.63 2.68
N THR D 54 -62.21 -12.33 1.57
CA THR D 54 -60.92 -11.68 1.51
C THR D 54 -61.01 -10.64 0.42
N ARG D 55 -59.82 -10.23 -0.04
CA ARG D 55 -59.69 -9.38 -1.21
C ARG D 55 -60.40 -9.95 -2.43
N THR D 56 -60.35 -11.27 -2.63
CA THR D 56 -60.75 -11.83 -3.92
C THR D 56 -61.74 -12.96 -3.80
N THR D 57 -62.41 -13.11 -2.67
CA THR D 57 -63.17 -14.32 -2.39
C THR D 57 -64.49 -13.95 -1.75
N ILE D 58 -65.57 -14.62 -2.15
CA ILE D 58 -66.91 -14.32 -1.63
C ILE D 58 -67.35 -15.52 -0.78
N SER D 59 -67.21 -15.35 0.54
CA SER D 59 -67.70 -16.35 1.49
C SER D 59 -69.21 -16.17 1.61
N LEU D 60 -69.94 -16.98 0.86
CA LEU D 60 -71.38 -16.90 0.85
C LEU D 60 -71.96 -17.72 1.98
N THR D 61 -72.87 -17.11 2.75
CA THR D 61 -73.39 -17.72 3.97
C THR D 61 -74.91 -17.70 3.96
N LYS D 62 -75.55 -18.83 3.63
CA LYS D 62 -74.90 -20.11 3.45
C LYS D 62 -75.53 -21.06 2.45
N ALA D 63 -74.63 -21.89 1.90
CA ALA D 63 -74.86 -23.27 1.43
C ALA D 63 -76.18 -23.46 0.68
N TRP D 64 -76.39 -22.65 -0.35
CA TRP D 64 -77.60 -22.75 -1.15
C TRP D 64 -77.52 -23.96 -2.07
N GLY D 65 -78.67 -24.40 -2.56
CA GLY D 65 -78.81 -25.19 -3.76
C GLY D 65 -78.19 -26.58 -3.80
N PRO D 66 -78.38 -27.29 -4.93
CA PRO D 66 -79.27 -26.90 -6.03
C PRO D 66 -80.72 -27.25 -5.74
N ALA D 67 -80.92 -28.35 -5.00
CA ALA D 67 -82.25 -28.63 -4.49
C ALA D 67 -82.47 -27.79 -3.25
N ASP D 68 -83.64 -27.13 -3.20
CA ASP D 68 -84.07 -25.86 -2.59
C ASP D 68 -83.72 -24.69 -3.50
N GLY D 69 -83.47 -24.95 -4.79
CA GLY D 69 -83.84 -24.00 -5.83
C GLY D 69 -82.84 -23.53 -6.86
N TYR D 70 -81.62 -23.18 -6.47
CA TYR D 70 -80.76 -22.40 -7.36
C TYR D 70 -79.60 -23.24 -7.87
N THR D 71 -79.34 -23.18 -9.18
CA THR D 71 -78.41 -24.16 -9.74
C THR D 71 -76.98 -23.62 -9.86
N THR D 72 -76.80 -22.30 -10.07
CA THR D 72 -75.47 -21.73 -10.27
C THR D 72 -75.44 -20.35 -9.63
N ILE D 73 -74.54 -20.15 -8.66
CA ILE D 73 -74.20 -18.79 -8.26
C ILE D 73 -73.41 -18.15 -9.39
N GLU D 74 -73.84 -16.97 -9.81
CA GLU D 74 -73.05 -16.20 -10.76
C GLU D 74 -72.83 -14.80 -10.20
N LEU D 75 -71.75 -14.17 -10.64
CA LEU D 75 -71.54 -12.79 -10.27
C LEU D 75 -70.97 -12.05 -11.45
N ARG D 76 -71.19 -10.76 -11.46
CA ARG D 76 -70.67 -9.88 -12.49
C ARG D 76 -70.33 -8.55 -11.86
N ARG D 77 -69.49 -7.82 -12.55
CA ARG D 77 -69.18 -6.46 -12.19
C ARG D 77 -70.31 -5.60 -12.74
N VAL D 78 -70.76 -4.63 -11.96
CA VAL D 78 -71.58 -3.54 -12.46
C VAL D 78 -70.94 -2.25 -11.96
N THR D 79 -70.20 -1.59 -12.83
CA THR D 79 -69.60 -0.30 -12.53
C THR D 79 -70.60 0.78 -12.88
N SER D 80 -70.82 1.71 -11.95
CA SER D 80 -71.69 2.84 -12.22
C SER D 80 -71.07 3.73 -13.28
N THR D 81 -71.79 3.90 -14.39
CA THR D 81 -71.26 4.67 -15.50
C THR D 81 -71.58 6.16 -15.35
N THR D 82 -72.45 6.50 -14.40
CA THR D 82 -72.74 7.90 -14.13
C THR D 82 -71.87 8.43 -13.02
N ASP D 83 -71.98 7.83 -11.84
CA ASP D 83 -71.25 8.27 -10.66
C ASP D 83 -69.78 7.93 -10.85
N ARG D 84 -69.04 8.91 -11.32
CA ARG D 84 -67.59 8.75 -11.35
C ARG D 84 -67.03 8.81 -9.95
N LEU D 85 -65.80 8.33 -9.78
CA LEU D 85 -65.37 8.00 -8.43
C LEU D 85 -64.35 8.99 -7.90
N VAL D 86 -63.55 9.58 -8.77
CA VAL D 86 -62.80 10.77 -8.40
C VAL D 86 -63.00 11.80 -9.51
N ASP D 87 -63.39 13.00 -9.12
CA ASP D 87 -63.72 14.05 -10.07
C ASP D 87 -62.79 15.22 -9.84
N PHE D 88 -62.21 15.75 -10.90
CA PHE D 88 -61.15 16.71 -10.69
C PHE D 88 -61.68 18.14 -10.72
N THR D 89 -61.38 18.86 -9.65
CA THR D 89 -61.63 20.28 -9.54
C THR D 89 -60.29 20.96 -9.47
N ASP D 90 -60.29 22.29 -9.55
CA ASP D 90 -59.04 23.05 -9.56
C ASP D 90 -58.31 22.88 -8.24
N GLY D 91 -56.98 22.98 -8.31
CA GLY D 91 -56.12 22.12 -7.50
C GLY D 91 -56.22 22.37 -6.01
N SER D 92 -56.41 21.29 -5.21
CA SER D 92 -56.68 19.83 -5.46
C SER D 92 -55.75 19.03 -6.38
N ILE D 93 -54.53 18.82 -5.86
CA ILE D 93 -53.41 18.33 -6.65
C ILE D 93 -53.70 16.96 -7.25
N LEU D 94 -53.23 16.75 -8.47
CA LEU D 94 -53.31 15.44 -9.10
C LEU D 94 -52.46 14.44 -8.35
N ARG D 95 -53.08 13.37 -7.91
CA ARG D 95 -52.31 12.33 -7.25
C ARG D 95 -52.15 11.19 -8.23
N ALA D 96 -51.13 10.38 -7.97
CA ALA D 96 -50.97 9.12 -8.69
C ALA D 96 -52.20 8.25 -8.51
N TYR D 97 -52.72 8.20 -7.29
CA TYR D 97 -53.94 7.45 -7.01
C TYR D 97 -55.13 8.03 -7.73
N ASP D 98 -55.19 9.37 -7.80
CA ASP D 98 -56.38 10.02 -8.36
C ASP D 98 -56.51 9.77 -9.85
N LEU D 99 -55.45 9.99 -10.62
CA LEU D 99 -55.53 9.79 -12.07
C LEU D 99 -55.66 8.32 -12.43
N ASN D 100 -55.09 7.44 -11.62
CA ASN D 100 -55.19 6.02 -11.92
C ASN D 100 -56.63 5.54 -11.81
N VAL D 101 -57.24 5.67 -10.62
CA VAL D 101 -58.62 5.24 -10.35
C VAL D 101 -59.60 5.85 -11.35
N ALA D 102 -59.35 7.10 -11.74
CA ALA D 102 -60.11 7.72 -12.82
C ALA D 102 -59.91 6.98 -14.14
N GLN D 103 -58.68 6.61 -14.45
CA GLN D 103 -58.42 5.83 -15.66
C GLN D 103 -58.86 4.38 -15.46
N ILE D 104 -58.75 3.86 -14.22
CA ILE D 104 -59.19 2.50 -13.91
C ILE D 104 -60.68 2.36 -14.19
N GLN D 105 -61.46 3.35 -13.75
CA GLN D 105 -62.91 3.24 -13.77
C GLN D 105 -63.45 3.26 -15.18
N THR D 106 -62.97 4.19 -16.01
CA THR D 106 -63.45 4.25 -17.39
C THR D 106 -62.91 3.10 -18.21
N MET D 107 -61.83 2.47 -17.75
CA MET D 107 -61.36 1.24 -18.37
C MET D 107 -62.34 0.11 -18.11
N HIS D 108 -62.98 0.12 -16.94
CA HIS D 108 -63.95 -0.91 -16.62
C HIS D 108 -65.21 -0.74 -17.44
N VAL D 109 -65.74 0.48 -17.50
CA VAL D 109 -67.04 0.76 -18.09
C VAL D 109 -67.04 0.40 -19.56
N ALA D 110 -65.94 0.69 -20.24
CA ALA D 110 -65.80 0.27 -21.63
C ALA D 110 -65.62 -1.24 -21.73
N GLU D 111 -64.91 -1.84 -20.77
CA GLU D 111 -64.78 -3.28 -20.76
C GLU D 111 -66.08 -3.94 -20.35
N GLU D 112 -66.76 -3.37 -19.34
CA GLU D 112 -68.06 -3.90 -18.91
C GLU D 112 -69.08 -3.82 -20.03
N ALA D 113 -69.00 -2.78 -20.86
CA ALA D 113 -69.82 -2.70 -22.06
C ALA D 113 -69.52 -3.85 -23.01
N ARG D 114 -68.27 -3.94 -23.48
CA ARG D 114 -67.85 -4.94 -24.46
C ARG D 114 -68.09 -6.36 -23.96
N ASP D 115 -67.98 -6.56 -22.65
CA ASP D 115 -68.27 -7.87 -22.09
C ASP D 115 -69.76 -8.16 -22.13
N LEU D 116 -70.58 -7.16 -21.76
CA LEU D 116 -72.04 -7.32 -21.70
C LEU D 116 -72.61 -7.62 -23.08
N THR D 117 -71.93 -7.15 -24.13
CA THR D 117 -72.42 -7.32 -25.48
C THR D 117 -72.34 -8.78 -25.93
N THR D 118 -71.31 -9.51 -25.49
CA THR D 118 -71.30 -10.95 -25.73
C THR D 118 -72.30 -11.64 -24.81
N ASP D 119 -72.57 -11.05 -23.64
CA ASP D 119 -73.22 -11.76 -22.55
C ASP D 119 -74.68 -12.06 -22.83
N THR D 120 -75.31 -11.28 -23.71
CA THR D 120 -76.74 -11.43 -23.94
C THR D 120 -77.06 -12.66 -24.79
N ILE D 121 -76.62 -12.64 -26.05
CA ILE D 121 -76.59 -13.82 -26.90
C ILE D 121 -75.42 -13.65 -27.85
N GLY D 122 -74.56 -14.66 -27.93
CA GLY D 122 -73.30 -14.48 -28.60
C GLY D 122 -72.56 -15.78 -28.79
N VAL D 123 -71.49 -15.71 -29.58
CA VAL D 123 -70.76 -16.90 -29.99
C VAL D 123 -70.01 -17.51 -28.81
N ASN D 124 -70.29 -18.79 -28.57
CA ASN D 124 -69.58 -19.60 -27.58
C ASN D 124 -68.35 -20.17 -28.27
N ASN D 125 -67.28 -20.32 -27.50
CA ASN D 125 -65.96 -20.59 -28.04
C ASN D 125 -65.75 -22.03 -28.53
N LEU D 129 -71.41 -20.81 -31.92
CA LEU D 129 -72.75 -21.19 -31.48
C LEU D 129 -73.22 -20.30 -30.34
N ASP D 130 -74.52 -20.08 -30.25
CA ASP D 130 -75.04 -19.03 -29.39
C ASP D 130 -75.50 -19.57 -28.04
N ALA D 131 -75.39 -18.73 -27.02
CA ALA D 131 -75.39 -19.21 -25.64
C ALA D 131 -75.91 -18.12 -24.72
N ARG D 132 -76.70 -18.55 -23.71
CA ARG D 132 -76.61 -18.23 -22.27
C ARG D 132 -77.84 -18.88 -21.63
N GLY D 133 -77.84 -19.08 -20.31
CA GLY D 133 -78.94 -19.68 -19.60
C GLY D 133 -80.19 -18.83 -19.39
N ARG D 134 -80.46 -17.85 -20.23
CA ARG D 134 -81.69 -17.08 -20.11
C ARG D 134 -82.84 -17.82 -20.77
N ARG D 135 -84.02 -17.20 -20.72
CA ARG D 135 -85.25 -17.91 -21.08
C ARG D 135 -85.57 -17.76 -22.56
N ILE D 136 -84.93 -16.80 -23.24
CA ILE D 136 -85.24 -16.29 -24.60
C ILE D 136 -86.75 -16.11 -24.84
N VAL D 137 -87.37 -15.16 -24.11
CA VAL D 137 -88.76 -15.16 -23.64
C VAL D 137 -89.83 -15.48 -24.68
N ASN D 138 -89.96 -14.68 -25.74
CA ASN D 138 -90.93 -14.99 -26.79
C ASN D 138 -90.35 -14.78 -28.19
N LEU D 139 -90.70 -15.69 -29.10
CA LEU D 139 -90.46 -15.55 -30.52
C LEU D 139 -91.72 -15.82 -31.33
N ALA D 140 -92.72 -16.45 -30.71
CA ALA D 140 -94.14 -16.41 -31.05
C ALA D 140 -94.59 -17.23 -32.26
N ASN D 141 -93.68 -17.84 -33.02
CA ASN D 141 -94.14 -18.72 -34.08
C ASN D 141 -93.16 -19.85 -34.35
N ALA D 142 -93.72 -21.03 -34.59
CA ALA D 142 -92.98 -22.19 -35.07
C ALA D 142 -93.27 -22.38 -36.55
N VAL D 143 -92.24 -22.26 -37.38
CA VAL D 143 -92.40 -22.43 -38.82
C VAL D 143 -91.66 -23.67 -39.29
N ILE E 5 -64.51 1.34 -37.05
CA ILE E 5 -64.57 1.21 -38.50
C ILE E 5 -63.22 0.77 -39.05
N LYS E 6 -62.99 -0.54 -39.20
CA LYS E 6 -63.72 -1.59 -38.52
C LYS E 6 -62.66 -2.52 -37.96
N THR E 7 -62.80 -2.91 -36.69
CA THR E 7 -61.79 -3.75 -36.08
C THR E 7 -61.81 -5.14 -36.66
N VAL E 8 -62.90 -5.86 -36.46
CA VAL E 8 -63.06 -7.23 -36.90
C VAL E 8 -63.31 -7.20 -38.40
N LEU E 9 -62.50 -7.95 -39.13
CA LEU E 9 -62.81 -8.35 -40.49
C LEU E 9 -62.55 -9.84 -40.61
N THR E 10 -62.94 -10.38 -41.75
CA THR E 10 -62.39 -11.60 -42.30
C THR E 10 -62.01 -11.28 -43.71
N TYR E 11 -60.86 -11.78 -44.12
CA TYR E 11 -60.41 -11.71 -45.49
C TYR E 11 -61.02 -12.85 -46.27
N GLN E 12 -60.46 -13.12 -47.43
CA GLN E 12 -60.62 -14.41 -48.08
C GLN E 12 -59.22 -14.98 -48.29
N LEU E 13 -59.03 -16.25 -47.94
CA LEU E 13 -57.75 -16.90 -48.12
C LEU E 13 -57.90 -18.08 -49.05
N ASP E 14 -56.97 -18.20 -49.98
CA ASP E 14 -56.68 -19.43 -50.69
C ASP E 14 -55.16 -19.60 -50.64
N GLY E 15 -54.71 -20.84 -50.83
CA GLY E 15 -53.29 -21.15 -50.66
C GLY E 15 -52.40 -20.41 -51.63
N SER E 16 -51.14 -20.23 -51.20
CA SER E 16 -50.04 -19.44 -51.75
C SER E 16 -50.24 -17.93 -51.58
N ASN E 17 -51.35 -17.49 -50.98
CA ASN E 17 -51.51 -16.11 -50.55
C ASN E 17 -51.29 -16.07 -49.05
N ARG E 18 -50.42 -15.17 -48.60
CA ARG E 18 -49.96 -15.16 -47.22
C ARG E 18 -49.78 -13.77 -46.63
N ASP E 19 -50.15 -12.71 -47.37
CA ASP E 19 -49.83 -11.34 -46.95
C ASP E 19 -51.09 -10.49 -46.88
N PHE E 20 -51.55 -10.23 -45.65
CA PHE E 20 -52.85 -9.63 -45.38
C PHE E 20 -52.64 -8.41 -44.49
N ASN E 21 -53.40 -7.34 -44.75
CA ASN E 21 -53.10 -6.07 -44.08
C ASN E 21 -54.10 -5.76 -42.98
N ILE E 22 -53.72 -4.85 -42.07
CA ILE E 22 -54.62 -4.41 -41.01
C ILE E 22 -55.14 -3.01 -41.31
N PRO E 23 -56.45 -2.77 -41.22
CA PRO E 23 -56.95 -1.42 -41.46
C PRO E 23 -56.85 -0.50 -40.25
N PHE E 24 -57.01 -1.02 -39.04
CA PHE E 24 -56.99 -0.18 -37.85
C PHE E 24 -55.58 0.22 -37.47
N GLU E 25 -55.42 0.79 -36.28
CA GLU E 25 -54.12 0.97 -35.67
C GLU E 25 -54.11 0.23 -34.34
N TYR E 26 -53.02 -0.47 -34.07
CA TYR E 26 -53.10 -1.64 -33.21
C TYR E 26 -52.74 -1.31 -31.76
N LEU E 27 -51.82 -0.37 -31.57
CA LEU E 27 -51.30 0.26 -30.34
C LEU E 27 -50.38 -0.65 -29.52
N ALA E 28 -50.38 -1.96 -29.73
CA ALA E 28 -49.37 -2.83 -29.12
C ALA E 28 -49.35 -4.14 -29.87
N ARG E 29 -48.14 -4.70 -30.01
CA ARG E 29 -47.82 -5.80 -30.91
C ARG E 29 -48.69 -7.02 -30.68
N LYS E 30 -49.13 -7.24 -29.44
CA LYS E 30 -49.92 -8.41 -29.07
C LYS E 30 -51.42 -8.19 -29.20
N PHE E 31 -51.87 -6.95 -29.45
CA PHE E 31 -53.31 -6.68 -29.36
C PHE E 31 -54.05 -7.27 -30.54
N VAL E 32 -53.39 -7.41 -31.68
CA VAL E 32 -53.97 -8.17 -32.78
C VAL E 32 -53.95 -9.64 -32.42
N VAL E 33 -55.09 -10.31 -32.54
CA VAL E 33 -55.11 -11.76 -32.47
C VAL E 33 -55.62 -12.26 -33.82
N VAL E 34 -54.95 -13.26 -34.37
CA VAL E 34 -55.16 -13.71 -35.74
C VAL E 34 -55.63 -15.15 -35.69
N THR E 35 -56.89 -15.37 -36.06
CA THR E 35 -57.50 -16.70 -35.99
C THR E 35 -58.05 -17.09 -37.34
N LEU E 36 -57.49 -18.17 -37.89
CA LEU E 36 -58.12 -18.87 -39.00
C LEU E 36 -59.42 -19.42 -38.46
N ILE E 37 -60.56 -18.81 -38.84
CA ILE E 37 -61.85 -19.24 -38.31
C ILE E 37 -62.20 -20.62 -38.86
N GLY E 38 -61.69 -20.93 -40.06
CA GLY E 38 -61.67 -22.26 -40.62
C GLY E 38 -63.02 -22.90 -40.74
N VAL E 39 -63.01 -24.23 -40.73
CA VAL E 39 -64.15 -24.95 -40.16
C VAL E 39 -64.20 -24.69 -38.66
N ASP E 40 -63.04 -24.69 -38.00
CA ASP E 40 -62.97 -24.62 -36.56
C ASP E 40 -61.98 -23.56 -36.11
N ARG E 41 -62.20 -23.02 -34.91
CA ARG E 41 -61.41 -21.92 -34.40
C ARG E 41 -60.00 -22.38 -34.05
N LYS E 42 -59.03 -21.60 -34.50
CA LYS E 42 -57.63 -21.91 -34.24
C LYS E 42 -56.92 -20.58 -34.09
N VAL E 43 -56.26 -20.39 -32.96
CA VAL E 43 -55.53 -19.18 -32.66
C VAL E 43 -54.09 -19.38 -33.10
N LEU E 44 -53.49 -18.35 -33.69
CA LEU E 44 -52.18 -18.43 -34.31
C LEU E 44 -51.19 -17.61 -33.48
N THR E 45 -49.90 -17.91 -33.58
CA THR E 45 -48.95 -17.52 -32.54
C THR E 45 -47.82 -16.64 -33.08
N ILE E 46 -47.52 -15.59 -32.29
CA ILE E 46 -46.93 -14.30 -32.74
C ILE E 46 -45.67 -14.47 -33.60
N ASN E 47 -44.94 -15.57 -33.44
CA ASN E 47 -43.74 -15.78 -34.23
C ASN E 47 -43.78 -17.04 -35.10
N THR E 48 -44.48 -18.09 -34.67
CA THR E 48 -44.44 -19.38 -35.37
C THR E 48 -44.97 -19.28 -36.79
N ASP E 49 -46.05 -18.54 -36.96
CA ASP E 49 -46.90 -18.74 -38.12
C ASP E 49 -47.27 -17.45 -38.84
N TYR E 50 -47.52 -16.36 -38.13
CA TYR E 50 -47.66 -15.05 -38.76
C TYR E 50 -46.65 -14.07 -38.17
N ARG E 51 -45.96 -13.33 -39.03
CA ARG E 51 -45.13 -12.22 -38.59
C ARG E 51 -45.69 -10.95 -39.22
N PHE E 52 -45.60 -9.84 -38.50
CA PHE E 52 -46.01 -8.58 -39.08
C PHE E 52 -44.94 -8.14 -40.07
N ALA E 53 -45.30 -8.07 -41.35
CA ALA E 53 -44.31 -7.85 -42.39
C ALA E 53 -43.83 -6.40 -42.47
N THR E 54 -44.74 -5.43 -42.33
CA THR E 54 -44.35 -4.03 -42.47
C THR E 54 -45.02 -3.11 -41.47
N ARG E 55 -45.43 -3.64 -40.31
CA ARG E 55 -46.22 -3.07 -39.20
C ARG E 55 -47.69 -2.95 -39.57
N THR E 56 -48.04 -3.11 -40.84
CA THR E 56 -49.44 -3.08 -41.22
C THR E 56 -49.90 -4.21 -42.10
N THR E 57 -49.02 -5.12 -42.53
CA THR E 57 -49.45 -6.33 -43.20
C THR E 57 -48.97 -7.53 -42.43
N ILE E 58 -49.83 -8.54 -42.25
CA ILE E 58 -49.45 -9.74 -41.54
C ILE E 58 -49.01 -10.77 -42.58
N SER E 59 -47.72 -11.07 -42.60
CA SER E 59 -47.24 -12.16 -43.42
C SER E 59 -47.61 -13.46 -42.74
N LEU E 60 -47.63 -14.55 -43.51
CA LEU E 60 -47.93 -15.88 -42.97
C LEU E 60 -46.85 -16.84 -43.43
N THR E 61 -46.27 -17.59 -42.49
CA THR E 61 -45.15 -18.46 -42.84
C THR E 61 -45.63 -19.69 -43.60
N LYS E 62 -46.89 -20.06 -43.43
CA LYS E 62 -47.35 -21.41 -43.74
C LYS E 62 -48.49 -21.41 -44.77
N ALA E 63 -48.90 -20.23 -45.24
CA ALA E 63 -49.72 -20.03 -46.44
C ALA E 63 -50.96 -20.93 -46.51
N TRP E 64 -51.80 -20.81 -45.48
CA TRP E 64 -52.90 -21.75 -45.33
C TRP E 64 -53.93 -21.58 -46.42
N GLY E 65 -54.54 -22.69 -46.78
CA GLY E 65 -55.55 -22.69 -47.80
C GLY E 65 -56.79 -23.35 -47.26
N PRO E 66 -57.82 -23.44 -48.11
CA PRO E 66 -59.02 -24.19 -47.71
C PRO E 66 -58.79 -25.69 -47.69
N ALA E 67 -57.71 -26.17 -48.30
CA ALA E 67 -57.58 -27.59 -48.57
C ALA E 67 -57.16 -28.38 -47.34
N ASP E 68 -56.38 -27.77 -46.45
CA ASP E 68 -56.16 -28.38 -45.15
C ASP E 68 -57.26 -28.01 -44.16
N GLY E 69 -58.34 -27.38 -44.64
CA GLY E 69 -59.58 -27.32 -43.92
C GLY E 69 -60.04 -25.95 -43.49
N TYR E 70 -59.27 -24.89 -43.77
CA TYR E 70 -59.43 -23.64 -43.05
C TYR E 70 -59.72 -22.48 -44.00
N THR E 71 -60.88 -21.83 -43.82
CA THR E 71 -61.21 -20.48 -44.27
C THR E 71 -62.06 -19.84 -43.19
N THR E 72 -61.65 -18.68 -42.66
CA THR E 72 -60.63 -17.77 -43.15
C THR E 72 -60.00 -17.15 -41.88
N ILE E 73 -58.89 -16.43 -42.02
CA ILE E 73 -58.39 -15.55 -40.98
C ILE E 73 -59.44 -14.54 -40.56
N GLU E 74 -59.68 -14.47 -39.26
CA GLU E 74 -60.40 -13.36 -38.65
C GLU E 74 -59.44 -12.67 -37.71
N LEU E 75 -59.12 -11.41 -37.98
CA LEU E 75 -58.20 -10.67 -37.13
C LEU E 75 -58.98 -9.55 -36.45
N ARG E 76 -59.12 -9.67 -35.14
CA ARG E 76 -59.70 -8.60 -34.34
C ARG E 76 -58.61 -7.95 -33.52
N ARG E 77 -58.94 -6.83 -32.92
CA ARG E 77 -58.03 -6.17 -31.99
C ARG E 77 -58.61 -6.34 -30.58
N VAL E 78 -58.29 -7.48 -29.97
CA VAL E 78 -58.67 -7.66 -28.58
C VAL E 78 -57.73 -6.80 -27.73
N THR E 79 -58.31 -5.92 -26.95
CA THR E 79 -57.54 -5.05 -26.09
C THR E 79 -57.84 -5.42 -24.66
N SER E 80 -56.81 -5.91 -23.97
CA SER E 80 -56.93 -6.42 -22.61
C SER E 80 -57.31 -5.31 -21.64
N THR E 81 -58.08 -5.67 -20.61
CA THR E 81 -58.41 -4.68 -19.59
C THR E 81 -57.42 -4.75 -18.43
N THR E 82 -56.78 -5.89 -18.24
CA THR E 82 -55.87 -6.03 -17.10
C THR E 82 -54.49 -5.49 -17.45
N ASP E 83 -54.01 -5.79 -18.65
CA ASP E 83 -52.72 -5.31 -19.16
C ASP E 83 -52.88 -3.86 -19.64
N ARG E 84 -53.15 -2.98 -18.67
CA ARG E 84 -53.17 -1.55 -18.97
C ARG E 84 -51.76 -1.06 -19.22
N LEU E 85 -51.64 -0.11 -20.14
CA LEU E 85 -50.33 0.28 -20.61
C LEU E 85 -49.80 1.48 -19.84
N VAL E 86 -50.69 2.28 -19.27
CA VAL E 86 -50.31 3.50 -18.60
C VAL E 86 -50.60 3.37 -17.11
N ASP E 87 -49.54 3.45 -16.30
CA ASP E 87 -49.67 3.46 -14.86
C ASP E 87 -48.98 4.70 -14.32
N PHE E 88 -49.67 5.40 -13.44
CA PHE E 88 -49.12 6.60 -12.83
C PHE E 88 -48.66 6.26 -11.42
N THR E 89 -47.36 6.20 -11.25
CA THR E 89 -46.78 6.01 -9.93
C THR E 89 -46.59 7.37 -9.27
N ASP E 90 -46.20 7.35 -8.00
CA ASP E 90 -45.70 8.57 -7.38
C ASP E 90 -44.51 9.08 -8.17
N GLY E 91 -44.46 10.40 -8.32
CA GLY E 91 -43.95 10.98 -9.56
C GLY E 91 -42.47 10.72 -9.79
N SER E 92 -42.08 10.33 -11.03
CA SER E 92 -42.80 10.10 -12.32
C SER E 92 -43.71 11.22 -12.86
N ILE E 93 -43.05 12.28 -13.37
CA ILE E 93 -43.72 13.39 -14.06
C ILE E 93 -44.76 12.86 -15.04
N LEU E 94 -45.97 13.41 -14.96
CA LEU E 94 -46.97 13.05 -15.97
C LEU E 94 -46.51 13.74 -17.23
N ARG E 95 -46.15 12.96 -18.23
CA ARG E 95 -46.11 13.54 -19.54
C ARG E 95 -47.54 13.71 -20.03
N ALA E 96 -47.71 14.59 -21.00
CA ALA E 96 -48.95 14.60 -21.75
C ALA E 96 -49.13 13.28 -22.48
N TYR E 97 -48.02 12.71 -22.96
CA TYR E 97 -48.05 11.45 -23.69
C TYR E 97 -48.57 10.30 -22.82
N ASP E 98 -48.24 10.31 -21.53
CA ASP E 98 -48.74 9.28 -20.62
C ASP E 98 -50.25 9.36 -20.49
N LEU E 99 -50.78 10.55 -20.23
CA LEU E 99 -52.22 10.75 -20.14
C LEU E 99 -52.90 10.53 -21.47
N ASN E 100 -52.17 10.78 -22.57
CA ASN E 100 -52.74 10.54 -23.89
C ASN E 100 -52.99 9.05 -24.11
N VAL E 101 -51.98 8.20 -23.95
CA VAL E 101 -52.11 6.78 -24.28
C VAL E 101 -53.09 6.08 -23.34
N ALA E 102 -53.27 6.62 -22.14
CA ALA E 102 -54.27 6.11 -21.22
C ALA E 102 -55.68 6.34 -21.76
N GLN E 103 -55.96 7.56 -22.24
CA GLN E 103 -57.28 7.80 -22.82
C GLN E 103 -57.35 7.29 -24.26
N ILE E 104 -56.20 7.01 -24.88
CA ILE E 104 -56.24 6.40 -26.20
C ILE E 104 -56.70 4.95 -26.10
N GLN E 105 -56.08 4.18 -25.19
CA GLN E 105 -56.29 2.74 -25.12
C GLN E 105 -57.68 2.40 -24.63
N THR E 106 -58.28 3.26 -23.81
CA THR E 106 -59.59 2.91 -23.25
C THR E 106 -60.72 3.21 -24.23
N MET E 107 -60.47 4.10 -25.20
CA MET E 107 -61.40 4.25 -26.31
C MET E 107 -61.34 3.06 -27.23
N HIS E 108 -60.15 2.46 -27.33
CA HIS E 108 -59.93 1.32 -28.22
C HIS E 108 -60.75 0.12 -27.80
N VAL E 109 -60.94 -0.05 -26.49
CA VAL E 109 -61.84 -1.10 -26.00
C VAL E 109 -63.28 -0.77 -26.33
N ALA E 110 -63.64 0.50 -26.16
CA ALA E 110 -65.03 0.92 -26.29
C ALA E 110 -65.50 0.85 -27.74
N GLU E 111 -64.58 1.05 -28.68
CA GLU E 111 -64.98 0.88 -30.08
C GLU E 111 -64.98 -0.59 -30.48
N GLU E 112 -64.14 -1.40 -29.82
CA GLU E 112 -64.17 -2.85 -30.05
C GLU E 112 -65.51 -3.45 -29.64
N ALA E 113 -66.20 -2.78 -28.71
CA ALA E 113 -67.56 -3.16 -28.38
C ALA E 113 -68.52 -2.87 -29.52
N ARG E 114 -68.21 -1.87 -30.36
CA ARG E 114 -69.15 -1.53 -31.44
C ARG E 114 -68.89 -2.33 -32.69
N ASP E 115 -67.84 -3.15 -32.69
CA ASP E 115 -67.72 -4.14 -33.74
C ASP E 115 -67.92 -5.54 -33.18
N LEU E 116 -68.25 -5.64 -31.90
CA LEU E 116 -68.77 -6.90 -31.39
C LEU E 116 -70.22 -7.06 -31.81
N THR E 117 -70.92 -5.94 -32.00
CA THR E 117 -72.37 -5.96 -32.21
C THR E 117 -72.74 -6.56 -33.54
N THR E 118 -71.78 -6.63 -34.48
CA THR E 118 -72.09 -7.17 -35.79
C THR E 118 -71.89 -8.68 -35.83
N ASP E 119 -71.12 -9.22 -34.89
CA ASP E 119 -70.72 -10.62 -34.97
C ASP E 119 -71.49 -11.52 -34.03
N THR E 120 -72.48 -11.00 -33.33
CA THR E 120 -73.56 -11.80 -32.79
C THR E 120 -74.78 -11.53 -33.66
N ILE E 121 -75.92 -12.12 -33.30
CA ILE E 121 -76.90 -12.72 -34.21
C ILE E 121 -77.17 -11.97 -35.52
N GLY E 122 -77.45 -10.67 -35.47
CA GLY E 122 -78.00 -9.97 -36.61
C GLY E 122 -79.45 -10.36 -36.91
N VAL E 123 -80.24 -9.38 -37.30
CA VAL E 123 -81.58 -9.64 -37.80
C VAL E 123 -81.56 -9.45 -39.32
N ASN E 124 -82.13 -10.42 -40.04
CA ASN E 124 -82.15 -10.30 -41.49
C ASN E 124 -83.50 -9.80 -41.97
N ASN E 125 -84.53 -9.94 -41.14
CA ASN E 125 -85.94 -9.70 -41.46
C ASN E 125 -86.36 -10.50 -42.69
N LEU E 129 -82.14 -16.59 -36.88
CA LEU E 129 -81.77 -15.39 -37.61
C LEU E 129 -80.36 -15.52 -38.16
N ASP E 130 -79.68 -16.61 -37.79
CA ASP E 130 -78.30 -16.82 -38.17
C ASP E 130 -78.11 -18.31 -38.47
N ALA E 131 -77.04 -18.61 -39.21
CA ALA E 131 -76.74 -19.95 -39.68
C ALA E 131 -75.89 -20.74 -38.70
N ARG E 132 -75.97 -20.48 -37.40
CA ARG E 132 -75.32 -21.33 -36.42
C ARG E 132 -75.93 -22.72 -36.45
N GLY E 133 -75.07 -23.73 -36.37
CA GLY E 133 -75.57 -25.10 -36.31
C GLY E 133 -76.32 -25.37 -35.01
N ARG E 134 -75.92 -24.71 -33.93
CA ARG E 134 -76.57 -24.90 -32.64
C ARG E 134 -76.82 -23.56 -31.97
N ARG E 135 -77.98 -23.49 -31.32
CA ARG E 135 -78.15 -22.69 -30.12
C ARG E 135 -78.29 -23.68 -28.97
N ILE E 136 -77.82 -23.29 -27.79
CA ILE E 136 -77.67 -24.18 -26.65
C ILE E 136 -78.43 -23.58 -25.48
N VAL E 137 -77.93 -23.84 -24.29
CA VAL E 137 -78.48 -24.15 -22.97
C VAL E 137 -79.81 -23.51 -22.52
N ASN E 138 -80.54 -22.83 -23.43
CA ASN E 138 -82.04 -22.88 -23.65
C ASN E 138 -82.68 -21.49 -23.72
N LYS F 6 -81.19 4.82 -23.68
CA LYS F 6 -81.76 6.05 -24.21
C LYS F 6 -80.69 6.86 -24.93
N THR F 7 -79.60 6.21 -25.34
CA THR F 7 -78.69 6.89 -26.25
C THR F 7 -79.28 7.05 -27.65
N VAL F 8 -80.24 6.20 -27.98
CA VAL F 8 -81.01 6.28 -29.22
C VAL F 8 -82.48 6.30 -28.81
N LEU F 9 -83.23 7.26 -29.36
CA LEU F 9 -84.67 7.31 -29.17
C LEU F 9 -85.33 7.54 -30.51
N THR F 10 -86.61 7.18 -30.57
CA THR F 10 -87.39 7.26 -31.79
C THR F 10 -88.49 8.31 -31.60
N TYR F 11 -88.73 9.09 -32.64
CA TYR F 11 -89.65 10.22 -32.60
C TYR F 11 -90.47 10.22 -33.87
N GLN F 12 -91.72 9.79 -33.80
CA GLN F 12 -92.67 10.02 -34.88
C GLN F 12 -93.67 11.07 -34.42
N LEU F 13 -94.13 11.90 -35.36
CA LEU F 13 -94.85 13.12 -35.01
C LEU F 13 -95.67 13.60 -36.20
N ASP F 14 -96.51 14.61 -35.96
CA ASP F 14 -97.27 15.25 -37.04
C ASP F 14 -96.40 16.24 -37.83
N GLY F 15 -96.82 16.50 -39.05
CA GLY F 15 -95.99 17.26 -39.97
C GLY F 15 -95.90 18.73 -39.63
N SER F 16 -94.88 19.36 -40.21
CA SER F 16 -94.54 20.78 -40.06
C SER F 16 -94.31 21.19 -38.61
N ASN F 17 -93.89 20.23 -37.78
CA ASN F 17 -93.46 20.51 -36.42
C ASN F 17 -92.00 20.14 -36.33
N ARG F 18 -91.23 20.94 -35.60
CA ARG F 18 -89.79 20.83 -35.70
C ARG F 18 -89.08 20.91 -34.33
N ASP F 19 -89.79 21.29 -33.27
CA ASP F 19 -89.16 21.56 -31.98
C ASP F 19 -89.11 20.29 -31.10
N PHE F 20 -88.28 19.33 -31.51
CA PHE F 20 -87.99 18.17 -30.65
C PHE F 20 -86.98 18.53 -29.57
N ASN F 21 -87.18 17.96 -28.38
CA ASN F 21 -86.19 18.01 -27.32
C ASN F 21 -85.35 16.74 -27.37
N ILE F 22 -84.06 16.87 -27.07
CA ILE F 22 -83.16 15.73 -27.00
C ILE F 22 -82.58 15.67 -25.59
N PRO F 23 -82.77 14.58 -24.87
CA PRO F 23 -81.68 14.08 -24.03
C PRO F 23 -80.96 12.91 -24.69
N PHE F 24 -79.64 13.04 -24.83
CA PHE F 24 -78.83 12.08 -24.11
C PHE F 24 -77.93 12.93 -23.19
N GLU F 25 -76.90 13.53 -23.76
CA GLU F 25 -76.41 14.91 -23.79
C GLU F 25 -75.05 14.74 -24.48
N TYR F 26 -74.65 15.71 -25.28
CA TYR F 26 -73.54 15.43 -26.19
C TYR F 26 -72.25 16.10 -25.75
N LEU F 27 -71.22 15.93 -26.60
CA LEU F 27 -69.96 16.64 -26.41
C LEU F 27 -69.67 17.54 -27.61
N ALA F 28 -69.91 17.03 -28.82
CA ALA F 28 -69.81 17.80 -30.05
C ALA F 28 -71.11 17.64 -30.83
N ARG F 29 -71.46 18.69 -31.57
CA ARG F 29 -72.77 18.77 -32.21
C ARG F 29 -72.87 17.81 -33.40
N LYS F 30 -71.74 17.48 -34.00
CA LYS F 30 -71.70 16.52 -35.08
C LYS F 30 -71.73 15.08 -34.58
N PHE F 31 -71.89 14.86 -33.27
CA PHE F 31 -72.07 13.52 -32.77
C PHE F 31 -73.50 13.08 -32.88
N VAL F 32 -74.44 14.01 -32.68
CA VAL F 32 -75.83 13.73 -32.96
C VAL F 32 -76.00 13.52 -34.45
N VAL F 33 -76.30 12.30 -34.83
CA VAL F 33 -76.72 12.01 -36.19
C VAL F 33 -78.20 11.65 -36.13
N VAL F 34 -78.95 12.14 -37.11
CA VAL F 34 -80.40 12.10 -37.07
C VAL F 34 -80.86 11.69 -38.47
N THR F 35 -81.91 10.88 -38.53
CA THR F 35 -82.15 10.06 -39.70
C THR F 35 -83.59 10.19 -40.18
N LEU F 36 -83.83 9.67 -41.38
CA LEU F 36 -85.16 9.50 -41.94
C LEU F 36 -85.28 8.01 -42.25
N ILE F 37 -86.49 7.49 -42.22
CA ILE F 37 -86.76 6.19 -41.62
C ILE F 37 -87.58 5.35 -42.61
N GLY F 38 -88.10 4.21 -42.15
CA GLY F 38 -88.17 2.87 -42.68
C GLY F 38 -88.34 2.65 -44.16
N VAL F 39 -88.89 3.60 -44.92
CA VAL F 39 -88.79 3.47 -46.37
C VAL F 39 -87.35 3.65 -46.82
N ASP F 40 -86.66 4.65 -46.27
CA ASP F 40 -85.26 4.91 -46.59
C ASP F 40 -84.45 5.04 -45.32
N ARG F 41 -83.13 5.19 -45.50
CA ARG F 41 -82.18 5.44 -44.42
C ARG F 41 -81.57 6.82 -44.56
N LYS F 42 -82.38 7.83 -44.88
CA LYS F 42 -81.88 9.14 -45.26
C LYS F 42 -81.27 9.88 -44.08
N VAL F 43 -79.99 10.21 -44.21
CA VAL F 43 -79.22 10.88 -43.17
C VAL F 43 -79.00 12.31 -43.63
N LEU F 44 -79.65 13.26 -42.95
CA LEU F 44 -79.62 14.66 -43.33
C LEU F 44 -78.53 15.39 -42.57
N THR F 45 -78.00 16.45 -43.19
CA THR F 45 -76.82 17.13 -42.68
C THR F 45 -77.20 18.41 -41.96
N ILE F 46 -76.20 19.04 -41.35
CA ILE F 46 -76.46 20.09 -40.39
C ILE F 46 -76.85 21.39 -41.08
N ASN F 47 -76.04 21.87 -42.02
CA ASN F 47 -76.22 23.25 -42.46
C ASN F 47 -77.14 23.40 -43.64
N THR F 48 -77.26 22.38 -44.48
CA THR F 48 -78.38 22.30 -45.40
C THR F 48 -79.68 22.25 -44.63
N ASP F 49 -79.70 21.54 -43.50
CA ASP F 49 -80.98 21.29 -42.86
C ASP F 49 -81.10 21.82 -41.43
N TYR F 50 -80.34 21.32 -40.45
CA TYR F 50 -80.73 21.49 -39.05
C TYR F 50 -79.61 22.10 -38.21
N ARG F 51 -79.88 23.22 -37.52
CA ARG F 51 -79.05 23.60 -36.39
C ARG F 51 -79.69 23.02 -35.12
N PHE F 52 -79.05 23.20 -33.97
CA PHE F 52 -79.72 23.10 -32.68
C PHE F 52 -79.90 24.52 -32.16
N ALA F 53 -81.09 24.84 -31.65
CA ALA F 53 -81.36 26.21 -31.24
C ALA F 53 -80.97 26.47 -29.78
N THR F 54 -81.57 25.74 -28.85
CA THR F 54 -81.39 26.02 -27.43
C THR F 54 -80.46 25.02 -26.77
N ARG F 55 -79.47 24.52 -27.53
CA ARG F 55 -78.43 23.52 -27.19
C ARG F 55 -78.98 22.23 -26.56
N THR F 56 -80.30 22.03 -26.61
CA THR F 56 -80.95 20.82 -26.16
C THR F 56 -82.09 20.44 -27.08
N THR F 57 -82.42 21.27 -28.05
CA THR F 57 -83.49 21.02 -29.00
C THR F 57 -82.94 21.06 -30.40
N ILE F 58 -83.49 20.19 -31.27
CA ILE F 58 -83.00 20.14 -32.64
C ILE F 58 -83.70 21.11 -33.56
N SER F 59 -84.90 21.61 -33.19
CA SER F 59 -85.58 22.78 -33.80
C SER F 59 -85.66 22.67 -35.32
N LEU F 60 -86.19 21.54 -35.78
CA LEU F 60 -85.50 20.67 -36.75
C LEU F 60 -84.89 21.41 -37.91
N THR F 61 -85.61 21.51 -39.01
CA THR F 61 -85.17 22.28 -40.16
C THR F 61 -86.33 23.19 -40.53
N LYS F 62 -87.34 22.49 -41.02
CA LYS F 62 -88.74 22.78 -41.30
C LYS F 62 -89.20 21.43 -41.86
N ALA F 63 -90.45 21.36 -42.32
CA ALA F 63 -91.46 20.34 -42.00
C ALA F 63 -90.92 18.94 -41.74
N TRP F 64 -90.28 18.28 -42.70
CA TRP F 64 -90.68 16.93 -43.14
C TRP F 64 -91.25 16.04 -42.06
N GLY F 65 -92.47 15.59 -42.31
CA GLY F 65 -93.17 14.61 -41.50
C GLY F 65 -94.61 14.57 -41.94
N PRO F 66 -95.25 13.39 -41.85
CA PRO F 66 -94.66 12.07 -42.00
C PRO F 66 -94.78 11.60 -43.44
N ALA F 67 -95.31 12.50 -44.29
CA ALA F 67 -96.07 12.09 -45.47
C ALA F 67 -95.20 11.46 -46.56
N ASP F 68 -93.92 11.83 -46.65
CA ASP F 68 -93.08 11.32 -47.74
C ASP F 68 -92.41 10.01 -47.37
N GLY F 69 -93.21 9.06 -46.88
CA GLY F 69 -92.71 7.77 -46.44
C GLY F 69 -91.78 7.82 -45.25
N TYR F 70 -91.82 8.88 -44.46
CA TYR F 70 -90.82 9.16 -43.44
C TYR F 70 -91.52 9.23 -42.09
N THR F 71 -91.70 8.08 -41.42
CA THR F 71 -92.56 7.97 -40.25
C THR F 71 -91.85 7.41 -39.00
N THR F 72 -91.17 8.24 -38.20
CA THR F 72 -90.50 9.52 -38.52
C THR F 72 -89.21 9.35 -37.67
N ILE F 73 -88.62 10.46 -37.27
CA ILE F 73 -87.19 10.65 -36.98
C ILE F 73 -86.68 9.80 -35.82
N GLU F 74 -85.47 9.24 -35.99
CA GLU F 74 -84.74 8.52 -34.94
C GLU F 74 -83.37 9.15 -34.75
N LEU F 75 -83.28 10.16 -33.89
CA LEU F 75 -82.01 10.81 -33.64
C LEU F 75 -81.20 9.98 -32.63
N ARG F 76 -79.87 10.10 -32.70
CA ARG F 76 -79.03 9.21 -31.91
C ARG F 76 -77.64 9.80 -31.75
N ARG F 77 -76.97 9.37 -30.69
CA ARG F 77 -75.55 9.61 -30.50
C ARG F 77 -74.74 8.68 -31.38
N VAL F 78 -73.77 9.24 -32.11
CA VAL F 78 -72.59 8.51 -32.56
C VAL F 78 -71.39 9.38 -32.22
N THR F 79 -70.68 9.05 -31.13
CA THR F 79 -69.41 9.68 -30.85
C THR F 79 -68.33 9.08 -31.71
N SER F 80 -67.50 9.93 -32.31
CA SER F 80 -66.36 9.46 -33.07
C SER F 80 -65.30 8.97 -32.11
N THR F 81 -64.78 7.77 -32.38
CA THR F 81 -63.71 7.23 -31.56
C THR F 81 -62.33 7.62 -32.05
N THR F 82 -62.24 8.20 -33.24
CA THR F 82 -60.93 8.53 -33.79
C THR F 82 -60.56 9.97 -33.48
N ASP F 83 -61.48 10.88 -33.77
CA ASP F 83 -61.28 12.29 -33.45
C ASP F 83 -61.52 12.47 -31.96
N ARG F 84 -60.45 12.33 -31.19
CA ARG F 84 -60.49 12.74 -29.80
C ARG F 84 -60.66 14.25 -29.73
N LEU F 85 -61.55 14.70 -28.84
CA LEU F 85 -61.82 16.13 -28.75
C LEU F 85 -60.63 16.86 -28.15
N VAL F 86 -60.03 16.27 -27.14
CA VAL F 86 -58.85 16.87 -26.54
C VAL F 86 -57.61 16.04 -26.87
N ASP F 87 -56.57 16.72 -27.31
CA ASP F 87 -55.21 16.20 -27.30
C ASP F 87 -54.47 16.95 -26.21
N PHE F 88 -53.96 16.23 -25.23
CA PHE F 88 -53.12 16.85 -24.24
C PHE F 88 -51.77 17.14 -24.89
N THR F 89 -51.33 18.38 -24.80
CA THR F 89 -49.98 18.73 -25.18
C THR F 89 -49.17 18.98 -23.93
N ASP F 90 -47.85 19.04 -24.10
CA ASP F 90 -46.98 19.41 -23.00
C ASP F 90 -47.33 20.81 -22.54
N GLY F 91 -47.38 20.96 -21.21
CA GLY F 91 -48.23 21.96 -20.59
C GLY F 91 -47.83 23.40 -20.95
N SER F 92 -48.80 24.24 -21.39
CA SER F 92 -50.22 24.08 -21.82
C SER F 92 -51.16 23.41 -20.83
N ILE F 93 -51.40 24.15 -19.75
CA ILE F 93 -51.81 23.56 -18.48
C ILE F 93 -53.16 22.89 -18.56
N LEU F 94 -53.30 21.81 -17.81
CA LEU F 94 -54.58 21.12 -17.69
C LEU F 94 -55.56 22.03 -16.98
N ARG F 95 -56.79 22.07 -17.48
CA ARG F 95 -57.88 22.64 -16.72
C ARG F 95 -58.69 21.48 -16.18
N ALA F 96 -59.34 21.67 -15.04
CA ALA F 96 -60.02 20.55 -14.39
C ALA F 96 -61.27 20.15 -15.14
N TYR F 97 -61.78 21.06 -15.97
CA TYR F 97 -62.83 20.69 -16.91
C TYR F 97 -62.32 19.68 -17.92
N ASP F 98 -61.07 19.83 -18.34
CA ASP F 98 -60.50 18.97 -19.38
C ASP F 98 -60.30 17.54 -18.89
N LEU F 99 -59.73 17.39 -17.69
CA LEU F 99 -59.39 16.08 -17.16
C LEU F 99 -60.62 15.21 -16.98
N ASN F 100 -61.76 15.84 -16.73
CA ASN F 100 -63.01 15.11 -16.74
C ASN F 100 -63.39 14.72 -18.17
N VAL F 101 -63.60 15.71 -19.06
CA VAL F 101 -64.17 15.51 -20.40
C VAL F 101 -63.39 14.48 -21.21
N ALA F 102 -62.10 14.38 -20.94
CA ALA F 102 -61.24 13.33 -21.49
C ALA F 102 -61.78 11.93 -21.16
N GLN F 103 -62.02 11.64 -19.88
CA GLN F 103 -62.54 10.34 -19.52
C GLN F 103 -64.04 10.27 -19.70
N ILE F 104 -64.70 11.42 -19.84
CA ILE F 104 -66.15 11.44 -20.02
C ILE F 104 -66.54 10.91 -21.40
N GLN F 105 -65.78 11.26 -22.42
CA GLN F 105 -66.12 10.88 -23.79
C GLN F 105 -65.96 9.38 -24.00
N THR F 106 -64.93 8.80 -23.41
CA THR F 106 -64.67 7.38 -23.64
C THR F 106 -65.62 6.50 -22.84
N MET F 107 -66.34 7.08 -21.88
CA MET F 107 -67.42 6.36 -21.23
C MET F 107 -68.67 6.39 -22.07
N HIS F 108 -68.74 7.30 -23.03
CA HIS F 108 -69.98 7.49 -23.79
C HIS F 108 -70.05 6.59 -25.00
N VAL F 109 -68.89 6.20 -25.54
CA VAL F 109 -68.88 5.14 -26.54
C VAL F 109 -69.38 3.86 -25.93
N ALA F 110 -69.01 3.59 -24.67
CA ALA F 110 -69.44 2.39 -23.97
C ALA F 110 -70.94 2.38 -23.73
N GLU F 111 -71.48 3.50 -23.25
CA GLU F 111 -72.93 3.61 -23.07
C GLU F 111 -73.66 3.57 -24.41
N GLU F 112 -73.00 4.02 -25.48
CA GLU F 112 -73.55 3.85 -26.81
C GLU F 112 -73.51 2.39 -27.23
N ALA F 113 -72.37 1.74 -26.95
CA ALA F 113 -72.09 0.42 -27.54
C ALA F 113 -72.98 -0.66 -26.98
N ARG F 114 -73.31 -0.59 -25.70
CA ARG F 114 -74.13 -1.64 -25.11
C ARG F 114 -75.56 -1.56 -25.59
N ASP F 115 -76.03 -0.34 -25.89
CA ASP F 115 -77.46 -0.14 -26.06
C ASP F 115 -77.94 -0.58 -27.43
N LEU F 116 -77.08 -0.51 -28.45
CA LEU F 116 -77.51 -1.00 -29.75
C LEU F 116 -77.33 -2.51 -29.85
N THR F 117 -76.65 -3.12 -28.88
CA THR F 117 -76.64 -4.57 -28.78
C THR F 117 -77.89 -5.08 -28.08
N THR F 118 -78.40 -4.30 -27.14
CA THR F 118 -79.63 -4.67 -26.43
C THR F 118 -80.87 -4.49 -27.30
N ASP F 119 -80.73 -3.92 -28.49
CA ASP F 119 -81.89 -3.68 -29.33
C ASP F 119 -82.20 -4.87 -30.22
N THR F 120 -81.17 -5.61 -30.64
CA THR F 120 -81.33 -7.01 -31.01
C THR F 120 -81.53 -7.78 -29.71
N ILE F 121 -81.71 -9.10 -29.75
CA ILE F 121 -82.67 -9.91 -28.97
C ILE F 121 -82.79 -9.61 -27.45
N GLY F 122 -82.01 -8.67 -26.93
CA GLY F 122 -82.48 -7.98 -25.73
C GLY F 122 -81.79 -8.51 -24.52
N VAL F 123 -82.21 -8.05 -23.35
CA VAL F 123 -81.75 -8.71 -22.13
C VAL F 123 -82.98 -9.08 -21.33
N ASN F 124 -84.03 -8.27 -21.44
CA ASN F 124 -85.15 -8.34 -20.52
C ASN F 124 -86.39 -7.83 -21.25
N ASN G 3 -7.46 -24.05 -67.96
CA ASN G 3 -7.19 -24.63 -66.64
C ASN G 3 -7.45 -23.62 -65.53
N VAL G 4 -8.37 -23.89 -64.61
CA VAL G 4 -9.28 -25.04 -64.62
C VAL G 4 -10.67 -24.41 -64.54
N ILE G 5 -11.70 -25.09 -65.05
CA ILE G 5 -13.05 -24.55 -65.05
C ILE G 5 -13.58 -24.48 -63.62
N LYS G 6 -14.01 -23.28 -63.20
CA LYS G 6 -14.44 -23.04 -61.84
C LYS G 6 -15.94 -22.79 -61.69
N THR G 7 -16.62 -22.38 -62.75
CA THR G 7 -18.00 -21.93 -62.61
C THR G 7 -18.98 -22.67 -63.49
N VAL G 8 -18.50 -23.52 -64.41
CA VAL G 8 -19.35 -24.50 -65.08
C VAL G 8 -19.03 -25.84 -64.43
N LEU G 9 -20.05 -26.61 -64.09
CA LEU G 9 -19.79 -27.88 -63.43
C LEU G 9 -20.84 -28.90 -63.80
N THR G 10 -20.38 -30.12 -64.03
CA THR G 10 -21.20 -31.22 -64.53
C THR G 10 -21.14 -32.36 -63.52
N TYR G 11 -22.15 -32.45 -62.67
CA TYR G 11 -22.18 -33.55 -61.73
C TYR G 11 -22.74 -34.80 -62.39
N GLN G 12 -22.23 -35.95 -61.98
CA GLN G 12 -22.81 -37.23 -62.36
C GLN G 12 -24.19 -37.30 -61.73
N LEU G 13 -25.20 -37.50 -62.57
CA LEU G 13 -26.57 -37.45 -62.10
C LEU G 13 -26.90 -38.66 -61.25
N ASP G 14 -26.49 -39.85 -61.70
CA ASP G 14 -26.30 -41.04 -60.86
C ASP G 14 -27.61 -41.53 -60.23
N GLY G 15 -28.54 -41.91 -61.09
CA GLY G 15 -29.79 -42.48 -60.61
C GLY G 15 -30.65 -41.46 -59.89
N SER G 16 -31.19 -41.89 -58.76
CA SER G 16 -32.00 -41.01 -57.92
C SER G 16 -31.09 -40.37 -56.86
N ASN G 17 -30.56 -39.20 -57.18
CA ASN G 17 -29.95 -38.30 -56.21
C ASN G 17 -30.56 -36.94 -56.43
N ARG G 18 -31.05 -36.32 -55.35
CA ARG G 18 -31.89 -35.15 -55.48
C ARG G 18 -31.12 -33.86 -55.32
N ASP G 19 -29.93 -33.91 -54.76
CA ASP G 19 -29.40 -32.77 -54.02
C ASP G 19 -27.90 -32.58 -54.26
N PHE G 20 -27.56 -31.45 -54.87
CA PHE G 20 -26.21 -31.17 -55.34
C PHE G 20 -25.72 -29.84 -54.76
N ASN G 21 -24.41 -29.67 -54.65
CA ASN G 21 -23.83 -28.46 -54.06
C ASN G 21 -23.31 -27.51 -55.14
N ILE G 22 -23.35 -26.20 -54.88
CA ILE G 22 -22.87 -25.25 -55.87
C ILE G 22 -21.74 -24.41 -55.25
N PRO G 23 -20.48 -24.65 -55.63
CA PRO G 23 -19.36 -24.06 -54.90
C PRO G 23 -19.02 -22.63 -55.28
N PHE G 24 -19.24 -22.23 -56.53
CA PHE G 24 -18.85 -20.90 -56.96
C PHE G 24 -19.75 -19.83 -56.34
N GLU G 25 -19.30 -18.58 -56.43
CA GLU G 25 -19.88 -17.48 -55.66
C GLU G 25 -20.88 -16.67 -56.51
N TYR G 26 -21.95 -17.35 -56.93
CA TYR G 26 -23.01 -16.77 -57.76
C TYR G 26 -23.65 -15.56 -57.09
N LEU G 27 -23.83 -14.50 -57.87
CA LEU G 27 -24.22 -13.25 -57.22
C LEU G 27 -25.70 -13.20 -56.91
N ALA G 28 -26.56 -13.67 -57.80
CA ALA G 28 -27.98 -13.68 -57.48
C ALA G 28 -28.56 -14.99 -57.97
N ARG G 29 -29.78 -15.29 -57.50
CA ARG G 29 -30.39 -16.60 -57.68
C ARG G 29 -30.55 -16.97 -59.14
N LYS G 30 -31.01 -16.03 -59.96
CA LYS G 30 -31.28 -16.31 -61.37
C LYS G 30 -30.01 -16.40 -62.20
N PHE G 31 -28.85 -16.08 -61.64
CA PHE G 31 -27.61 -16.22 -62.40
C PHE G 31 -27.16 -17.65 -62.53
N VAL G 32 -27.67 -18.55 -61.70
CA VAL G 32 -27.42 -19.98 -61.82
C VAL G 32 -28.46 -20.54 -62.78
N VAL G 33 -28.03 -20.95 -63.94
CA VAL G 33 -28.85 -21.81 -64.78
C VAL G 33 -28.38 -23.23 -64.58
N VAL G 34 -29.32 -24.13 -64.33
CA VAL G 34 -29.06 -25.55 -64.24
C VAL G 34 -29.62 -26.13 -65.53
N THR G 35 -28.92 -27.09 -66.11
CA THR G 35 -29.47 -27.80 -67.27
C THR G 35 -29.24 -29.30 -67.10
N LEU G 36 -29.81 -30.04 -68.04
CA LEU G 36 -29.80 -31.49 -68.03
C LEU G 36 -29.11 -31.99 -69.28
N ILE G 37 -28.16 -32.91 -69.13
CA ILE G 37 -27.42 -33.43 -70.27
C ILE G 37 -27.81 -34.88 -70.48
N GLY G 38 -27.91 -35.30 -71.74
CA GLY G 38 -27.70 -36.70 -72.00
C GLY G 38 -28.39 -37.28 -73.21
N VAL G 39 -29.50 -36.67 -73.60
CA VAL G 39 -29.93 -36.68 -75.00
C VAL G 39 -30.18 -35.22 -75.36
N ASP G 40 -30.57 -34.42 -74.36
CA ASP G 40 -31.02 -33.06 -74.60
C ASP G 40 -30.19 -32.05 -73.83
N ARG G 41 -30.67 -30.81 -73.87
CA ARG G 41 -30.15 -29.66 -73.16
C ARG G 41 -31.29 -28.98 -72.39
N LYS G 42 -32.01 -29.77 -71.58
CA LYS G 42 -33.22 -29.29 -70.94
C LYS G 42 -32.90 -28.28 -69.84
N VAL G 43 -33.56 -27.12 -69.92
CA VAL G 43 -33.47 -26.09 -68.90
C VAL G 43 -34.72 -26.21 -68.04
N LEU G 44 -34.53 -26.01 -66.74
CA LEU G 44 -35.54 -26.26 -65.74
C LEU G 44 -35.63 -25.02 -64.84
N THR G 45 -36.85 -24.58 -64.57
CA THR G 45 -37.09 -23.27 -63.96
C THR G 45 -37.09 -23.39 -62.44
N ILE G 46 -36.88 -22.27 -61.76
CA ILE G 46 -36.48 -22.32 -60.35
C ILE G 46 -37.67 -22.67 -59.47
N ASN G 47 -38.64 -21.75 -59.35
CA ASN G 47 -39.48 -21.69 -58.14
C ASN G 47 -40.43 -22.88 -58.03
N THR G 48 -40.66 -23.59 -59.14
CA THR G 48 -41.47 -24.79 -59.16
C THR G 48 -40.64 -26.07 -59.15
N ASP G 49 -39.71 -26.20 -60.10
CA ASP G 49 -39.10 -27.49 -60.37
C ASP G 49 -37.99 -27.82 -59.37
N TYR G 50 -37.30 -26.81 -58.85
CA TYR G 50 -36.24 -27.09 -57.89
C TYR G 50 -36.08 -25.94 -56.91
N ARG G 51 -36.17 -26.25 -55.62
CA ARG G 51 -35.78 -25.20 -54.71
C ARG G 51 -34.26 -25.08 -54.68
N PHE G 52 -33.81 -23.84 -54.57
CA PHE G 52 -32.56 -23.59 -53.87
C PHE G 52 -32.79 -24.18 -52.50
N ALA G 53 -32.09 -25.26 -52.19
CA ALA G 53 -32.23 -25.91 -50.90
C ALA G 53 -31.81 -24.98 -49.78
N THR G 54 -30.58 -24.48 -49.87
CA THR G 54 -30.00 -23.58 -48.92
C THR G 54 -29.26 -22.52 -49.70
N ARG G 55 -28.34 -21.85 -49.01
CA ARG G 55 -27.40 -20.92 -49.63
C ARG G 55 -26.63 -21.56 -50.78
N THR G 56 -26.22 -22.81 -50.64
CA THR G 56 -25.24 -23.37 -51.56
C THR G 56 -25.66 -24.68 -52.19
N THR G 57 -26.95 -25.01 -52.17
CA THR G 57 -27.39 -26.36 -52.49
C THR G 57 -28.66 -26.29 -53.33
N ILE G 58 -28.71 -27.10 -54.39
CA ILE G 58 -29.87 -27.11 -55.30
C ILE G 58 -30.61 -28.44 -55.07
N SER G 59 -31.71 -28.36 -54.31
CA SER G 59 -32.59 -29.51 -54.10
C SER G 59 -33.48 -29.64 -55.32
N LEU G 60 -33.04 -30.49 -56.25
CA LEU G 60 -33.78 -30.71 -57.48
C LEU G 60 -34.88 -31.72 -57.24
N THR G 61 -36.10 -31.39 -57.66
CA THR G 61 -37.28 -32.18 -57.38
C THR G 61 -38.04 -32.47 -58.66
N LYS G 62 -37.91 -33.68 -59.20
CA LYS G 62 -37.22 -34.81 -58.59
C LYS G 62 -36.54 -35.79 -59.52
N ALA G 63 -35.50 -36.40 -58.95
CA ALA G 63 -35.04 -37.78 -59.21
C ALA G 63 -35.04 -38.17 -60.68
N TRP G 64 -34.38 -37.36 -61.51
CA TRP G 64 -34.28 -37.65 -62.93
C TRP G 64 -33.26 -38.75 -63.16
N GLY G 65 -33.34 -39.37 -64.34
CA GLY G 65 -32.25 -40.08 -64.96
C GLY G 65 -31.68 -41.30 -64.28
N PRO G 66 -30.68 -41.95 -64.93
CA PRO G 66 -30.26 -41.68 -66.30
C PRO G 66 -31.18 -42.33 -67.31
N ALA G 67 -31.73 -43.47 -66.95
CA ALA G 67 -32.79 -44.04 -67.75
C ALA G 67 -34.10 -43.34 -67.40
N ASP G 68 -34.82 -42.95 -68.44
CA ASP G 68 -35.78 -41.83 -68.67
C ASP G 68 -35.02 -40.54 -69.00
N GLY G 69 -33.75 -40.64 -69.40
CA GLY G 69 -33.22 -39.72 -70.38
C GLY G 69 -31.90 -39.00 -70.17
N TYR G 70 -31.65 -38.47 -68.98
CA TYR G 70 -30.60 -37.49 -68.81
C TYR G 70 -29.45 -38.03 -67.99
N THR G 71 -28.21 -37.85 -68.48
CA THR G 71 -27.11 -38.58 -67.85
C THR G 71 -26.40 -37.75 -66.79
N THR G 72 -26.35 -36.42 -66.92
CA THR G 72 -25.63 -35.57 -65.97
C THR G 72 -26.39 -34.27 -65.82
N ILE G 73 -26.76 -33.92 -64.59
CA ILE G 73 -27.15 -32.55 -64.28
C ILE G 73 -25.91 -31.68 -64.30
N GLU G 74 -25.98 -30.58 -65.05
CA GLU G 74 -24.91 -29.60 -64.99
C GLU G 74 -25.50 -28.24 -64.72
N LEU G 75 -24.72 -27.39 -64.07
CA LEU G 75 -25.15 -26.01 -63.89
C LEU G 75 -23.96 -25.09 -64.13
N ARG G 76 -24.26 -23.88 -64.52
CA ARG G 76 -23.26 -22.87 -64.73
C ARG G 76 -23.83 -21.53 -64.30
N ARG G 77 -22.95 -20.62 -63.97
CA ARG G 77 -23.31 -19.25 -63.70
C ARG G 77 -23.51 -18.57 -65.04
N VAL G 78 -24.57 -17.78 -65.17
CA VAL G 78 -24.71 -16.85 -66.27
C VAL G 78 -25.03 -15.50 -65.66
N THR G 79 -24.00 -14.66 -65.54
CA THR G 79 -24.17 -13.30 -65.07
C THR G 79 -24.53 -12.43 -66.26
N SER G 80 -25.55 -11.60 -66.09
CA SER G 80 -25.94 -10.68 -67.14
C SER G 80 -24.88 -9.61 -67.33
N THR G 81 -24.33 -9.52 -68.54
CA THR G 81 -23.24 -8.59 -68.78
C THR G 81 -23.75 -7.22 -69.18
N THR G 82 -25.05 -7.11 -69.45
CA THR G 82 -25.63 -5.80 -69.77
C THR G 82 -26.23 -5.18 -68.53
N ASP G 83 -27.21 -5.85 -67.93
CA ASP G 83 -27.94 -5.33 -66.78
C ASP G 83 -27.02 -5.35 -65.57
N ARG G 84 -26.40 -4.22 -65.31
CA ARG G 84 -25.63 -4.10 -64.10
C ARG G 84 -26.55 -3.99 -62.90
N LEU G 85 -26.02 -4.25 -61.71
CA LEU G 85 -26.91 -4.57 -60.61
C LEU G 85 -26.98 -3.44 -59.59
N VAL G 86 -25.91 -2.67 -59.44
CA VAL G 86 -26.02 -1.38 -58.76
C VAL G 86 -25.34 -0.35 -59.65
N ASP G 87 -26.06 0.73 -59.94
CA ASP G 87 -25.59 1.74 -60.88
C ASP G 87 -25.51 3.06 -60.14
N PHE G 88 -24.38 3.74 -60.24
CA PHE G 88 -24.23 4.90 -59.40
C PHE G 88 -24.68 6.17 -60.12
N THR G 89 -25.62 6.86 -59.49
CA THR G 89 -26.08 8.18 -59.89
C THR G 89 -25.69 9.13 -58.77
N ASP G 90 -25.72 10.43 -59.05
CA ASP G 90 -25.20 11.44 -58.12
C ASP G 90 -25.93 11.40 -56.78
N GLY G 91 -25.16 11.56 -55.71
CA GLY G 91 -25.35 10.76 -54.50
C GLY G 91 -26.69 10.99 -53.83
N SER G 92 -27.35 9.90 -53.36
CA SER G 92 -27.14 8.41 -53.47
C SER G 92 -25.78 7.83 -53.03
N ILE G 93 -25.62 7.85 -51.70
CA ILE G 93 -24.34 7.66 -51.03
C ILE G 93 -23.72 6.32 -51.38
N LEU G 94 -22.39 6.31 -51.53
CA LEU G 94 -21.66 5.07 -51.76
C LEU G 94 -21.69 4.20 -50.52
N ARG G 95 -22.13 2.97 -50.68
CA ARG G 95 -22.17 2.05 -49.56
C ARG G 95 -21.09 1.01 -49.76
N ALA G 96 -20.64 0.44 -48.65
CA ALA G 96 -19.71 -0.68 -48.69
C ALA G 96 -20.33 -1.86 -49.41
N TYR G 97 -21.63 -2.04 -49.26
CA TYR G 97 -22.36 -3.01 -50.06
C TYR G 97 -22.33 -2.64 -51.53
N ASP G 98 -22.56 -1.36 -51.84
CA ASP G 98 -22.76 -0.93 -53.23
C ASP G 98 -21.49 -1.08 -54.06
N LEU G 99 -20.36 -0.56 -53.56
CA LEU G 99 -19.12 -0.64 -54.30
C LEU G 99 -18.63 -2.08 -54.42
N ASN G 100 -18.91 -2.91 -53.41
CA ASN G 100 -18.48 -4.29 -53.48
C ASN G 100 -19.22 -5.03 -54.57
N VAL G 101 -20.57 -5.07 -54.51
CA VAL G 101 -21.42 -5.77 -55.47
C VAL G 101 -21.14 -5.31 -56.90
N ALA G 102 -20.85 -4.02 -57.07
CA ALA G 102 -20.40 -3.50 -58.35
C ALA G 102 -19.07 -4.11 -58.76
N GLN G 103 -18.13 -4.20 -57.82
CA GLN G 103 -16.87 -4.85 -58.11
C GLN G 103 -17.04 -6.36 -58.17
N ILE G 104 -17.98 -6.93 -57.39
CA ILE G 104 -18.26 -8.37 -57.42
C ILE G 104 -18.74 -8.77 -58.81
N GLN G 105 -19.65 -7.97 -59.38
CA GLN G 105 -20.34 -8.36 -60.60
C GLN G 105 -19.42 -8.36 -61.79
N THR G 106 -18.59 -7.33 -61.94
CA THR G 106 -17.67 -7.30 -63.06
C THR G 106 -16.52 -8.26 -62.87
N MET G 107 -16.29 -8.69 -61.63
CA MET G 107 -15.34 -9.77 -61.38
C MET G 107 -15.88 -11.08 -61.92
N HIS G 108 -17.20 -11.25 -61.87
CA HIS G 108 -17.80 -12.48 -62.39
C HIS G 108 -17.74 -12.53 -63.90
N VAL G 109 -18.12 -11.44 -64.56
CA VAL G 109 -18.30 -11.42 -66.01
C VAL G 109 -16.98 -11.68 -66.71
N ALA G 110 -15.91 -11.09 -66.19
CA ALA G 110 -14.58 -11.38 -66.72
C ALA G 110 -14.16 -12.81 -66.39
N GLU G 111 -14.56 -13.31 -65.22
CA GLU G 111 -14.28 -14.71 -64.90
C GLU G 111 -15.17 -15.64 -65.72
N GLU G 112 -16.45 -15.25 -65.88
CA GLU G 112 -17.36 -16.05 -66.68
C GLU G 112 -16.94 -16.11 -68.14
N ALA G 113 -16.34 -15.02 -68.64
CA ALA G 113 -15.74 -15.05 -69.97
C ALA G 113 -14.60 -16.04 -70.03
N ARG G 114 -13.58 -15.85 -69.20
CA ARG G 114 -12.37 -16.68 -69.19
C ARG G 114 -12.68 -18.14 -68.95
N ASP G 115 -13.72 -18.41 -68.16
CA ASP G 115 -14.14 -19.79 -67.95
C ASP G 115 -14.79 -20.37 -69.19
N LEU G 116 -15.66 -19.58 -69.83
CA LEU G 116 -16.41 -20.04 -71.01
C LEU G 116 -15.48 -20.38 -72.15
N THR G 117 -14.32 -19.73 -72.20
CA THR G 117 -13.40 -19.91 -73.31
C THR G 117 -12.72 -21.28 -73.27
N THR G 118 -12.46 -21.81 -72.06
CA THR G 118 -12.04 -23.20 -71.98
C THR G 118 -13.21 -24.14 -72.24
N ASP G 119 -14.43 -23.67 -71.97
CA ASP G 119 -15.59 -24.56 -71.85
C ASP G 119 -16.02 -25.12 -73.21
N THR G 120 -15.69 -24.43 -74.30
CA THR G 120 -16.19 -24.83 -75.61
C THR G 120 -15.43 -26.05 -76.15
N ILE G 121 -14.15 -25.88 -76.43
CA ILE G 121 -13.23 -26.98 -76.67
C ILE G 121 -11.86 -26.52 -76.20
N GLY G 122 -11.28 -27.28 -75.28
CA GLY G 122 -10.11 -26.78 -74.58
C GLY G 122 -9.35 -27.91 -73.92
N VAL G 123 -8.15 -27.56 -73.45
CA VAL G 123 -7.23 -28.55 -72.89
C VAL G 123 -7.78 -29.08 -71.57
N ASN G 124 -7.91 -30.41 -71.52
CA ASN G 124 -8.26 -31.13 -70.32
C ASN G 124 -6.98 -31.43 -69.56
N ASN G 125 -7.06 -31.43 -68.23
CA ASN G 125 -5.90 -31.37 -67.36
C ASN G 125 -5.11 -32.67 -67.22
N LEU G 129 -5.29 -32.42 -73.86
CA LEU G 129 -6.26 -33.09 -74.73
C LEU G 129 -7.60 -32.37 -74.69
N ASP G 130 -8.34 -32.39 -75.80
CA ASP G 130 -9.50 -31.54 -75.94
C ASP G 130 -10.77 -32.28 -75.53
N ALA G 131 -11.75 -31.50 -75.06
CA ALA G 131 -12.85 -32.06 -74.29
C ALA G 131 -14.07 -31.15 -74.39
N ARG G 132 -15.25 -31.78 -74.50
CA ARG G 132 -16.49 -31.55 -73.71
C ARG G 132 -17.55 -32.46 -74.32
N GLY G 133 -18.63 -32.75 -73.59
CA GLY G 133 -19.70 -33.62 -74.04
C GLY G 133 -20.66 -33.08 -75.09
N ARG G 134 -20.25 -32.11 -75.91
CA ARG G 134 -21.12 -31.63 -76.97
C ARG G 134 -21.01 -32.54 -78.19
N ARG G 135 -21.69 -32.14 -79.27
CA ARG G 135 -21.88 -33.04 -80.40
C ARG G 135 -20.81 -32.87 -81.47
N ILE G 136 -20.04 -31.77 -81.40
CA ILE G 136 -19.12 -31.24 -82.44
C ILE G 136 -19.69 -31.36 -83.86
N VAL G 137 -20.77 -30.63 -84.14
CA VAL G 137 -21.85 -30.96 -85.08
C VAL G 137 -21.44 -31.42 -86.48
N ASN G 138 -20.74 -30.59 -87.25
CA ASN G 138 -20.28 -31.01 -88.57
C ASN G 138 -18.84 -30.60 -88.83
N LEU G 139 -18.09 -31.50 -89.47
CA LEU G 139 -16.78 -31.22 -90.04
C LEU G 139 -16.67 -31.68 -91.48
N ALA G 140 -17.62 -32.51 -91.93
CA ALA G 140 -18.04 -32.73 -93.31
C ALA G 140 -17.11 -33.56 -94.20
N ASN G 141 -15.93 -33.95 -93.73
CA ASN G 141 -15.11 -34.84 -94.54
C ASN G 141 -14.21 -35.73 -93.70
N ALA G 142 -14.10 -36.98 -94.14
CA ALA G 142 -13.14 -37.94 -93.61
C ALA G 142 -11.99 -38.08 -94.60
N VAL G 143 -10.80 -37.70 -94.16
CA VAL G 143 -9.62 -37.81 -95.02
C VAL G 143 -8.63 -38.81 -94.43
N ILE H 5 -1.01 -9.09 -73.84
CA ILE H 5 0.22 -9.14 -74.61
C ILE H 5 1.42 -9.27 -73.66
N LYS H 6 1.87 -10.48 -73.39
CA LYS H 6 1.10 -11.71 -73.53
C LYS H 6 1.30 -12.44 -72.22
N THR H 7 0.21 -12.96 -71.64
CA THR H 7 0.33 -13.62 -70.35
C THR H 7 1.05 -14.95 -70.48
N VAL H 8 0.46 -15.88 -71.21
CA VAL H 8 0.99 -17.21 -71.39
C VAL H 8 2.15 -17.12 -72.37
N LEU H 9 3.28 -17.68 -71.97
CA LEU H 9 4.35 -18.04 -72.88
C LEU H 9 4.82 -19.44 -72.54
N THR H 10 5.68 -19.95 -73.39
CA THR H 10 6.61 -21.01 -73.06
C THR H 10 7.97 -20.54 -73.51
N TYR H 11 8.97 -20.82 -72.70
CA TYR H 11 10.35 -20.55 -73.03
C TYR H 11 10.90 -21.73 -73.82
N GLN H 12 12.22 -21.78 -73.91
CA GLN H 12 12.91 -23.03 -74.20
C GLN H 12 13.88 -23.28 -73.05
N LEU H 13 13.87 -24.50 -72.52
CA LEU H 13 14.78 -24.85 -71.45
C LEU H 13 15.68 -26.00 -71.90
N ASP H 14 16.95 -25.86 -71.58
CA ASP H 14 17.89 -26.96 -71.53
C ASP H 14 18.61 -26.85 -70.19
N GLY H 15 19.19 -27.96 -69.73
CA GLY H 15 19.78 -27.99 -68.41
C GLY H 15 20.95 -27.03 -68.25
N SER H 16 21.18 -26.64 -67.00
CA SER H 16 22.06 -25.60 -66.46
C SER H 16 21.57 -24.18 -66.74
N ASN H 17 20.43 -24.01 -67.40
CA ASN H 17 19.77 -22.73 -67.52
C ASN H 17 18.57 -22.72 -66.58
N ARG H 18 18.50 -21.71 -65.72
CA ARG H 18 17.55 -21.70 -64.62
C ARG H 18 16.93 -20.34 -64.34
N ASP H 19 17.18 -19.33 -65.18
CA ASP H 19 16.77 -17.97 -64.86
C ASP H 19 15.95 -17.37 -65.99
N PHE H 20 14.64 -17.30 -65.79
CA PHE H 20 13.66 -16.98 -66.82
C PHE H 20 12.80 -15.81 -66.37
N ASN H 21 12.50 -14.89 -67.29
CA ASN H 21 11.89 -13.63 -66.87
C ASN H 21 10.40 -13.56 -67.22
N ILE H 22 9.67 -12.67 -66.54
CA ILE H 22 8.24 -12.49 -66.81
C ILE H 22 8.01 -11.21 -67.60
N PRO H 23 7.23 -11.25 -68.68
CA PRO H 23 6.96 -10.02 -69.43
C PRO H 23 5.84 -9.17 -68.85
N PHE H 24 4.82 -9.79 -68.27
CA PHE H 24 3.68 -9.03 -67.76
C PHE H 24 4.02 -8.38 -66.41
N GLU H 25 3.00 -7.88 -65.73
CA GLU H 25 3.12 -7.48 -64.34
C GLU H 25 2.10 -8.28 -63.53
N TYR H 26 2.53 -8.76 -62.37
CA TYR H 26 1.93 -9.97 -61.84
C TYR H 26 0.83 -9.69 -60.83
N LEU H 27 0.97 -8.61 -60.07
CA LEU H 27 0.08 -7.98 -59.09
C LEU H 27 -0.03 -8.76 -57.76
N ALA H 28 0.38 -10.03 -57.68
CA ALA H 28 0.50 -10.71 -56.41
C ALA H 28 1.38 -11.93 -56.60
N ARG H 29 2.18 -12.20 -55.55
CA ARG H 29 3.28 -13.16 -55.58
C ARG H 29 2.82 -14.55 -56.02
N LYS H 30 1.57 -14.90 -55.76
CA LYS H 30 1.04 -16.22 -56.06
C LYS H 30 0.34 -16.29 -57.42
N PHE H 31 0.18 -15.18 -58.12
CA PHE H 31 -0.65 -15.20 -59.32
C PHE H 31 0.06 -15.87 -60.48
N VAL H 32 1.39 -15.78 -60.51
CA VAL H 32 2.16 -16.56 -61.48
C VAL H 32 2.10 -18.02 -61.06
N VAL H 33 1.70 -18.89 -61.98
CA VAL H 33 1.87 -20.32 -61.77
C VAL H 33 2.85 -20.82 -62.83
N VAL H 34 3.82 -21.63 -62.39
CA VAL H 34 4.94 -22.02 -63.23
C VAL H 34 4.88 -23.53 -63.39
N THR H 35 4.62 -23.98 -64.61
CA THR H 35 4.45 -25.40 -64.91
C THR H 35 5.40 -25.80 -66.02
N LEU H 36 6.32 -26.71 -65.70
CA LEU H 36 7.05 -27.45 -66.72
C LEU H 36 6.01 -28.27 -67.46
N ILE H 37 5.71 -27.89 -68.70
CA ILE H 37 4.68 -28.61 -69.46
C ILE H 37 5.20 -29.99 -69.85
N GLY H 38 6.52 -30.11 -69.98
CA GLY H 38 7.23 -31.38 -70.09
C GLY H 38 6.76 -32.26 -71.22
N VAL H 39 6.97 -33.56 -71.03
CA VAL H 39 6.05 -34.51 -71.60
C VAL H 39 4.69 -34.39 -70.91
N ASP H 40 4.71 -34.19 -69.58
CA ASP H 40 3.49 -34.21 -68.79
C ASP H 40 3.45 -33.01 -67.85
N ARG H 41 2.23 -32.63 -67.48
CA ARG H 41 2.02 -31.43 -66.69
C ARG H 41 2.49 -31.62 -65.26
N LYS H 42 3.21 -30.63 -64.75
CA LYS H 42 3.73 -30.65 -63.40
C LYS H 42 3.77 -29.22 -62.91
N VAL H 43 3.12 -28.97 -61.78
CA VAL H 43 3.02 -27.65 -61.20
C VAL H 43 4.15 -27.51 -60.17
N LEU H 44 4.78 -26.34 -60.14
CA LEU H 44 5.98 -26.10 -59.35
C LEU H 44 5.62 -25.16 -58.19
N THR H 45 6.42 -25.18 -57.12
CA THR H 45 5.94 -24.69 -55.83
C THR H 45 6.85 -23.60 -55.24
N ILE H 46 6.18 -22.57 -54.69
CA ILE H 46 6.66 -21.18 -54.60
C ILE H 46 8.03 -21.04 -53.93
N ASN H 47 8.43 -22.00 -53.10
CA ASN H 47 9.76 -21.91 -52.49
C ASN H 47 10.64 -23.11 -52.80
N THR H 48 10.07 -24.29 -53.06
CA THR H 48 10.87 -25.51 -53.24
C THR H 48 11.80 -25.41 -54.43
N ASP H 49 11.30 -24.86 -55.52
CA ASP H 49 11.92 -25.12 -56.81
C ASP H 49 12.14 -23.87 -57.65
N TYR H 50 11.22 -22.91 -57.62
CA TYR H 50 11.48 -21.61 -58.23
C TYR H 50 11.31 -20.49 -57.21
N ARG H 51 12.28 -19.59 -57.14
CA ARG H 51 12.14 -18.36 -56.38
C ARG H 51 12.19 -17.20 -57.35
N PHE H 52 11.49 -16.12 -57.02
CA PHE H 52 11.58 -14.93 -57.86
C PHE H 52 12.89 -14.23 -57.55
N ALA H 53 13.79 -14.19 -58.54
CA ALA H 53 15.14 -13.71 -58.30
C ALA H 53 15.22 -12.19 -58.15
N THR H 54 14.53 -11.44 -59.00
CA THR H 54 14.62 -9.99 -58.96
C THR H 54 13.28 -9.28 -59.14
N ARG H 55 12.17 -9.98 -58.80
CA ARG H 55 10.75 -9.65 -58.95
C ARG H 55 10.31 -9.80 -60.41
N THR H 56 11.23 -9.93 -61.35
CA THR H 56 10.83 -10.16 -62.71
C THR H 56 11.52 -11.33 -63.40
N THR H 57 12.50 -11.98 -62.77
CA THR H 57 13.04 -13.21 -63.31
C THR H 57 12.81 -14.32 -62.30
N ILE H 58 12.32 -15.46 -62.78
CA ILE H 58 12.10 -16.59 -61.89
C ILE H 58 13.37 -17.45 -61.94
N SER H 59 14.05 -17.54 -60.80
CA SER H 59 15.16 -18.47 -60.68
C SER H 59 14.60 -19.87 -60.55
N LEU H 60 15.45 -20.86 -60.75
CA LEU H 60 15.05 -22.26 -60.58
C LEU H 60 16.14 -22.98 -59.81
N THR H 61 15.76 -23.63 -58.70
CA THR H 61 16.76 -24.24 -57.83
C THR H 61 17.35 -25.50 -58.45
N LYS H 62 16.64 -26.10 -59.39
CA LYS H 62 16.93 -27.47 -59.79
C LYS H 62 17.33 -27.57 -61.26
N ALA H 63 17.14 -26.51 -62.04
CA ALA H 63 17.66 -26.35 -63.41
C ALA H 63 17.25 -27.51 -64.31
N TRP H 64 15.96 -27.61 -64.57
CA TRP H 64 15.46 -28.76 -65.29
C TRP H 64 15.88 -28.71 -66.75
N GLY H 65 16.01 -29.90 -67.31
CA GLY H 65 16.41 -30.06 -68.68
C GLY H 65 15.45 -31.01 -69.36
N PRO H 66 15.65 -31.23 -70.65
CA PRO H 66 14.85 -32.26 -71.34
C PRO H 66 15.18 -33.68 -70.91
N ALA H 67 16.32 -33.89 -70.25
CA ALA H 67 16.85 -35.24 -70.11
C ALA H 67 16.18 -35.98 -68.96
N ASP H 68 15.70 -35.28 -67.94
CA ASP H 68 14.81 -35.92 -66.99
C ASP H 68 13.35 -35.84 -67.43
N GLY H 69 13.12 -35.45 -68.68
CA GLY H 69 11.86 -35.67 -69.35
C GLY H 69 11.05 -34.44 -69.68
N TYR H 70 11.51 -33.25 -69.34
CA TYR H 70 10.63 -32.09 -69.27
C TYR H 70 11.11 -30.96 -70.16
N THR H 71 10.28 -30.57 -71.14
CA THR H 71 10.29 -29.29 -71.85
C THR H 71 8.84 -28.92 -72.11
N THR H 72 8.40 -27.73 -71.68
CA THR H 72 9.18 -26.60 -71.19
C THR H 72 8.31 -25.96 -70.09
N ILE H 73 8.88 -25.02 -69.31
CA ILE H 73 8.12 -24.13 -68.46
C ILE H 73 7.07 -23.36 -69.25
N GLU H 74 5.83 -23.43 -68.77
CA GLU H 74 4.77 -22.53 -69.21
C GLU H 74 4.32 -21.72 -68.01
N LEU H 75 4.57 -20.43 -68.02
CA LEU H 75 4.17 -19.57 -66.90
C LEU H 75 3.03 -18.68 -67.38
N ARG H 76 1.85 -18.91 -66.83
CA ARG H 76 0.73 -18.03 -67.06
C ARG H 76 0.47 -17.22 -65.80
N ARG H 77 -0.43 -16.26 -65.91
CA ARG H 77 -0.86 -15.49 -64.75
C ARG H 77 -2.33 -15.85 -64.46
N VAL H 78 -2.50 -16.93 -63.72
CA VAL H 78 -3.84 -17.27 -63.28
C VAL H 78 -4.23 -16.30 -62.18
N THR H 79 -5.33 -15.60 -62.39
CA THR H 79 -5.81 -14.63 -61.42
C THR H 79 -7.12 -15.14 -60.87
N SER H 80 -7.10 -15.48 -59.59
CA SER H 80 -8.22 -16.09 -58.89
C SER H 80 -9.42 -15.15 -58.85
N THR H 81 -10.62 -15.72 -58.86
CA THR H 81 -11.81 -14.89 -58.77
C THR H 81 -12.32 -14.82 -57.33
N THR H 82 -12.01 -15.82 -56.51
CA THR H 82 -12.50 -15.82 -55.14
C THR H 82 -11.59 -15.02 -54.24
N ASP H 83 -10.28 -15.18 -54.40
CA ASP H 83 -9.27 -14.44 -53.65
C ASP H 83 -9.15 -13.01 -54.21
N ARG H 84 -10.23 -12.24 -54.03
CA ARG H 84 -10.21 -10.85 -54.43
C ARG H 84 -9.38 -10.05 -53.45
N LEU H 85 -8.70 -9.04 -53.96
CA LEU H 85 -7.72 -8.34 -53.16
C LEU H 85 -8.33 -7.13 -52.47
N VAL H 86 -9.37 -6.57 -53.05
CA VAL H 86 -9.96 -5.33 -52.54
C VAL H 86 -11.34 -5.60 -52.01
N ASP H 87 -11.52 -5.41 -50.71
CA ASP H 87 -12.82 -5.51 -50.07
C ASP H 87 -13.14 -4.20 -49.37
N PHE H 88 -14.33 -3.69 -49.62
CA PHE H 88 -14.78 -2.45 -49.01
C PHE H 88 -15.70 -2.79 -47.87
N THR H 89 -15.18 -2.66 -46.66
CA THR H 89 -16.01 -2.81 -45.47
C THR H 89 -16.64 -1.46 -45.15
N ASP H 90 -17.50 -1.44 -44.14
CA ASP H 90 -17.99 -0.18 -43.60
C ASP H 90 -16.81 0.64 -43.10
N GLY H 91 -16.93 1.95 -43.28
CA GLY H 91 -15.76 2.78 -43.53
C GLY H 91 -14.77 2.80 -42.38
N SER H 92 -13.48 2.50 -42.64
CA SER H 92 -12.70 2.17 -43.87
C SER H 92 -12.87 3.11 -45.07
N ILE H 93 -12.35 4.32 -44.90
CA ILE H 93 -12.33 5.37 -45.92
C ILE H 93 -11.86 4.81 -47.25
N LEU H 94 -12.59 5.10 -48.32
CA LEU H 94 -12.25 4.53 -49.61
C LEU H 94 -11.06 5.31 -50.14
N ARG H 95 -9.88 4.71 -50.06
CA ARG H 95 -8.76 5.32 -50.73
C ARG H 95 -8.96 5.20 -52.23
N ALA H 96 -8.32 6.11 -52.97
CA ALA H 96 -8.28 5.97 -54.42
C ALA H 96 -7.50 4.74 -54.80
N TYR H 97 -6.48 4.40 -54.01
CA TYR H 97 -5.68 3.21 -54.26
C TYR H 97 -6.52 1.93 -54.14
N ASP H 98 -7.50 1.94 -53.24
CA ASP H 98 -8.35 0.76 -53.05
C ASP H 98 -9.23 0.53 -54.28
N LEU H 99 -9.90 1.58 -54.75
CA LEU H 99 -10.75 1.46 -55.93
C LEU H 99 -9.94 1.20 -57.18
N ASN H 100 -8.69 1.66 -57.21
CA ASN H 100 -7.82 1.39 -58.34
C ASN H 100 -7.50 -0.10 -58.44
N VAL H 101 -7.02 -0.70 -57.36
CA VAL H 101 -6.58 -2.10 -57.40
C VAL H 101 -7.76 -3.04 -57.62
N ALA H 102 -8.96 -2.59 -57.26
CA ALA H 102 -10.17 -3.35 -57.57
C ALA H 102 -10.43 -3.39 -59.07
N GLN H 103 -10.32 -2.25 -59.75
CA GLN H 103 -10.52 -2.26 -61.20
C GLN H 103 -9.25 -2.71 -61.92
N ILE H 104 -8.10 -2.69 -61.25
CA ILE H 104 -6.89 -3.20 -61.88
C ILE H 104 -6.97 -4.72 -61.99
N GLN H 105 -7.36 -5.38 -60.91
CA GLN H 105 -7.30 -6.84 -60.83
C GLN H 105 -8.34 -7.48 -61.72
N THR H 106 -9.49 -6.83 -61.91
CA THR H 106 -10.54 -7.46 -62.68
C THR H 106 -10.32 -7.30 -64.19
N MET H 107 -9.49 -6.34 -64.59
CA MET H 107 -9.03 -6.29 -65.97
C MET H 107 -8.01 -7.39 -66.22
N HIS H 108 -7.24 -7.72 -65.20
CA HIS H 108 -6.20 -8.74 -65.32
C HIS H 108 -6.78 -10.10 -65.60
N VAL H 109 -7.99 -10.35 -65.12
CA VAL H 109 -8.69 -11.59 -65.46
C VAL H 109 -9.15 -11.55 -66.90
N ALA H 110 -9.68 -10.40 -67.32
CA ALA H 110 -10.32 -10.30 -68.62
C ALA H 110 -9.30 -10.37 -69.74
N GLU H 111 -8.07 -9.93 -69.49
CA GLU H 111 -7.06 -10.09 -70.51
C GLU H 111 -6.49 -11.50 -70.49
N GLU H 112 -6.52 -12.17 -69.33
CA GLU H 112 -6.13 -13.58 -69.27
C GLU H 112 -7.06 -14.45 -70.10
N ALA H 113 -8.29 -13.98 -70.31
CA ALA H 113 -9.19 -14.64 -71.23
C ALA H 113 -8.74 -14.49 -72.68
N ARG H 114 -8.01 -13.40 -73.00
CA ARG H 114 -7.63 -13.18 -74.39
C ARG H 114 -6.31 -13.83 -74.73
N ASP H 115 -5.62 -14.40 -73.73
CA ASP H 115 -4.53 -15.30 -74.06
C ASP H 115 -4.90 -16.74 -73.73
N LEU H 116 -6.17 -16.98 -73.40
CA LEU H 116 -6.66 -18.34 -73.41
C LEU H 116 -6.98 -18.77 -74.83
N THR H 117 -7.35 -17.80 -75.69
CA THR H 117 -7.86 -18.10 -77.01
C THR H 117 -6.79 -18.67 -77.92
N THR H 118 -5.51 -18.49 -77.56
CA THR H 118 -4.44 -18.98 -78.41
C THR H 118 -4.06 -20.41 -78.04
N ASP H 119 -4.43 -20.85 -76.85
CA ASP H 119 -3.95 -22.13 -76.34
C ASP H 119 -5.01 -23.23 -76.38
N THR H 120 -6.17 -22.94 -76.97
CA THR H 120 -7.04 -23.98 -77.49
C THR H 120 -6.95 -23.90 -79.00
N ILE H 121 -7.73 -24.74 -79.70
CA ILE H 121 -7.34 -25.46 -80.91
C ILE H 121 -6.48 -24.69 -81.92
N GLY H 122 -6.88 -23.48 -82.31
CA GLY H 122 -6.28 -22.84 -83.47
C GLY H 122 -6.69 -23.49 -84.78
N VAL H 123 -6.91 -22.66 -85.80
CA VAL H 123 -7.11 -23.17 -87.15
C VAL H 123 -5.84 -22.89 -87.95
N ASN H 124 -5.34 -23.91 -88.64
CA ASN H 124 -4.15 -23.71 -89.45
C ASN H 124 -4.51 -23.45 -90.90
N ASN H 125 -5.73 -23.83 -91.29
CA ASN H 125 -6.21 -23.87 -92.67
C ASN H 125 -5.27 -24.69 -93.55
N LEU H 129 -7.11 -30.14 -86.14
CA LEU H 129 -6.48 -28.83 -86.35
C LEU H 129 -5.28 -28.65 -85.43
N ASP H 130 -5.07 -29.61 -84.54
CA ASP H 130 -4.02 -29.53 -83.55
C ASP H 130 -3.45 -30.93 -83.33
N ALA H 131 -2.23 -30.97 -82.81
CA ALA H 131 -1.49 -32.20 -82.60
C ALA H 131 -1.75 -32.86 -81.26
N ARG H 132 -2.95 -32.69 -80.69
CA ARG H 132 -3.32 -33.46 -79.51
C ARG H 132 -3.38 -34.94 -79.87
N GLY H 133 -2.84 -35.77 -78.98
CA GLY H 133 -2.92 -37.20 -79.19
C GLY H 133 -4.35 -37.72 -79.10
N ARG H 134 -5.18 -37.06 -78.29
CA ARG H 134 -6.57 -37.44 -78.14
C ARG H 134 -7.46 -36.20 -78.19
N ARG H 135 -8.62 -36.38 -78.80
CA ARG H 135 -9.83 -35.69 -78.41
C ARG H 135 -10.76 -36.75 -77.84
N ILE H 136 -11.57 -36.36 -76.86
CA ILE H 136 -12.33 -37.28 -76.03
C ILE H 136 -13.80 -36.88 -76.12
N VAL H 137 -14.53 -37.14 -75.04
CA VAL H 137 -15.87 -37.62 -74.77
C VAL H 137 -17.03 -37.29 -75.74
N ASN H 138 -16.74 -36.71 -76.92
CA ASN H 138 -17.29 -37.06 -78.30
C ASN H 138 -17.78 -35.84 -79.08
N LYS I 6 -21.20 -9.86 -81.49
CA LYS I 6 -21.23 -8.71 -82.38
C LYS I 6 -20.23 -7.64 -81.90
N THR I 7 -19.23 -8.05 -81.13
CA THR I 7 -18.10 -7.16 -80.91
C THR I 7 -17.24 -7.02 -82.15
N VAL I 8 -17.31 -8.01 -83.04
CA VAL I 8 -16.67 -7.99 -84.35
C VAL I 8 -17.77 -8.28 -85.36
N LEU I 9 -17.78 -7.51 -86.46
CA LEU I 9 -18.65 -7.78 -87.59
C LEU I 9 -17.88 -7.62 -88.88
N THR I 10 -18.42 -8.21 -89.94
CA THR I 10 -17.78 -8.21 -91.24
C THR I 10 -18.66 -7.42 -92.21
N TYR I 11 -18.01 -6.62 -93.06
CA TYR I 11 -18.68 -5.72 -93.97
C TYR I 11 -18.01 -5.80 -95.33
N GLN I 12 -18.63 -6.46 -96.28
CA GLN I 12 -18.22 -6.35 -97.67
C GLN I 12 -19.29 -5.54 -98.41
N LEU I 13 -18.86 -4.76 -99.39
CA LEU I 13 -19.72 -3.72 -99.97
C LEU I 13 -19.22 -3.37 -101.36
N ASP I 14 -20.00 -2.55 -102.07
CA ASP I 14 -19.58 -2.00 -103.35
C ASP I 14 -18.63 -0.82 -103.17
N GLY I 15 -17.77 -0.61 -104.17
CA GLY I 15 -16.70 0.35 -104.03
C GLY I 15 -17.17 1.79 -104.04
N SER I 16 -16.26 2.65 -103.56
CA SER I 16 -16.45 4.11 -103.42
C SER I 16 -17.63 4.47 -102.52
N ASN I 17 -18.00 3.57 -101.62
CA ASN I 17 -18.97 3.84 -100.58
C ASN I 17 -18.25 3.76 -99.26
N ARG I 18 -18.62 4.65 -98.34
CA ARG I 18 -17.80 4.84 -97.15
C ARG I 18 -18.61 4.96 -95.87
N ASP I 19 -19.93 5.15 -95.96
CA ASP I 19 -20.78 5.43 -94.79
C ASP I 19 -21.29 4.15 -94.13
N PHE I 20 -20.39 3.40 -93.49
CA PHE I 20 -20.80 2.28 -92.65
C PHE I 20 -21.27 2.75 -91.29
N ASN I 21 -22.27 2.06 -90.75
CA ASN I 21 -22.70 2.24 -89.37
C ASN I 21 -22.05 1.19 -88.50
N ILE I 22 -21.67 1.55 -87.28
CA ILE I 22 -21.12 0.62 -86.31
C ILE I 22 -22.02 0.60 -85.07
N PRO I 23 -22.56 -0.54 -84.71
CA PRO I 23 -22.63 -0.86 -83.28
C PRO I 23 -21.51 -1.83 -82.88
N PHE I 24 -20.75 -1.45 -81.87
CA PHE I 24 -20.81 -2.30 -80.70
C PHE I 24 -21.29 -1.37 -79.58
N GLU I 25 -20.40 -0.51 -79.07
CA GLU I 25 -20.36 0.93 -78.86
C GLU I 25 -19.10 1.10 -78.04
N TYR I 26 -18.38 2.20 -78.23
CA TYR I 26 -17.02 2.20 -77.73
C TYR I 26 -16.83 3.09 -76.51
N LEU I 27 -15.57 3.19 -76.08
CA LEU I 27 -15.19 4.14 -75.03
C LEU I 27 -14.16 5.13 -75.55
N ALA I 28 -13.16 4.65 -76.28
CA ALA I 28 -12.18 5.49 -76.95
C ALA I 28 -12.15 5.12 -78.43
N ARG I 29 -11.85 6.13 -79.25
CA ARG I 29 -11.94 5.97 -80.70
C ARG I 29 -10.83 5.10 -81.24
N LYS I 30 -9.70 5.05 -80.54
CA LYS I 30 -8.60 4.18 -80.92
C LYS I 30 -8.83 2.74 -80.47
N PHE I 31 -10.01 2.41 -79.95
CA PHE I 31 -10.32 1.03 -79.64
C PHE I 31 -10.88 0.32 -80.84
N VAL I 32 -11.63 1.04 -81.67
CA VAL I 32 -12.05 0.50 -82.95
C VAL I 32 -10.83 0.35 -83.84
N VAL I 33 -10.47 -0.89 -84.14
CA VAL I 33 -9.47 -1.17 -85.15
C VAL I 33 -10.20 -1.81 -86.32
N VAL I 34 -9.81 -1.44 -87.52
CA VAL I 34 -10.56 -1.76 -88.72
C VAL I 34 -9.54 -2.15 -89.79
N THR I 35 -9.88 -3.15 -90.59
CA THR I 35 -8.88 -3.92 -91.29
C THR I 35 -9.19 -4.06 -92.76
N LEU I 36 -8.21 -4.55 -93.51
CA LEU I 36 -8.34 -4.94 -94.90
C LEU I 36 -7.90 -6.39 -94.96
N ILE I 37 -8.46 -7.15 -95.91
CA ILE I 37 -8.90 -8.51 -95.67
C ILE I 37 -8.34 -9.41 -96.78
N GLY I 38 -8.84 -10.66 -96.83
CA GLY I 38 -8.24 -11.97 -97.01
C GLY I 38 -6.98 -12.09 -97.84
N VAL I 39 -6.76 -11.26 -98.86
CA VAL I 39 -5.45 -11.28 -99.51
C VAL I 39 -4.38 -10.77 -98.54
N ASP I 40 -4.67 -9.70 -97.81
CA ASP I 40 -3.73 -9.15 -96.85
C ASP I 40 -4.42 -8.94 -95.51
N ARG I 41 -3.64 -8.52 -94.53
CA ARG I 41 -4.14 -8.16 -93.20
C ARG I 41 -3.93 -6.68 -92.91
N LYS I 42 -4.20 -5.83 -93.90
CA LYS I 42 -3.84 -4.42 -93.83
C LYS I 42 -4.68 -3.67 -92.81
N VAL I 43 -4.01 -3.07 -91.83
CA VAL I 43 -4.63 -2.35 -90.73
C VAL I 43 -4.37 -0.87 -90.95
N LEU I 44 -5.41 -0.11 -91.26
CA LEU I 44 -5.28 1.28 -91.64
C LEU I 44 -5.48 2.18 -90.41
N THR I 45 -4.85 3.34 -90.46
CA THR I 45 -4.79 4.23 -89.30
C THR I 45 -5.80 5.35 -89.42
N ILE I 46 -5.97 6.07 -88.32
CA ILE I 46 -7.08 7.00 -88.16
C ILE I 46 -6.88 8.24 -89.02
N ASN I 47 -5.83 9.00 -88.77
CA ASN I 47 -5.79 10.35 -89.33
C ASN I 47 -5.25 10.40 -90.75
N THR I 48 -4.42 9.44 -91.15
CA THR I 48 -4.12 9.26 -92.55
C THR I 48 -5.39 8.89 -93.31
N ASP I 49 -6.24 8.07 -92.71
CA ASP I 49 -7.35 7.53 -93.46
C ASP I 49 -8.74 7.90 -92.92
N TYR I 50 -9.11 7.50 -91.71
CA TYR I 50 -10.53 7.51 -91.33
C TYR I 50 -10.76 8.27 -90.01
N ARG I 51 -11.62 9.29 -90.04
CA ARG I 51 -12.29 9.71 -88.81
C ARG I 51 -13.65 9.04 -88.73
N PHE I 52 -14.26 9.03 -87.55
CA PHE I 52 -15.69 8.77 -87.43
C PHE I 52 -16.39 10.11 -87.55
N ALA I 53 -17.48 10.17 -88.30
CA ALA I 53 -18.17 11.44 -88.48
C ALA I 53 -19.25 11.69 -87.43
N THR I 54 -20.24 10.81 -87.33
CA THR I 54 -21.41 11.05 -86.50
C THR I 54 -21.37 10.23 -85.22
N ARG I 55 -20.16 9.96 -84.72
CA ARG I 55 -19.80 9.16 -83.52
C ARG I 55 -20.44 7.77 -83.48
N THR I 56 -21.02 7.32 -84.58
CA THR I 56 -21.53 5.97 -84.73
C THR I 56 -21.25 5.44 -86.12
N THR I 57 -20.71 6.25 -87.02
CA THR I 57 -20.42 5.85 -88.39
C THR I 57 -18.95 6.09 -88.68
N ILE I 58 -18.35 5.18 -89.44
CA ILE I 58 -16.92 5.30 -89.72
C ILE I 58 -16.63 6.15 -90.94
N SER I 59 -17.61 6.40 -91.81
CA SER I 59 -17.60 7.43 -92.88
C SER I 59 -16.33 7.41 -93.71
N LEU I 60 -16.02 6.23 -94.25
CA LEU I 60 -14.73 5.57 -94.06
C LEU I 60 -13.54 6.50 -94.25
N THR I 61 -12.99 6.53 -95.45
CA THR I 61 -11.92 7.45 -95.77
C THR I 61 -12.33 8.13 -97.07
N LYS I 62 -12.32 7.27 -98.07
CA LYS I 62 -12.83 7.30 -99.43
C LYS I 62 -12.37 5.92 -99.92
N ALA I 63 -12.60 5.63 -101.19
CA ALA I 63 -13.21 4.40 -101.73
C ALA I 63 -12.95 3.12 -100.94
N TRP I 64 -11.70 2.66 -100.79
CA TRP I 64 -11.30 1.31 -101.18
C TRP I 64 -12.39 0.24 -101.00
N GLY I 65 -12.69 -0.42 -102.11
CA GLY I 65 -13.57 -1.57 -102.14
C GLY I 65 -13.90 -1.86 -103.59
N PRO I 66 -14.11 -3.14 -103.94
CA PRO I 66 -13.48 -4.31 -103.33
C PRO I 66 -12.24 -4.69 -104.13
N ALA I 67 -11.92 -3.86 -105.12
CA ALA I 67 -11.20 -4.31 -106.31
C ALA I 67 -9.75 -4.68 -106.05
N ASP I 68 -9.11 -4.04 -105.07
CA ASP I 68 -7.67 -4.29 -104.84
C ASP I 68 -7.45 -5.48 -103.90
N GLY I 69 -8.10 -6.60 -104.20
CA GLY I 69 -7.99 -7.80 -103.37
C GLY I 69 -8.55 -7.67 -101.98
N TYR I 70 -9.43 -6.69 -101.74
CA TYR I 70 -9.84 -6.30 -100.41
C TYR I 70 -11.36 -6.46 -100.32
N THR I 71 -11.83 -7.66 -99.97
CA THR I 71 -13.26 -8.02 -100.07
C THR I 71 -13.86 -8.50 -98.75
N THR I 72 -14.34 -7.61 -97.87
CA THR I 72 -13.95 -6.21 -97.65
C THR I 72 -14.01 -6.18 -96.10
N ILE I 73 -14.24 -4.99 -95.54
CA ILE I 73 -13.80 -4.55 -94.22
C ILE I 73 -14.41 -5.32 -93.06
N GLU I 74 -13.57 -5.62 -92.05
CA GLU I 74 -14.00 -6.24 -90.79
C GLU I 74 -13.56 -5.36 -89.61
N LEU I 75 -14.40 -4.41 -89.24
CA LEU I 75 -14.07 -3.54 -88.11
C LEU I 75 -14.40 -4.26 -86.80
N ARG I 76 -13.70 -3.89 -85.74
CA ARG I 76 -13.82 -4.62 -84.49
C ARG I 76 -13.35 -3.78 -83.31
N ARG I 77 -13.84 -4.13 -82.13
CA ARG I 77 -13.34 -3.61 -80.87
C ARG I 77 -12.03 -4.29 -80.50
N VAL I 78 -11.03 -3.50 -80.14
CA VAL I 78 -9.94 -3.94 -79.28
C VAL I 78 -9.78 -2.88 -78.20
N THR I 79 -10.30 -3.14 -77.01
CA THR I 79 -10.02 -2.29 -75.86
C THR I 79 -8.65 -2.63 -75.30
N SER I 80 -7.84 -1.60 -75.06
CA SER I 80 -6.54 -1.80 -74.42
C SER I 80 -6.76 -2.10 -72.95
N THR I 81 -6.12 -3.17 -72.47
CA THR I 81 -6.19 -3.51 -71.06
C THR I 81 -5.13 -2.83 -70.24
N THR I 82 -4.13 -2.21 -70.86
CA THR I 82 -3.05 -1.61 -70.12
C THR I 82 -3.34 -0.15 -69.84
N ASP I 83 -3.69 0.59 -70.89
CA ASP I 83 -4.08 1.98 -70.75
C ASP I 83 -5.49 2.02 -70.20
N ARG I 84 -5.60 2.05 -68.88
CA ARG I 84 -6.88 2.33 -68.24
C ARG I 84 -7.28 3.77 -68.54
N LEU I 85 -8.56 3.96 -68.85
CA LEU I 85 -9.02 5.30 -69.22
C LEU I 85 -9.03 6.22 -68.02
N VAL I 86 -9.55 5.75 -66.91
CA VAL I 86 -9.55 6.54 -65.69
C VAL I 86 -8.52 5.98 -64.71
N ASP I 87 -7.71 6.88 -64.18
CA ASP I 87 -6.98 6.64 -62.94
C ASP I 87 -7.67 7.46 -61.88
N PHE I 88 -8.14 6.79 -60.82
CA PHE I 88 -8.67 7.52 -59.70
C PHE I 88 -7.53 8.16 -58.93
N THR I 89 -7.60 9.46 -58.71
CA THR I 89 -6.67 10.12 -57.83
C THR I 89 -7.35 10.35 -56.49
N ASP I 90 -6.54 10.69 -55.49
CA ASP I 90 -7.09 11.18 -54.24
C ASP I 90 -7.90 12.44 -54.49
N GLY I 91 -8.99 12.57 -53.73
CA GLY I 91 -10.13 13.36 -54.17
C GLY I 91 -9.80 14.84 -54.35
N SER I 92 -10.24 15.46 -55.47
CA SER I 92 -10.76 14.97 -56.79
C SER I 92 -11.99 14.06 -56.79
N ILE I 93 -13.12 14.68 -56.44
CA ILE I 93 -14.36 13.96 -56.12
C ILE I 93 -14.80 13.04 -57.25
N LEU I 94 -15.40 11.92 -56.86
CA LEU I 94 -15.92 10.98 -57.82
C LEU I 94 -17.21 11.50 -58.41
N ARG I 95 -17.26 11.61 -59.73
CA ARG I 95 -18.50 11.83 -60.44
C ARG I 95 -19.11 10.47 -60.70
N ALA I 96 -20.43 10.40 -60.76
CA ALA I 96 -21.10 9.12 -60.87
C ALA I 96 -20.99 8.55 -62.26
N TYR I 97 -20.66 9.39 -63.24
CA TYR I 97 -20.32 8.89 -64.57
C TYR I 97 -19.04 8.09 -64.53
N ASP I 98 -18.09 8.49 -63.68
CA ASP I 98 -16.80 7.84 -63.62
C ASP I 98 -16.90 6.45 -63.02
N LEU I 99 -17.66 6.31 -61.93
CA LEU I 99 -17.73 5.05 -61.19
C LEU I 99 -18.33 3.94 -62.03
N ASN I 100 -19.17 4.32 -62.99
CA ASN I 100 -19.65 3.33 -63.95
C ASN I 100 -18.57 2.98 -64.96
N VAL I 101 -18.07 3.97 -65.71
CA VAL I 101 -17.16 3.75 -66.86
C VAL I 101 -15.91 2.99 -66.44
N ALA I 102 -15.51 3.12 -65.18
CA ALA I 102 -14.45 2.29 -64.59
C ALA I 102 -14.77 0.81 -64.67
N GLN I 103 -15.97 0.42 -64.26
CA GLN I 103 -16.32 -0.99 -64.30
C GLN I 103 -16.93 -1.37 -65.65
N ILE I 104 -17.30 -0.37 -66.46
CA ILE I 104 -17.88 -0.67 -67.78
C ILE I 104 -16.81 -1.18 -68.72
N GLN I 105 -15.62 -0.59 -68.68
CA GLN I 105 -14.55 -0.96 -69.60
C GLN I 105 -14.06 -2.36 -69.35
N THR I 106 -13.98 -2.77 -68.08
CA THR I 106 -13.45 -4.08 -67.76
C THR I 106 -14.49 -5.17 -68.01
N MET I 107 -15.74 -4.79 -68.26
CA MET I 107 -16.72 -5.76 -68.76
C MET I 107 -16.62 -5.91 -70.26
N HIS I 108 -15.98 -4.96 -70.94
CA HIS I 108 -15.97 -4.98 -72.39
C HIS I 108 -14.81 -5.81 -72.93
N VAL I 109 -13.73 -5.93 -72.16
CA VAL I 109 -12.71 -6.89 -72.52
C VAL I 109 -13.28 -8.29 -72.45
N ALA I 110 -14.13 -8.54 -71.46
CA ALA I 110 -14.76 -9.84 -71.28
C ALA I 110 -15.71 -10.18 -72.43
N GLU I 111 -16.54 -9.22 -72.82
CA GLU I 111 -17.43 -9.42 -73.97
C GLU I 111 -16.64 -9.54 -75.27
N GLU I 112 -15.47 -8.91 -75.33
CA GLU I 112 -14.58 -9.10 -76.47
C GLU I 112 -13.98 -10.50 -76.43
N ALA I 113 -13.54 -10.92 -75.23
CA ALA I 113 -12.70 -12.10 -75.10
C ALA I 113 -13.45 -13.38 -75.42
N ARG I 114 -14.73 -13.44 -75.07
CA ARG I 114 -15.48 -14.67 -75.32
C ARG I 114 -15.76 -14.83 -76.81
N ASP I 115 -15.93 -13.73 -77.52
CA ASP I 115 -16.53 -13.80 -78.85
C ASP I 115 -15.53 -14.23 -79.90
N LEU I 116 -14.24 -13.93 -79.71
CA LEU I 116 -13.26 -14.41 -80.67
C LEU I 116 -12.88 -15.86 -80.38
N THR I 117 -13.26 -16.37 -79.21
CA THR I 117 -13.10 -17.80 -78.95
C THR I 117 -14.24 -18.59 -79.57
N THR I 118 -15.42 -17.99 -79.64
CA THR I 118 -16.57 -18.67 -80.23
C THR I 118 -16.49 -18.71 -81.76
N ASP I 119 -15.50 -18.03 -82.35
CA ASP I 119 -15.41 -17.99 -83.81
C ASP I 119 -14.62 -19.17 -84.35
N THR I 120 -13.61 -19.64 -83.61
CA THR I 120 -13.15 -21.02 -83.74
C THR I 120 -14.23 -21.90 -83.12
N ILE I 121 -14.08 -23.23 -83.13
CA ILE I 121 -15.10 -24.26 -83.43
C ILE I 121 -16.50 -24.09 -82.79
N GLY I 122 -16.72 -23.04 -82.01
CA GLY I 122 -18.07 -22.53 -81.88
C GLY I 122 -18.68 -22.98 -80.59
N VAL I 123 -19.95 -22.68 -80.39
CA VAL I 123 -20.66 -23.29 -79.28
C VAL I 123 -21.91 -23.95 -79.84
N ASN I 124 -22.45 -23.34 -80.89
CA ASN I 124 -23.79 -23.67 -81.36
C ASN I 124 -23.88 -23.25 -82.82
N ASN J 3 57.94 -20.63 -38.38
CA ASN J 3 57.02 -21.19 -37.39
C ASN J 3 55.81 -20.28 -37.18
N VAL J 4 54.59 -20.76 -37.43
CA VAL J 4 54.28 -22.06 -38.04
C VAL J 4 53.42 -21.71 -39.26
N ILE J 5 53.48 -22.52 -40.31
CA ILE J 5 52.70 -22.27 -41.52
C ILE J 5 51.21 -22.39 -41.24
N LYS J 6 50.46 -21.34 -41.58
CA LYS J 6 49.05 -21.26 -41.25
C LYS J 6 48.10 -21.30 -42.44
N THR J 7 48.59 -21.05 -43.66
CA THR J 7 47.69 -20.93 -44.79
C THR J 7 48.08 -21.80 -45.99
N VAL J 8 49.24 -22.45 -45.96
CA VAL J 8 49.55 -23.54 -46.86
C VAL J 8 49.34 -24.82 -46.06
N LEU J 9 48.69 -25.81 -46.65
CA LEU J 9 48.46 -27.05 -45.91
C LEU J 9 48.42 -28.24 -46.84
N THR J 10 49.03 -29.33 -46.40
CA THR J 10 49.23 -30.52 -47.21
C THR J 10 48.57 -31.70 -46.49
N TYR J 11 47.37 -32.06 -46.92
CA TYR J 11 46.72 -33.20 -46.31
C TYR J 11 47.20 -34.49 -46.95
N GLN J 12 47.31 -35.53 -46.13
CA GLN J 12 47.54 -36.88 -46.64
C GLN J 12 46.32 -37.27 -47.44
N LEU J 13 46.53 -37.52 -48.73
CA LEU J 13 45.43 -37.77 -49.64
C LEU J 13 44.74 -39.09 -49.33
N ASP J 14 45.54 -40.13 -49.05
CA ASP J 14 45.12 -41.33 -48.31
C ASP J 14 44.01 -42.10 -49.03
N GLY J 15 44.35 -42.58 -50.22
CA GLY J 15 43.43 -43.41 -50.97
C GLY J 15 42.21 -42.63 -51.42
N SER J 16 41.05 -43.27 -51.30
CA SER J 16 39.79 -42.62 -51.62
C SER J 16 39.26 -41.91 -50.38
N ASN J 17 39.60 -40.64 -50.24
CA ASN J 17 38.93 -39.72 -49.32
C ASN J 17 38.58 -38.49 -50.13
N ARG J 18 37.32 -38.08 -50.07
CA ARG J 18 36.81 -37.11 -51.04
C ARG J 18 36.86 -35.69 -50.50
N ASP J 19 37.00 -35.51 -49.20
CA ASP J 19 36.44 -34.35 -48.55
C ASP J 19 37.34 -33.83 -47.43
N PHE J 20 37.87 -32.62 -47.62
CA PHE J 20 38.88 -32.04 -46.74
C PHE J 20 38.41 -30.69 -46.21
N ASN J 21 38.92 -30.28 -45.04
CA ASN J 21 38.50 -29.03 -44.41
C ASN J 21 39.54 -27.93 -44.67
N ILE J 22 39.09 -26.67 -44.68
CA ILE J 22 40.01 -25.56 -44.90
C ILE J 22 39.92 -24.58 -43.73
N PRO J 23 40.93 -24.54 -42.86
CA PRO J 23 40.80 -23.77 -41.61
C PRO J 23 41.06 -22.28 -41.73
N PHE J 24 41.94 -21.85 -42.64
CA PHE J 24 42.30 -20.44 -42.73
C PHE J 24 41.15 -19.61 -43.28
N GLU J 25 41.26 -18.29 -43.12
CA GLU J 25 40.13 -17.38 -43.31
C GLU J 25 40.17 -16.69 -44.68
N TYR J 26 40.12 -17.53 -45.73
CA TYR J 26 40.19 -17.10 -47.13
C TYR J 26 39.10 -16.09 -47.48
N LEU J 27 39.48 -15.02 -48.18
CA LEU J 27 38.52 -13.95 -48.34
C LEU J 27 37.51 -14.23 -49.45
N ALA J 28 37.91 -14.84 -50.55
CA ALA J 28 36.94 -15.15 -51.58
C ALA J 28 37.33 -16.47 -52.22
N ARG J 29 36.37 -17.06 -52.95
CA ARG J 29 36.44 -18.45 -53.38
C ARG J 29 37.68 -18.74 -54.22
N LYS J 30 38.00 -17.84 -55.14
CA LYS J 30 39.11 -18.07 -56.06
C LYS J 30 40.46 -17.85 -55.41
N PHE J 31 40.52 -17.39 -54.17
CA PHE J 31 41.81 -17.23 -53.51
C PHE J 31 42.38 -18.54 -53.01
N VAL J 32 41.56 -19.58 -52.94
CA VAL J 32 42.02 -20.92 -52.59
C VAL J 32 42.40 -21.62 -53.88
N VAL J 33 43.68 -21.85 -54.09
CA VAL J 33 44.12 -22.78 -55.11
C VAL J 33 44.41 -24.11 -54.40
N VAL J 34 43.89 -25.17 -54.98
CA VAL J 34 44.15 -26.53 -54.52
C VAL J 34 45.08 -27.13 -55.56
N THR J 35 46.08 -27.90 -55.13
CA THR J 35 46.90 -28.63 -56.08
C THR J 35 47.09 -30.05 -55.60
N LEU J 36 47.81 -30.82 -56.41
CA LEU J 36 48.00 -32.25 -56.22
C LEU J 36 49.50 -32.53 -56.24
N ILE J 37 49.97 -33.29 -55.27
CA ILE J 37 51.40 -33.58 -55.15
C ILE J 37 51.63 -35.06 -55.38
N GLY J 38 52.71 -35.40 -56.09
CA GLY J 38 53.30 -36.69 -55.84
C GLY J 38 54.03 -37.36 -56.98
N VAL J 39 53.70 -36.96 -58.20
CA VAL J 39 54.66 -36.99 -59.30
C VAL J 39 54.61 -35.58 -59.90
N ASP J 40 53.44 -34.94 -59.81
CA ASP J 40 53.20 -33.69 -60.49
C ASP J 40 52.80 -32.59 -59.53
N ARG J 41 52.42 -31.46 -60.13
CA ARG J 41 51.89 -30.27 -59.47
C ARG J 41 50.56 -29.88 -60.13
N LYS J 42 49.64 -30.82 -60.20
CA LYS J 42 48.41 -30.61 -60.96
C LYS J 42 47.48 -29.62 -60.26
N VAL J 43 47.06 -28.61 -61.00
CA VAL J 43 46.08 -27.65 -60.54
C VAL J 43 44.74 -28.06 -61.13
N LEU J 44 43.69 -27.90 -60.34
CA LEU J 44 42.36 -28.41 -60.63
C LEU J 44 41.37 -27.28 -60.41
N THR J 45 40.47 -27.09 -61.37
CA THR J 45 39.62 -25.89 -61.43
C THR J 45 38.35 -26.13 -60.64
N ILE J 46 37.67 -25.03 -60.29
CA ILE J 46 36.68 -25.10 -59.21
C ILE J 46 35.38 -25.74 -59.70
N ASN J 47 34.64 -25.06 -60.58
CA ASN J 47 33.19 -25.27 -60.63
C ASN J 47 32.81 -26.61 -61.22
N THR J 48 33.75 -27.28 -61.90
CA THR J 48 33.56 -28.61 -62.43
C THR J 48 34.15 -29.68 -61.52
N ASP J 49 35.45 -29.57 -61.23
CA ASP J 49 36.18 -30.70 -60.66
C ASP J 49 35.90 -30.84 -59.16
N TYR J 50 35.69 -29.73 -58.46
CA TYR J 50 35.40 -29.83 -57.04
C TYR J 50 34.46 -28.74 -56.59
N ARG J 51 33.35 -29.13 -55.97
CA ARG J 51 32.59 -28.11 -55.30
C ARG J 51 33.29 -27.69 -54.03
N PHE J 52 33.20 -26.40 -53.74
CA PHE J 52 33.19 -25.97 -52.36
C PHE J 52 32.01 -26.68 -51.75
N ALA J 53 32.29 -27.62 -50.85
CA ALA J 53 31.22 -28.37 -50.19
C ALA J 53 30.34 -27.44 -49.39
N THR J 54 30.95 -26.73 -48.46
CA THR J 54 30.29 -25.79 -47.58
C THR J 54 31.15 -24.55 -47.51
N ARG J 55 30.93 -23.79 -46.46
CA ARG J 55 31.80 -22.69 -46.09
C ARG J 55 33.26 -23.11 -45.98
N THR J 56 33.53 -24.22 -45.32
CA THR J 56 34.90 -24.53 -44.91
C THR J 56 35.42 -25.86 -45.43
N THR J 57 34.81 -26.40 -46.48
CA THR J 57 35.09 -27.77 -46.87
C THR J 57 35.17 -27.86 -48.39
N ILE J 58 36.17 -28.58 -48.88
CA ILE J 58 36.36 -28.76 -50.34
C ILE J 58 36.00 -30.21 -50.65
N SER J 59 34.82 -30.40 -51.24
CA SER J 59 34.38 -31.70 -51.69
C SER J 59 34.99 -31.97 -53.06
N LEU J 60 36.19 -32.56 -53.04
CA LEU J 60 36.88 -32.89 -54.27
C LEU J 60 36.26 -34.12 -54.90
N THR J 61 35.98 -34.04 -56.20
CA THR J 61 35.29 -35.09 -56.93
C THR J 61 36.07 -35.46 -58.17
N LYS J 62 36.79 -36.59 -58.15
CA LYS J 62 36.79 -37.57 -57.06
C LYS J 62 38.08 -38.33 -56.85
N ALA J 63 38.23 -38.77 -55.60
CA ALA J 63 38.90 -40.00 -55.16
C ALA J 63 40.22 -40.28 -55.89
N TRP J 64 41.12 -39.31 -55.88
CA TRP J 64 42.42 -39.49 -56.50
C TRP J 64 43.30 -40.36 -55.61
N GLY J 65 44.37 -40.89 -56.21
CA GLY J 65 45.57 -41.32 -55.52
C GLY J 65 45.48 -42.45 -54.51
N PRO J 66 46.64 -42.83 -53.93
CA PRO J 66 47.97 -42.41 -54.35
C PRO J 66 48.44 -43.18 -55.58
N ALA J 67 48.01 -44.42 -55.68
CA ALA J 67 48.22 -45.16 -56.92
C ALA J 67 47.16 -44.75 -57.92
N ASP J 68 47.62 -44.43 -59.14
CA ASP J 68 47.15 -43.52 -60.21
C ASP J 68 47.62 -42.09 -59.95
N GLY J 69 48.57 -41.89 -59.03
CA GLY J 69 49.54 -40.82 -59.22
C GLY J 69 49.89 -39.85 -58.12
N TYR J 70 48.92 -39.36 -57.37
CA TYR J 70 49.15 -38.20 -56.52
C TYR J 70 49.12 -38.56 -55.04
N THR J 71 50.13 -38.10 -54.28
CA THR J 71 50.27 -38.63 -52.94
C THR J 71 49.59 -37.75 -51.88
N THR J 72 49.54 -36.42 -52.09
CA THR J 72 48.96 -35.53 -51.11
C THR J 72 48.24 -34.40 -51.83
N ILE J 73 46.95 -34.23 -51.55
CA ILE J 73 46.28 -32.99 -51.92
C ILE J 73 46.75 -31.88 -51.01
N GLU J 74 47.22 -30.79 -51.61
CA GLU J 74 47.54 -29.62 -50.81
C GLU J 74 46.82 -28.42 -51.38
N LEU J 75 46.43 -27.51 -50.51
CA LEU J 75 45.85 -26.26 -50.94
C LEU J 75 46.49 -25.13 -50.16
N ARG J 76 46.53 -23.97 -50.79
CA ARG J 76 47.04 -22.77 -50.18
C ARG J 76 46.16 -21.62 -50.60
N ARG J 77 46.19 -20.55 -49.83
CA ARG J 77 45.56 -19.31 -50.21
C ARG J 77 46.50 -18.58 -51.13
N VAL J 78 45.96 -18.01 -52.20
CA VAL J 78 46.69 -17.05 -53.01
C VAL J 78 45.80 -15.83 -53.16
N THR J 79 46.07 -14.81 -52.36
CA THR J 79 45.36 -13.54 -52.45
C THR J 79 46.03 -12.67 -53.49
N SER J 80 45.23 -12.04 -54.34
CA SER J 80 45.78 -11.16 -55.35
C SER J 80 46.31 -9.89 -54.71
N THR J 81 47.61 -9.65 -54.89
CA THR J 81 48.24 -8.52 -54.23
C THR J 81 48.11 -7.24 -55.05
N THR J 82 47.71 -7.37 -56.32
CA THR J 82 47.50 -6.19 -57.14
C THR J 82 46.05 -5.76 -57.12
N ASP J 83 45.16 -6.65 -57.56
CA ASP J 83 43.74 -6.36 -57.66
C ASP J 83 43.17 -6.28 -56.25
N ARG J 84 43.07 -5.06 -55.73
CA ARG J 84 42.41 -4.87 -54.46
C ARG J 84 40.91 -5.00 -54.62
N LEU J 85 40.22 -5.26 -53.51
CA LEU J 85 38.88 -5.83 -53.63
C LEU J 85 37.80 -4.82 -53.32
N VAL J 86 38.07 -3.87 -52.43
CA VAL J 86 37.24 -2.68 -52.33
C VAL J 86 38.16 -1.47 -52.36
N ASP J 87 37.88 -0.55 -53.26
CA ASP J 87 38.74 0.59 -53.50
C ASP J 87 37.95 1.85 -53.23
N PHE J 88 38.44 2.69 -52.34
CA PHE J 88 37.64 3.84 -51.95
C PHE J 88 37.84 4.99 -52.94
N THR J 89 36.72 5.43 -53.48
CA THR J 89 36.64 6.66 -54.25
C THR J 89 35.73 7.58 -53.47
N ASP J 90 35.68 8.86 -53.88
CA ASP J 90 34.92 9.87 -53.14
C ASP J 90 33.44 9.55 -53.10
N GLY J 91 32.77 10.05 -52.07
CA GLY J 91 31.72 9.29 -51.41
C GLY J 91 30.50 9.04 -52.27
N SER J 92 30.02 7.77 -52.35
CA SER J 92 30.52 6.43 -51.89
C SER J 92 30.88 6.26 -50.40
N ILE J 93 29.81 6.25 -49.60
CA ILE J 93 29.89 6.33 -48.15
C ILE J 93 30.69 5.17 -47.58
N LEU J 94 31.41 5.44 -46.48
CA LEU J 94 32.16 4.39 -45.81
C LEU J 94 31.22 3.40 -45.14
N ARG J 95 31.56 2.12 -45.22
CA ARG J 95 30.74 1.10 -44.60
C ARG J 95 31.62 0.26 -43.69
N ALA J 96 30.97 -0.36 -42.69
CA ALA J 96 31.66 -1.30 -41.82
C ALA J 96 32.15 -2.51 -42.60
N TYR J 97 31.41 -2.90 -43.63
CA TYR J 97 31.86 -3.94 -44.53
C TYR J 97 33.09 -3.50 -45.30
N ASP J 98 33.04 -2.30 -45.87
CA ASP J 98 34.09 -1.85 -46.79
C ASP J 98 35.42 -1.64 -46.07
N LEU J 99 35.37 -1.02 -44.88
CA LEU J 99 36.60 -0.79 -44.14
C LEU J 99 37.19 -2.08 -43.64
N ASN J 100 36.34 -3.05 -43.29
CA ASN J 100 36.86 -4.32 -42.83
C ASN J 100 37.52 -5.07 -43.97
N VAL J 101 36.79 -5.33 -45.07
CA VAL J 101 37.28 -6.09 -46.23
C VAL J 101 38.57 -5.48 -46.79
N ALA J 102 38.68 -4.15 -46.75
CA ALA J 102 39.93 -3.49 -47.07
C ALA J 102 41.02 -3.84 -46.06
N GLN J 103 40.69 -3.82 -44.77
CA GLN J 103 41.68 -4.22 -43.77
C GLN J 103 41.87 -5.73 -43.79
N ILE J 104 40.82 -6.50 -44.12
CA ILE J 104 40.93 -7.96 -44.19
C ILE J 104 41.93 -8.36 -45.26
N GLN J 105 41.82 -7.73 -46.43
CA GLN J 105 42.59 -8.17 -47.58
C GLN J 105 44.07 -7.89 -47.40
N THR J 106 44.42 -6.72 -46.89
CA THR J 106 45.83 -6.41 -46.70
C THR J 106 46.39 -7.13 -45.47
N MET J 107 45.50 -7.63 -44.61
CA MET J 107 45.94 -8.51 -43.55
C MET J 107 46.34 -9.87 -44.11
N HIS J 108 45.67 -10.29 -45.18
CA HIS J 108 46.02 -11.56 -45.81
C HIS J 108 47.36 -11.48 -46.53
N VAL J 109 47.57 -10.39 -47.28
CA VAL J 109 48.71 -10.30 -48.19
C VAL J 109 50.01 -10.26 -47.40
N ALA J 110 50.01 -9.55 -46.27
CA ALA J 110 51.17 -9.57 -45.39
C ALA J 110 51.34 -10.93 -44.74
N GLU J 111 50.23 -11.59 -44.41
CA GLU J 111 50.33 -12.93 -43.84
C GLU J 111 50.74 -13.94 -44.91
N GLU J 112 50.18 -13.82 -46.11
CA GLU J 112 50.53 -14.71 -47.20
C GLU J 112 52.00 -14.55 -47.59
N ALA J 113 52.54 -13.34 -47.47
CA ALA J 113 53.96 -13.13 -47.64
C ALA J 113 54.76 -13.87 -46.57
N ARG J 114 54.47 -13.60 -45.30
CA ARG J 114 55.22 -14.18 -44.19
C ARG J 114 55.10 -15.69 -44.15
N ASP J 115 53.98 -16.22 -44.60
CA ASP J 115 53.80 -17.66 -44.65
C ASP J 115 54.63 -18.28 -45.77
N LEU J 116 54.66 -17.62 -46.93
CA LEU J 116 55.34 -18.15 -48.11
C LEU J 116 56.84 -18.28 -47.86
N THR J 117 57.37 -17.46 -46.96
CA THR J 117 58.81 -17.40 -46.78
C THR J 117 59.33 -18.58 -45.98
N THR J 118 58.52 -19.13 -45.08
CA THR J 118 58.87 -20.42 -44.49
C THR J 118 58.63 -21.55 -45.49
N ASP J 119 57.71 -21.32 -46.43
CA ASP J 119 57.20 -22.41 -47.26
C ASP J 119 58.24 -22.95 -48.24
N THR J 120 59.20 -22.12 -48.63
CA THR J 120 60.15 -22.51 -49.67
C THR J 120 61.19 -23.49 -49.14
N ILE J 121 62.05 -23.04 -48.24
CA ILE J 121 62.88 -23.91 -47.43
C ILE J 121 63.06 -23.21 -46.08
N GLY J 122 62.68 -23.88 -45.01
CA GLY J 122 62.57 -23.21 -43.74
C GLY J 122 62.57 -24.21 -42.60
N VAL J 123 62.67 -23.66 -41.38
CA VAL J 123 62.83 -24.50 -40.21
C VAL J 123 61.54 -25.26 -39.90
N ASN J 124 61.66 -26.58 -39.83
CA ASN J 124 60.59 -27.45 -39.39
C ASN J 124 60.65 -27.51 -37.88
N ASN J 125 59.49 -27.64 -37.25
CA ASN J 125 59.34 -27.40 -35.81
C ASN J 125 59.82 -28.53 -34.91
N LEU J 129 65.23 -27.91 -38.51
CA LEU J 129 65.63 -28.66 -39.69
C LEU J 129 64.81 -28.20 -40.90
N ASP J 130 65.39 -28.32 -42.09
CA ASP J 130 64.79 -27.69 -43.26
C ASP J 130 63.93 -28.67 -44.04
N ALA J 131 62.88 -28.14 -44.66
CA ALA J 131 61.78 -28.96 -45.13
C ALA J 131 61.17 -28.35 -46.39
N ARG J 132 60.78 -29.22 -47.34
CA ARG J 132 59.49 -29.29 -48.03
C ARG J 132 59.62 -30.37 -49.10
N GLY J 133 58.52 -30.92 -49.60
CA GLY J 133 58.51 -31.96 -50.62
C GLY J 133 58.82 -31.55 -52.04
N ARG J 134 59.60 -30.49 -52.28
CA ARG J 134 59.98 -30.13 -53.63
C ARG J 134 61.22 -30.91 -54.06
N ARG J 135 61.73 -30.55 -55.24
CA ARG J 135 62.76 -31.37 -55.87
C ARG J 135 64.16 -30.89 -55.54
N ILE J 136 64.29 -29.66 -55.02
CA ILE J 136 65.52 -28.87 -54.82
C ILE J 136 66.50 -29.00 -55.99
N VAL J 137 66.11 -28.52 -57.18
CA VAL J 137 66.44 -29.03 -58.52
C VAL J 137 67.90 -29.33 -58.79
N ASN J 138 68.79 -28.33 -58.71
CA ASN J 138 70.21 -28.57 -58.97
C ASN J 138 71.09 -27.86 -57.95
N LEU J 139 72.17 -28.54 -57.55
CA LEU J 139 73.27 -27.97 -56.79
C LEU J 139 74.62 -28.31 -57.41
N ALA J 140 74.64 -29.29 -58.32
CA ALA J 140 75.64 -29.54 -59.36
C ALA J 140 76.98 -30.14 -58.93
N ASN J 141 77.23 -30.30 -57.63
CA ASN J 141 78.48 -30.96 -57.25
C ASN J 141 78.36 -31.69 -55.92
N ALA J 142 78.94 -32.89 -55.90
CA ALA J 142 79.11 -33.68 -54.68
C ALA J 142 80.55 -33.50 -54.19
N VAL J 143 80.70 -32.92 -53.01
CA VAL J 143 82.02 -32.73 -52.43
C VAL J 143 82.13 -33.53 -51.14
N ILE K 5 63.71 -4.36 -38.09
CA ILE K 5 64.99 -4.08 -37.45
C ILE K 5 64.81 -4.02 -35.94
N LYS K 6 65.05 -5.13 -35.23
CA LYS K 6 64.99 -6.48 -35.77
C LYS K 6 64.11 -7.23 -34.78
N THR K 7 63.11 -7.95 -35.29
CA THR K 7 62.21 -8.66 -34.40
C THR K 7 62.90 -9.82 -33.70
N VAL K 8 63.32 -10.80 -34.48
CA VAL K 8 63.96 -12.00 -33.97
C VAL K 8 65.36 -11.62 -33.51
N LEU K 9 65.69 -12.00 -32.29
CA LEU K 9 67.07 -12.07 -31.83
C LEU K 9 67.26 -13.38 -31.09
N THR K 10 68.51 -13.63 -30.74
CA THR K 10 68.88 -14.52 -29.66
C THR K 10 69.85 -13.73 -28.80
N TYR K 11 69.72 -13.91 -27.50
CA TYR K 11 70.62 -13.34 -26.53
C TYR K 11 71.79 -14.29 -26.33
N GLN K 12 72.52 -14.07 -25.24
CA GLN K 12 73.32 -15.11 -24.64
C GLN K 12 72.87 -15.23 -23.19
N LEU K 13 72.56 -16.45 -22.76
CA LEU K 13 72.17 -16.69 -21.38
C LEU K 13 73.18 -17.60 -20.72
N ASP K 14 73.54 -17.25 -19.49
CA ASP K 14 74.14 -18.15 -18.54
C ASP K 14 73.32 -18.00 -17.26
N GLY K 15 73.40 -19.02 -16.40
CA GLY K 15 72.58 -19.03 -15.19
C GLY K 15 72.89 -17.87 -14.26
N SER K 16 71.88 -17.52 -13.46
CA SER K 16 71.72 -16.37 -12.56
C SER K 16 71.47 -15.06 -13.32
N ASN K 17 71.42 -15.08 -14.64
CA ASN K 17 71.01 -13.92 -15.43
C ASN K 17 69.60 -14.19 -15.94
N ARG K 18 68.68 -13.27 -15.68
CA ARG K 18 67.26 -13.52 -15.91
C ARG K 18 66.48 -12.33 -16.46
N ASP K 19 67.14 -11.24 -16.83
CA ASP K 19 66.43 -10.02 -17.20
C ASP K 19 66.88 -9.52 -18.56
N PHE K 20 66.03 -9.73 -19.58
CA PHE K 20 66.39 -9.55 -20.98
C PHE K 20 65.39 -8.60 -21.64
N ASN K 21 65.88 -7.67 -22.47
CA ASN K 21 65.02 -6.59 -22.93
C ASN K 21 64.58 -6.76 -24.38
N ILE K 22 63.48 -6.11 -24.75
CA ILE K 22 62.97 -6.21 -26.13
C ILE K 22 63.37 -4.96 -26.93
N PRO K 23 63.88 -5.11 -28.14
CA PRO K 23 64.20 -3.91 -28.94
C PRO K 23 63.02 -3.33 -29.67
N PHE K 24 62.08 -4.16 -30.13
CA PHE K 24 60.96 -3.67 -30.93
C PHE K 24 59.90 -3.03 -30.04
N GLU K 25 58.72 -2.80 -30.63
CA GLU K 25 57.53 -2.44 -29.87
C GLU K 25 56.45 -3.46 -30.21
N TYR K 26 55.72 -3.91 -29.19
CA TYR K 26 55.16 -5.25 -29.25
C TYR K 26 53.70 -5.25 -29.66
N LEU K 27 52.95 -4.21 -29.27
CA LEU K 27 51.57 -3.85 -29.58
C LEU K 27 50.51 -4.73 -28.87
N ALA K 28 50.87 -5.88 -28.31
CA ALA K 28 49.95 -6.62 -27.45
C ALA K 28 50.73 -7.62 -26.64
N ARG K 29 50.27 -7.80 -25.40
CA ARG K 29 50.97 -8.55 -24.35
C ARG K 29 51.33 -9.96 -24.78
N LYS K 30 50.54 -10.56 -25.66
CA LYS K 30 50.76 -11.93 -26.10
C LYS K 30 51.58 -12.04 -27.37
N PHE K 31 51.93 -10.92 -28.00
CA PHE K 31 52.55 -11.01 -29.33
C PHE K 31 54.01 -11.44 -29.23
N VAL K 32 54.66 -11.13 -28.12
CA VAL K 32 55.97 -11.70 -27.86
C VAL K 32 55.80 -13.16 -27.51
N VAL K 33 56.53 -14.04 -28.22
CA VAL K 33 56.65 -15.42 -27.77
C VAL K 33 58.11 -15.65 -27.44
N VAL K 34 58.37 -16.31 -26.31
CA VAL K 34 59.71 -16.43 -25.75
C VAL K 34 60.05 -17.91 -25.72
N THR K 35 61.05 -18.30 -26.50
CA THR K 35 61.45 -19.69 -26.62
C THR K 35 62.94 -19.83 -26.36
N LEU K 36 63.29 -20.62 -25.35
CA LEU K 36 64.66 -21.07 -25.18
C LEU K 36 64.92 -22.04 -26.31
N ILE K 37 65.79 -21.65 -27.26
CA ILE K 37 66.05 -22.52 -28.41
C ILE K 37 66.84 -23.75 -27.96
N GLY K 38 67.63 -23.60 -26.90
CA GLY K 38 68.25 -24.70 -26.18
C GLY K 38 69.11 -25.60 -27.02
N VAL K 39 69.27 -26.82 -26.55
CA VAL K 39 69.46 -27.91 -27.51
C VAL K 39 68.18 -28.12 -28.30
N ASP K 40 67.03 -28.01 -27.63
CA ASP K 40 65.75 -28.32 -28.23
C ASP K 40 64.76 -27.20 -27.95
N ARG K 41 63.75 -27.09 -28.82
CA ARG K 41 62.81 -25.99 -28.76
C ARG K 41 61.85 -26.16 -27.58
N LYS K 42 61.63 -25.07 -26.86
CA LYS K 42 60.74 -25.06 -25.72
C LYS K 42 60.10 -23.69 -25.64
N VAL K 43 58.79 -23.63 -25.78
CA VAL K 43 58.03 -22.39 -25.74
C VAL K 43 57.71 -22.11 -24.27
N LEU K 44 57.89 -20.86 -23.85
CA LEU K 44 57.69 -20.52 -22.45
C LEU K 44 56.38 -19.75 -22.31
N THR K 45 55.89 -19.64 -21.07
CA THR K 45 54.50 -19.30 -20.82
C THR K 45 54.43 -18.04 -19.95
N ILE K 46 53.28 -17.36 -20.02
CA ILE K 46 53.17 -15.90 -19.86
C ILE K 46 53.23 -15.49 -18.39
N ASN K 47 52.95 -16.41 -17.47
CA ASN K 47 53.05 -16.08 -16.07
C ASN K 47 53.79 -17.14 -15.27
N THR K 48 53.87 -18.38 -15.77
CA THR K 48 54.66 -19.42 -15.12
C THR K 48 56.12 -19.03 -15.02
N ASP K 49 56.67 -18.49 -16.10
CA ASP K 49 58.11 -18.56 -16.28
C ASP K 49 58.73 -17.21 -16.61
N TYR K 50 58.06 -16.38 -17.38
CA TYR K 50 58.56 -15.03 -17.67
C TYR K 50 57.44 -14.03 -17.46
N ARG K 51 57.73 -12.98 -16.70
CA ARG K 51 56.84 -11.85 -16.58
C ARG K 51 57.49 -10.64 -17.21
N PHE K 52 56.69 -9.73 -17.75
CA PHE K 52 57.27 -8.51 -18.30
C PHE K 52 57.56 -7.56 -17.16
N ALA K 53 58.85 -7.31 -16.92
CA ALA K 53 59.27 -6.59 -15.72
C ALA K 53 58.97 -5.10 -15.79
N THR K 54 59.27 -4.45 -16.91
CA THR K 54 59.07 -3.01 -17.02
C THR K 54 58.44 -2.56 -18.32
N ARG K 55 57.71 -3.48 -19.00
CA ARG K 55 57.08 -3.43 -20.33
C ARG K 55 58.12 -3.57 -21.43
N THR K 56 59.41 -3.47 -21.11
CA THR K 56 60.41 -3.69 -22.14
C THR K 56 61.51 -4.66 -21.74
N THR K 57 61.55 -5.14 -20.50
CA THR K 57 62.45 -6.24 -20.16
C THR K 57 61.61 -7.41 -19.69
N ILE K 58 61.87 -8.59 -20.24
CA ILE K 58 61.19 -9.78 -19.79
C ILE K 58 62.01 -10.34 -18.61
N SER K 59 61.38 -10.42 -17.45
CA SER K 59 62.02 -11.10 -16.34
C SER K 59 61.90 -12.60 -16.56
N LEU K 60 62.70 -13.37 -15.84
CA LEU K 60 62.63 -14.82 -15.92
C LEU K 60 62.62 -15.38 -14.51
N THR K 61 61.59 -16.18 -14.20
CA THR K 61 61.41 -16.64 -12.83
C THR K 61 62.45 -17.69 -12.46
N LYS K 62 63.04 -18.35 -13.46
CA LYS K 62 63.77 -19.58 -13.23
C LYS K 62 65.25 -19.45 -13.54
N ALA K 63 65.64 -18.40 -14.27
CA ALA K 63 67.04 -18.06 -14.59
C ALA K 63 67.76 -19.23 -15.25
N TRP K 64 67.32 -19.56 -16.46
CA TRP K 64 67.83 -20.73 -17.13
C TRP K 64 69.28 -20.54 -17.54
N GLY K 65 70.01 -21.65 -17.56
CA GLY K 65 71.41 -21.66 -17.90
C GLY K 65 71.67 -22.73 -18.93
N PRO K 66 72.91 -22.82 -19.40
CA PRO K 66 73.27 -23.93 -20.30
C PRO K 66 73.27 -25.29 -19.62
N ALA K 67 73.31 -25.32 -18.29
CA ALA K 67 73.66 -26.55 -17.59
C ALA K 67 72.48 -27.48 -17.43
N ASP K 68 71.26 -26.95 -17.40
CA ASP K 68 70.10 -27.81 -17.56
C ASP K 68 69.73 -27.98 -19.04
N GLY K 69 70.61 -27.55 -19.93
CA GLY K 69 70.57 -27.97 -21.31
C GLY K 69 70.27 -26.89 -22.33
N TYR K 70 69.98 -25.67 -21.90
CA TYR K 70 69.32 -24.70 -22.77
C TYR K 70 70.16 -23.45 -22.99
N THR K 71 70.52 -23.20 -24.25
CA THR K 71 70.94 -21.91 -24.79
C THR K 71 70.38 -21.82 -26.21
N THR K 72 69.62 -20.77 -26.51
CA THR K 72 69.42 -19.54 -25.76
C THR K 72 67.96 -19.13 -26.02
N ILE K 73 67.45 -18.13 -25.28
CA ILE K 73 66.17 -17.49 -25.59
C ILE K 73 66.17 -16.88 -26.97
N GLU K 74 65.15 -17.22 -27.74
CA GLU K 74 64.82 -16.53 -28.98
C GLU K 74 63.44 -15.94 -28.84
N LEU K 75 63.35 -14.61 -28.80
CA LEU K 75 62.05 -13.95 -28.68
C LEU K 75 61.75 -13.26 -30.01
N ARG K 76 60.76 -13.79 -30.71
CA ARG K 76 60.24 -13.11 -31.88
C ARG K 76 58.94 -12.44 -31.51
N ARG K 77 58.37 -11.69 -32.45
CA ARG K 77 57.07 -11.09 -32.27
C ARG K 77 56.12 -11.73 -33.29
N VAL K 78 55.56 -12.88 -32.91
CA VAL K 78 54.59 -13.51 -33.79
C VAL K 78 53.30 -12.73 -33.69
N THR K 79 52.86 -12.19 -34.82
CA THR K 79 51.66 -11.39 -34.87
C THR K 79 50.61 -12.17 -35.64
N SER K 80 49.56 -12.56 -34.92
CA SER K 80 48.53 -13.45 -35.42
C SER K 80 47.73 -12.78 -36.52
N THR K 81 47.26 -13.58 -37.48
CA THR K 81 46.44 -13.03 -38.54
C THR K 81 44.96 -13.16 -38.24
N THR K 82 44.58 -14.16 -37.44
CA THR K 82 43.17 -14.37 -37.15
C THR K 82 42.70 -13.48 -36.02
N ASP K 83 43.52 -13.37 -34.97
CA ASP K 83 43.25 -12.51 -33.82
C ASP K 83 43.54 -11.05 -34.18
N ARG K 84 42.68 -10.50 -35.04
CA ARG K 84 42.81 -9.11 -35.43
C ARG K 84 42.29 -8.23 -34.32
N LEU K 85 42.86 -7.04 -34.21
CA LEU K 85 42.60 -6.20 -33.06
C LEU K 85 41.54 -5.15 -33.36
N VAL K 86 41.43 -4.73 -34.61
CA VAL K 86 40.49 -3.67 -34.98
C VAL K 86 39.40 -4.27 -35.83
N ASP K 87 38.17 -4.21 -35.33
CA ASP K 87 37.00 -4.65 -36.08
C ASP K 87 36.02 -3.50 -36.15
N PHE K 88 35.62 -3.15 -37.37
CA PHE K 88 34.69 -2.08 -37.61
C PHE K 88 33.29 -2.67 -37.74
N THR K 89 32.50 -2.52 -36.69
CA THR K 89 31.10 -2.87 -36.75
C THR K 89 30.31 -1.68 -37.26
N ASP K 90 29.00 -1.88 -37.40
CA ASP K 90 28.12 -0.76 -37.73
C ASP K 90 28.16 0.27 -36.62
N GLY K 91 27.95 1.53 -37.00
CA GLY K 91 28.57 2.64 -36.30
C GLY K 91 28.08 2.81 -34.86
N SER K 92 29.00 2.73 -33.87
CA SER K 92 30.49 2.61 -33.80
C SER K 92 31.29 3.57 -34.67
N ILE K 93 31.23 4.85 -34.30
CA ILE K 93 31.87 5.93 -35.04
C ILE K 93 33.36 5.66 -35.19
N LEU K 94 33.88 5.91 -36.39
CA LEU K 94 35.27 5.58 -36.67
C LEU K 94 36.15 6.65 -36.05
N ARG K 95 36.80 6.29 -34.96
CA ARG K 95 37.86 7.15 -34.48
C ARG K 95 39.07 7.02 -35.39
N ALA K 96 39.95 8.01 -35.33
CA ALA K 96 41.22 7.90 -36.02
C ALA K 96 42.08 6.82 -35.39
N TYR K 97 41.91 6.60 -34.08
CA TYR K 97 42.70 5.59 -33.39
C TYR K 97 42.40 4.18 -33.88
N ASP K 98 41.15 3.93 -34.28
CA ASP K 98 40.78 2.60 -34.77
C ASP K 98 41.44 2.30 -36.09
N LEU K 99 41.33 3.24 -37.04
CA LEU K 99 41.92 3.05 -38.36
C LEU K 99 43.44 3.02 -38.30
N ASN K 100 44.01 3.72 -37.32
CA ASN K 100 45.45 3.68 -37.15
C ASN K 100 45.92 2.29 -36.71
N VAL K 101 45.29 1.73 -35.67
CA VAL K 101 45.76 0.45 -35.13
C VAL K 101 45.49 -0.70 -36.11
N ALA K 102 44.52 -0.50 -37.00
CA ALA K 102 44.33 -1.46 -38.10
C ALA K 102 45.50 -1.44 -39.05
N GLN K 103 45.94 -0.26 -39.49
CA GLN K 103 47.09 -0.22 -40.38
C GLN K 103 48.40 -0.37 -39.63
N ILE K 104 48.39 -0.17 -38.30
CA ILE K 104 49.62 -0.42 -37.55
C ILE K 104 49.89 -1.90 -37.47
N GLN K 105 48.87 -2.69 -37.15
CA GLN K 105 49.06 -4.11 -36.86
C GLN K 105 49.42 -4.88 -38.12
N THR K 106 48.88 -4.47 -39.26
CA THR K 106 49.14 -5.23 -40.48
C THR K 106 50.52 -4.94 -41.06
N MET K 107 51.11 -3.80 -40.68
CA MET K 107 52.51 -3.58 -41.02
C MET K 107 53.41 -4.44 -40.15
N HIS K 108 52.98 -4.72 -38.92
CA HIS K 108 53.78 -5.49 -37.99
C HIS K 108 53.92 -6.93 -38.44
N VAL K 109 52.94 -7.43 -39.18
CA VAL K 109 53.09 -8.74 -39.81
C VAL K 109 54.10 -8.66 -40.94
N ALA K 110 54.00 -7.61 -41.75
CA ALA K 110 54.77 -7.53 -42.98
C ALA K 110 56.25 -7.33 -42.71
N GLU K 111 56.60 -6.70 -41.59
CA GLU K 111 58.01 -6.62 -41.26
C GLU K 111 58.49 -7.91 -40.62
N GLU K 112 57.61 -8.65 -39.93
CA GLU K 112 57.98 -9.94 -39.36
C GLU K 112 58.35 -10.93 -40.47
N ALA K 113 57.81 -10.72 -41.67
CA ALA K 113 58.25 -11.47 -42.83
C ALA K 113 59.69 -11.15 -43.20
N ARG K 114 60.17 -9.93 -42.90
CA ARG K 114 61.51 -9.57 -43.34
C ARG K 114 62.57 -9.92 -42.31
N ASP K 115 62.16 -10.38 -41.14
CA ASP K 115 63.12 -11.04 -40.26
C ASP K 115 62.86 -12.53 -40.22
N LEU K 116 62.03 -13.03 -41.14
CA LEU K 116 62.02 -14.46 -41.38
C LEU K 116 63.18 -14.83 -42.29
N THR K 117 63.57 -13.91 -43.18
CA THR K 117 64.50 -14.22 -44.27
C THR K 117 65.89 -14.51 -43.76
N THR K 118 66.19 -14.10 -42.53
CA THR K 118 67.53 -14.32 -41.99
C THR K 118 67.63 -15.68 -41.32
N ASP K 119 66.50 -16.27 -40.93
CA ASP K 119 66.51 -17.48 -40.12
C ASP K 119 66.21 -18.74 -40.91
N THR K 120 66.08 -18.63 -42.22
CA THR K 120 66.24 -19.77 -43.12
C THR K 120 67.57 -19.56 -43.83
N ILE K 121 67.90 -20.49 -44.73
CA ILE K 121 69.24 -21.05 -44.92
C ILE K 121 70.42 -20.07 -44.82
N GLY K 122 70.37 -18.94 -45.53
CA GLY K 122 71.55 -18.10 -45.70
C GLY K 122 72.58 -18.73 -46.63
N VAL K 123 73.22 -17.89 -47.44
CA VAL K 123 74.35 -18.33 -48.25
C VAL K 123 75.62 -17.77 -47.61
N ASN K 124 76.62 -18.65 -47.43
CA ASN K 124 77.88 -18.18 -46.87
C ASN K 124 78.89 -17.93 -47.98
N ASN K 125 78.68 -18.54 -49.14
CA ASN K 125 79.60 -18.59 -50.28
C ASN K 125 80.97 -19.11 -49.85
N LEU K 129 74.64 -25.25 -46.78
CA LEU K 129 74.82 -23.82 -46.53
C LEU K 129 74.57 -23.48 -45.06
N ASP K 130 74.13 -24.48 -44.30
CA ASP K 130 73.80 -24.28 -42.90
C ASP K 130 74.11 -25.56 -42.14
N ALA K 131 74.26 -25.40 -40.82
CA ALA K 131 74.65 -26.48 -39.93
C ALA K 131 73.47 -27.24 -39.35
N ARG K 132 72.36 -27.36 -40.08
CA ARG K 132 71.31 -28.27 -39.67
C ARG K 132 71.82 -29.70 -39.72
N GLY K 133 71.48 -30.48 -38.69
CA GLY K 133 71.84 -31.89 -38.70
C GLY K 133 71.11 -32.65 -39.78
N ARG K 134 69.88 -32.24 -40.08
CA ARG K 134 69.10 -32.85 -41.14
C ARG K 134 68.47 -31.78 -42.01
N ARG K 135 68.45 -32.05 -43.31
CA ARG K 135 67.40 -31.61 -44.19
C ARG K 135 66.63 -32.86 -44.59
N ILE K 136 65.33 -32.70 -44.83
CA ILE K 136 64.40 -33.81 -44.95
C ILE K 136 63.69 -33.69 -46.30
N VAL K 137 62.45 -34.15 -46.33
CA VAL K 137 61.65 -34.94 -47.26
C VAL K 137 61.83 -34.74 -48.79
N ASN K 138 62.93 -34.08 -49.21
CA ASN K 138 63.83 -34.45 -50.38
C ASN K 138 63.94 -33.32 -51.41
N LYS L 6 60.32 -8.51 -58.98
CA LYS L 6 60.87 -7.33 -59.63
C LYS L 6 60.78 -6.09 -58.71
N THR L 7 60.67 -6.32 -57.40
CA THR L 7 60.91 -5.22 -56.48
C THR L 7 62.38 -4.83 -56.43
N VAL L 8 63.26 -5.77 -56.80
CA VAL L 8 64.69 -5.54 -56.95
C VAL L 8 65.04 -5.95 -58.37
N LEU L 9 65.91 -5.19 -59.03
CA LEU L 9 66.49 -5.58 -60.30
C LEU L 9 67.95 -5.19 -60.33
N THR L 10 68.67 -5.83 -61.24
CA THR L 10 70.10 -5.63 -61.40
C THR L 10 70.35 -4.95 -62.74
N TYR L 11 71.28 -4.00 -62.76
CA TYR L 11 71.58 -3.20 -63.93
C TYR L 11 73.08 -3.07 -64.06
N GLN L 12 73.68 -3.80 -64.99
CA GLN L 12 75.05 -3.53 -65.39
C GLN L 12 75.01 -2.92 -66.79
N LEU L 13 75.94 -2.00 -67.05
CA LEU L 13 75.85 -1.13 -68.21
C LEU L 13 77.22 -0.57 -68.57
N ASP L 14 77.30 0.08 -69.73
CA ASP L 14 78.52 0.79 -70.12
C ASP L 14 78.65 2.11 -69.37
N GLY L 15 79.89 2.55 -69.17
CA GLY L 15 80.15 3.69 -68.33
C GLY L 15 79.71 5.01 -68.95
N SER L 16 79.64 6.02 -68.07
CA SER L 16 79.22 7.39 -68.39
C SER L 16 77.80 7.45 -68.97
N ASN L 17 76.97 6.48 -68.63
CA ASN L 17 75.55 6.51 -68.95
C ASN L 17 74.79 6.48 -67.63
N ARG L 18 73.69 7.23 -67.58
CA ARG L 18 73.05 7.47 -66.30
C ARG L 18 71.52 7.38 -66.34
N ASP L 19 70.91 7.36 -67.52
CA ASP L 19 69.45 7.41 -67.65
C ASP L 19 68.81 6.03 -67.52
N PHE L 20 68.83 5.47 -66.31
CA PHE L 20 68.11 4.24 -66.04
C PHE L 20 66.62 4.50 -65.83
N ASN L 21 65.80 3.58 -66.29
CA ASN L 21 64.38 3.57 -65.99
C ASN L 21 64.12 2.61 -64.85
N ILE L 22 63.21 2.97 -63.94
CA ILE L 22 62.81 2.12 -62.84
C ILE L 22 61.31 1.85 -62.96
N PRO L 23 60.89 0.60 -63.08
CA PRO L 23 59.70 0.18 -62.34
C PRO L 23 60.09 -0.60 -61.09
N PHE L 24 59.58 -0.15 -59.95
CA PHE L 24 58.69 -1.09 -59.29
C PHE L 24 57.35 -0.37 -59.25
N GLU L 25 57.21 0.62 -58.36
CA GLU L 25 56.79 2.02 -58.43
C GLU L 25 56.67 2.39 -56.96
N TYR L 26 56.97 3.63 -56.60
CA TYR L 26 57.23 3.89 -55.19
C TYR L 26 56.18 4.77 -54.54
N LEU L 27 56.43 5.09 -53.27
CA LEU L 27 55.58 6.01 -52.52
C LEU L 27 56.37 7.24 -52.07
N ALA L 28 57.55 7.02 -51.49
CA ALA L 28 58.44 8.10 -51.11
C ALA L 28 59.78 7.90 -51.81
N ARG L 29 60.43 9.03 -52.13
CA ARG L 29 61.62 9.00 -52.96
C ARG L 29 62.81 8.40 -52.21
N LYS L 30 62.77 8.43 -50.89
CA LYS L 30 63.81 7.81 -50.09
C LYS L 30 63.58 6.32 -49.86
N PHE L 31 62.62 5.72 -50.57
CA PHE L 31 62.42 4.28 -50.46
C PHE L 31 63.29 3.54 -51.45
N VAL L 32 63.54 4.16 -52.60
CA VAL L 32 64.53 3.62 -53.51
C VAL L 32 65.90 3.76 -52.89
N VAL L 33 66.52 2.64 -52.58
CA VAL L 33 67.92 2.62 -52.21
C VAL L 33 68.67 1.89 -53.32
N VAL L 34 69.85 2.38 -53.65
CA VAL L 34 70.54 1.98 -54.86
C VAL L 34 72.02 1.86 -54.52
N THR L 35 72.68 0.85 -55.10
CA THR L 35 73.91 0.33 -54.52
C THR L 35 75.03 0.23 -55.55
N LEU L 36 76.22 -0.04 -55.05
CA LEU L 36 77.40 -0.35 -55.84
C LEU L 36 77.90 -1.69 -55.31
N ILE L 37 78.56 -2.46 -56.17
CA ILE L 37 78.36 -3.90 -56.23
C ILE L 37 79.73 -4.60 -56.22
N GLY L 38 79.72 -5.92 -56.46
CA GLY L 38 80.36 -7.06 -55.86
C GLY L 38 81.76 -6.92 -55.28
N VAL L 39 82.58 -5.97 -55.72
CA VAL L 39 83.79 -5.70 -54.96
C VAL L 39 83.44 -5.07 -53.61
N ASP L 40 82.53 -4.10 -53.62
CA ASP L 40 82.09 -3.44 -52.40
C ASP L 40 80.57 -3.45 -52.33
N ARG L 41 80.05 -2.95 -51.21
CA ARG L 41 78.62 -2.80 -50.99
C ARG L 41 78.22 -1.33 -50.86
N LYS L 42 78.79 -0.48 -51.70
CA LYS L 42 78.68 0.97 -51.55
C LYS L 42 77.27 1.47 -51.84
N VAL L 43 76.67 2.13 -50.86
CA VAL L 43 75.31 2.63 -50.92
C VAL L 43 75.37 4.15 -51.00
N LEU L 44 74.95 4.70 -52.13
CA LEU L 44 75.11 6.12 -52.40
C LEU L 44 73.82 6.87 -52.04
N THR L 45 73.99 8.16 -51.70
CA THR L 45 72.91 8.97 -51.15
C THR L 45 72.32 9.89 -52.21
N ILE L 46 71.17 10.47 -51.90
CA ILE L 46 70.33 11.13 -52.90
C ILE L 46 70.92 12.45 -53.36
N ASN L 47 70.99 13.45 -52.48
CA ASN L 47 71.26 14.80 -52.96
C ASN L 47 72.74 15.05 -53.23
N THR L 48 73.64 14.33 -52.56
CA THR L 48 75.04 14.33 -52.97
C THR L 48 75.18 13.74 -54.36
N ASP L 49 74.44 12.68 -54.65
CA ASP L 49 74.67 11.98 -55.89
C ASP L 49 73.49 11.99 -56.84
N TYR L 50 72.34 11.41 -56.48
CA TYR L 50 71.33 11.08 -57.51
C TYR L 50 69.99 11.73 -57.19
N ARG L 51 69.47 12.52 -58.12
CA ARG L 51 68.08 12.91 -58.05
C ARG L 51 67.25 11.88 -58.84
N PHE L 52 65.92 12.01 -58.83
CA PHE L 52 65.09 11.43 -59.88
C PHE L 52 64.64 12.60 -60.75
N ALA L 53 64.70 12.42 -62.06
CA ALA L 53 64.36 13.53 -62.95
C ALA L 53 62.90 13.46 -63.40
N THR L 54 62.48 12.35 -63.99
CA THR L 54 61.17 12.26 -64.62
C THR L 54 60.23 11.36 -63.82
N ARG L 55 60.45 11.28 -62.50
CA ARG L 55 59.73 10.48 -61.49
C ARG L 55 59.60 8.99 -61.84
N THR L 56 60.32 8.51 -62.84
CA THR L 56 60.42 7.10 -63.15
C THR L 56 61.84 6.77 -63.55
N THR L 57 62.73 7.74 -63.62
CA THR L 57 64.12 7.55 -63.96
C THR L 57 65.00 8.07 -62.85
N ILE L 58 66.13 7.40 -62.66
CA ILE L 58 67.07 7.82 -61.62
C ILE L 58 68.16 8.73 -62.16
N SER L 59 68.37 8.79 -63.49
CA SER L 59 69.13 9.83 -64.21
C SER L 59 70.51 10.09 -63.60
N LEU L 60 71.27 9.01 -63.43
CA LEU L 60 71.86 8.64 -62.15
C LEU L 60 72.47 9.80 -61.39
N THR L 61 73.77 10.02 -61.58
CA THR L 61 74.45 11.17 -61.02
C THR L 61 75.22 11.79 -62.15
N LYS L 62 76.22 11.01 -62.54
CA LYS L 62 77.12 11.00 -63.68
C LYS L 62 77.96 9.77 -63.34
N ALA L 63 78.97 9.49 -64.16
CA ALA L 63 79.30 8.19 -64.78
C ALA L 63 78.95 6.96 -63.93
N TRP L 64 79.55 6.76 -62.76
CA TRP L 64 80.31 5.54 -62.47
C TRP L 64 79.78 4.27 -63.15
N GLY L 65 80.69 3.63 -63.86
CA GLY L 65 80.45 2.36 -64.51
C GLY L 65 81.57 2.10 -65.49
N PRO L 66 81.95 0.83 -65.66
CA PRO L 66 81.90 -0.21 -64.63
C PRO L 66 83.25 -0.27 -63.93
N ALA L 67 84.15 0.64 -64.32
CA ALA L 67 85.58 0.40 -64.26
C ALA L 67 86.13 0.33 -62.84
N ASP L 68 85.48 0.99 -61.88
CA ASP L 68 86.03 1.05 -60.53
C ASP L 68 85.54 -0.12 -59.67
N GLY L 69 85.68 -1.34 -60.21
CA GLY L 69 85.22 -2.53 -59.53
C GLY L 69 83.73 -2.61 -59.28
N TYR L 70 82.94 -1.86 -60.04
CA TYR L 70 81.52 -1.65 -59.76
C TYR L 70 80.74 -2.10 -60.99
N THR L 71 80.41 -3.40 -61.06
CA THR L 71 79.83 -4.01 -62.26
C THR L 71 78.48 -4.69 -62.01
N THR L 72 77.35 -3.96 -62.08
CA THR L 72 77.14 -2.52 -61.82
C THR L 72 75.79 -2.61 -61.06
N ILE L 73 75.02 -1.53 -61.12
CA ILE L 73 74.05 -1.11 -60.09
C ILE L 73 72.87 -2.05 -59.90
N GLU L 74 72.49 -2.27 -58.64
CA GLU L 74 71.30 -3.03 -58.25
C GLU L 74 70.37 -2.16 -57.40
N LEU L 75 69.49 -1.40 -58.03
CA LEU L 75 68.56 -0.56 -57.28
C LEU L 75 67.39 -1.40 -56.77
N ARG L 76 66.77 -0.93 -55.69
CA ARG L 76 65.74 -1.72 -55.03
C ARG L 76 64.85 -0.85 -54.17
N ARG L 77 63.64 -1.35 -53.95
CA ARG L 77 62.75 -0.83 -52.92
C ARG L 77 63.21 -1.26 -51.54
N VAL L 78 63.28 -0.31 -50.61
CA VAL L 78 63.13 -0.59 -49.18
C VAL L 78 62.12 0.43 -48.66
N THR L 79 60.87 0.01 -48.46
CA THR L 79 59.92 0.82 -47.70
C THR L 79 60.22 0.69 -46.22
N SER L 80 60.15 1.82 -45.51
CA SER L 80 60.29 1.80 -44.07
C SER L 80 58.97 1.39 -43.43
N THR L 81 59.04 0.42 -42.52
CA THR L 81 57.85 -0.02 -41.79
C THR L 81 57.59 0.79 -40.54
N THR L 82 58.54 1.62 -40.12
CA THR L 82 58.36 2.36 -38.88
C THR L 82 57.77 3.72 -39.15
N ASP L 83 58.37 4.46 -40.07
CA ASP L 83 57.89 5.77 -40.49
C ASP L 83 56.69 5.56 -41.41
N ARG L 84 55.51 5.49 -40.82
CA ARG L 84 54.28 5.46 -41.60
C ARG L 84 54.08 6.79 -42.29
N LEU L 85 53.74 6.75 -43.58
CA LEU L 85 53.59 7.99 -44.34
C LEU L 85 52.39 8.78 -43.87
N VAL L 86 51.26 8.13 -43.72
CA VAL L 86 50.08 8.79 -43.19
C VAL L 86 49.88 8.37 -41.74
N ASP L 87 49.65 9.36 -40.89
CA ASP L 87 49.01 9.17 -39.61
C ASP L 87 47.63 9.79 -39.73
N PHE L 88 46.60 8.99 -39.47
CA PHE L 88 45.25 9.54 -39.44
C PHE L 88 45.07 10.35 -38.18
N THR L 89 44.53 11.56 -38.32
CA THR L 89 44.17 12.37 -37.18
C THR L 89 42.65 12.49 -37.15
N ASP L 90 42.14 12.99 -36.03
CA ASP L 90 40.72 13.29 -35.92
C ASP L 90 40.36 14.40 -36.90
N GLY L 91 39.11 14.39 -37.32
CA GLY L 91 38.74 14.96 -38.61
C GLY L 91 38.89 16.48 -38.69
N SER L 92 39.53 17.00 -39.75
CA SER L 92 40.38 16.43 -40.85
C SER L 92 39.83 15.26 -41.70
N ILE L 93 38.85 15.58 -42.54
CA ILE L 93 38.10 14.58 -43.30
C ILE L 93 39.03 13.70 -44.14
N LEU L 94 38.61 12.46 -44.32
CA LEU L 94 39.39 11.51 -45.08
C LEU L 94 39.23 11.79 -46.56
N ARG L 95 40.33 12.03 -47.24
CA ARG L 95 40.34 12.04 -48.70
C ARG L 95 40.45 10.59 -49.13
N ALA L 96 39.79 10.25 -50.25
CA ALA L 96 39.75 8.86 -50.68
C ALA L 96 41.09 8.40 -51.24
N TYR L 97 41.95 9.36 -51.60
CA TYR L 97 43.32 9.01 -51.94
C TYR L 97 44.06 8.46 -50.73
N ASP L 98 43.73 8.96 -49.54
CA ASP L 98 44.45 8.54 -48.34
C ASP L 98 44.10 7.11 -47.95
N LEU L 99 42.81 6.78 -47.98
CA LEU L 99 42.34 5.48 -47.48
C LEU L 99 42.93 4.33 -48.28
N ASN L 100 43.27 4.59 -49.55
CA ASN L 100 44.03 3.61 -50.31
C ASN L 100 45.48 3.56 -49.85
N VAL L 101 46.19 4.70 -49.90
CA VAL L 101 47.64 4.76 -49.69
C VAL L 101 48.04 4.22 -48.31
N ALA L 102 47.11 4.31 -47.34
CA ALA L 102 47.25 3.65 -46.05
C ALA L 102 47.42 2.14 -46.20
N GLN L 103 46.53 1.50 -46.96
CA GLN L 103 46.65 0.05 -47.11
C GLN L 103 47.57 -0.31 -48.28
N ILE L 104 47.87 0.65 -49.16
CA ILE L 104 48.78 0.38 -50.27
C ILE L 104 50.20 0.17 -49.75
N GLN L 105 50.60 0.94 -48.75
CA GLN L 105 51.98 0.86 -48.26
C GLN L 105 52.23 -0.46 -47.55
N THR L 106 51.25 -0.94 -46.79
CA THR L 106 51.47 -2.16 -46.03
C THR L 106 51.32 -3.41 -46.88
N MET L 107 50.89 -3.24 -48.13
CA MET L 107 50.98 -4.35 -49.08
C MET L 107 52.35 -4.40 -49.73
N HIS L 108 53.08 -3.29 -49.68
CA HIS L 108 54.33 -3.21 -50.42
C HIS L 108 55.49 -3.76 -49.62
N VAL L 109 55.38 -3.76 -48.29
CA VAL L 109 56.35 -4.48 -47.50
C VAL L 109 56.20 -5.97 -47.77
N ALA L 110 54.97 -6.43 -47.96
CA ALA L 110 54.71 -7.84 -48.24
C ALA L 110 55.29 -8.27 -49.58
N GLU L 111 55.12 -7.44 -50.61
CA GLU L 111 55.71 -7.75 -51.91
C GLU L 111 57.22 -7.64 -51.87
N GLU L 112 57.77 -6.80 -51.00
CA GLU L 112 59.21 -6.76 -50.82
C GLU L 112 59.69 -7.99 -50.10
N ALA L 113 58.94 -8.41 -49.07
CA ALA L 113 59.40 -9.42 -48.14
C ALA L 113 59.50 -10.79 -48.79
N ARG L 114 58.58 -11.11 -49.70
CA ARG L 114 58.61 -12.43 -50.31
C ARG L 114 59.78 -12.55 -51.28
N ASP L 115 60.14 -11.45 -51.94
CA ASP L 115 60.98 -11.55 -53.13
C ASP L 115 62.45 -11.74 -52.77
N LEU L 116 62.88 -11.18 -51.63
CA LEU L 116 64.27 -11.41 -51.25
C LEU L 116 64.45 -12.77 -50.60
N THR L 117 63.36 -13.43 -50.23
CA THR L 117 63.44 -14.80 -49.76
C THR L 117 63.52 -15.76 -50.93
N THR L 118 62.90 -15.41 -52.05
CA THR L 118 62.95 -16.26 -53.23
C THR L 118 64.30 -16.24 -53.92
N ASP L 119 65.22 -15.36 -53.49
CA ASP L 119 66.49 -15.23 -54.18
C ASP L 119 67.53 -16.20 -53.63
N THR L 120 67.47 -16.49 -52.34
CA THR L 120 68.03 -17.74 -51.80
C THR L 120 67.10 -18.86 -52.27
N ILE L 121 67.40 -20.12 -51.95
CA ILE L 121 67.31 -21.32 -52.83
C ILE L 121 66.03 -21.47 -53.71
N GLY L 122 65.09 -20.53 -53.63
CA GLY L 122 64.26 -20.28 -54.78
C GLY L 122 62.90 -20.82 -54.54
N VAL L 123 62.07 -20.83 -55.59
CA VAL L 123 60.87 -21.65 -55.56
C VAL L 123 60.89 -22.51 -56.80
N ASN L 124 61.08 -21.85 -57.93
CA ASN L 124 60.94 -22.46 -59.24
C ASN L 124 62.15 -22.04 -60.07
N ASN M 3 64.91 -6.18 31.60
CA ASN M 3 63.69 -6.96 31.41
C ASN M 3 62.76 -6.32 30.39
N VAL M 4 62.45 -7.01 29.28
CA VAL M 4 63.02 -8.29 28.88
C VAL M 4 63.58 -8.03 27.48
N ILE M 5 64.65 -8.73 27.09
CA ILE M 5 65.26 -8.57 25.78
C ILE M 5 64.28 -8.97 24.69
N LYS M 6 64.02 -8.05 23.75
CA LYS M 6 63.00 -8.25 22.73
C LYS M 6 63.55 -8.39 21.31
N THR M 7 64.82 -8.07 21.08
CA THR M 7 65.32 -8.08 19.72
C THR M 7 66.68 -8.74 19.56
N VAL M 8 67.31 -9.17 20.63
CA VAL M 8 68.41 -10.13 20.57
C VAL M 8 67.81 -11.46 20.99
N LEU M 9 68.16 -12.53 20.30
CA LEU M 9 67.58 -13.82 20.63
C LEU M 9 68.54 -14.95 20.27
N THR M 10 68.61 -15.94 21.15
CA THR M 10 69.59 -17.02 21.06
C THR M 10 68.84 -18.34 21.03
N TYR M 11 68.69 -18.92 19.85
CA TYR M 11 68.03 -20.22 19.77
C TYR M 11 69.03 -21.33 20.01
N GLN M 12 68.57 -22.39 20.66
CA GLN M 12 69.34 -23.62 20.75
C GLN M 12 69.46 -24.18 19.35
N LEU M 13 70.70 -24.27 18.87
CA LEU M 13 70.97 -24.65 17.50
C LEU M 13 70.58 -26.11 17.26
N ASP M 14 70.91 -26.98 18.21
CA ASP M 14 70.27 -28.29 18.42
C ASP M 14 70.45 -29.22 17.22
N GLY M 15 71.71 -29.54 16.94
CA GLY M 15 72.04 -30.47 15.87
C GLY M 15 71.66 -29.91 14.51
N SER M 16 71.11 -30.79 13.70
CA SER M 16 70.61 -30.39 12.38
C SER M 16 69.19 -29.89 12.51
N ASN M 17 69.05 -28.58 12.69
CA ASN M 17 67.78 -27.88 12.50
C ASN M 17 68.08 -26.67 11.62
N ARG M 18 67.35 -26.58 10.50
CA ARG M 18 67.78 -25.69 9.43
C ARG M 18 67.15 -24.31 9.54
N ASP M 19 66.09 -24.19 10.32
CA ASP M 19 65.08 -23.17 10.04
C ASP M 19 64.48 -22.57 11.30
N PHE M 20 64.71 -21.28 11.51
CA PHE M 20 64.36 -20.58 12.74
C PHE M 20 63.47 -19.38 12.43
N ASN M 21 62.65 -18.94 13.40
CA ASN M 21 61.71 -17.85 13.19
C ASN M 21 62.26 -16.54 13.78
N ILE M 22 61.81 -15.40 13.26
CA ILE M 22 62.25 -14.11 13.80
C ILE M 22 61.04 -13.27 14.20
N PRO M 23 60.82 -13.06 15.50
CA PRO M 23 59.58 -12.41 15.95
C PRO M 23 59.58 -10.89 15.88
N PHE M 24 60.72 -10.23 16.10
CA PHE M 24 60.74 -8.77 16.16
C PHE M 24 60.50 -8.15 14.80
N GLU M 25 60.22 -6.84 14.79
CA GLU M 25 59.70 -6.16 13.61
C GLU M 25 60.80 -5.40 12.86
N TYR M 26 61.79 -6.16 12.38
CA TYR M 26 62.94 -5.65 11.62
C TYR M 26 62.51 -4.86 10.40
N LEU M 27 63.12 -3.68 10.21
CA LEU M 27 62.58 -2.82 9.16
C LEU M 27 63.04 -3.23 7.77
N ALA M 28 64.28 -3.68 7.61
CA ALA M 28 64.74 -4.09 6.30
C ALA M 28 65.70 -5.24 6.47
N ARG M 29 65.90 -5.98 5.37
CA ARG M 29 66.53 -7.30 5.38
C ARG M 29 67.91 -7.28 6.04
N LYS M 30 68.70 -6.27 5.71
CA LYS M 30 70.07 -6.20 6.20
C LYS M 30 70.17 -5.76 7.66
N PHE M 31 69.05 -5.44 8.30
CA PHE M 31 69.12 -5.05 9.70
C PHE M 31 69.20 -6.24 10.64
N VAL M 32 68.93 -7.44 10.13
CA VAL M 32 69.09 -8.66 10.90
C VAL M 32 70.50 -9.17 10.64
N VAL M 33 71.33 -9.14 11.66
CA VAL M 33 72.57 -9.91 11.61
C VAL M 33 72.33 -11.18 12.41
N VAL M 34 72.72 -12.30 11.82
CA VAL M 34 72.68 -13.59 12.48
C VAL M 34 74.12 -13.93 12.79
N THR M 35 74.37 -14.51 13.96
CA THR M 35 75.71 -15.00 14.25
C THR M 35 75.62 -16.39 14.85
N LEU M 36 76.80 -16.95 15.11
CA LEU M 36 76.95 -18.32 15.56
C LEU M 36 77.77 -18.32 16.83
N ILE M 37 77.35 -19.07 17.83
CA ILE M 37 78.01 -19.05 19.12
C ILE M 37 78.56 -20.44 19.41
N GLY M 38 79.76 -20.50 20.00
CA GLY M 38 80.06 -21.67 20.81
C GLY M 38 81.49 -22.12 20.90
N VAL M 39 82.31 -21.72 19.92
CA VAL M 39 83.73 -21.47 20.17
C VAL M 39 83.98 -20.07 19.62
N ASP M 40 83.24 -19.69 18.59
CA ASP M 40 83.49 -18.47 17.86
C ASP M 40 82.28 -17.54 17.87
N ARG M 41 82.41 -16.49 17.08
CA ARG M 41 81.40 -15.46 16.84
C ARG M 41 81.21 -15.28 15.32
N LYS M 42 80.93 -16.38 14.63
CA LYS M 42 80.92 -16.36 13.17
C LYS M 42 79.70 -15.62 12.64
N VAL M 43 79.97 -14.66 11.75
CA VAL M 43 78.93 -13.93 11.04
C VAL M 43 78.82 -14.55 9.66
N LEU M 44 77.58 -14.65 9.17
CA LEU M 44 77.25 -15.38 7.97
C LEU M 44 76.40 -14.47 7.09
N THR M 45 76.77 -14.39 5.82
CA THR M 45 76.22 -13.39 4.90
C THR M 45 74.96 -13.94 4.26
N ILE M 46 74.14 -13.03 3.70
CA ILE M 46 72.75 -13.39 3.44
C ILE M 46 72.62 -14.26 2.19
N ASN M 47 72.85 -13.69 1.01
CA ASN M 47 72.22 -14.20 -0.20
C ASN M 47 72.79 -15.54 -0.64
N THR M 48 73.95 -15.90 -0.11
CA THR M 48 74.54 -17.21 -0.34
C THR M 48 74.22 -18.19 0.77
N ASP M 49 74.58 -17.85 2.00
CA ASP M 49 74.62 -18.84 3.07
C ASP M 49 73.24 -19.13 3.63
N TYR M 50 72.36 -18.14 3.65
CA TYR M 50 71.01 -18.39 4.15
C TYR M 50 69.99 -17.53 3.42
N ARG M 51 68.97 -18.17 2.88
CA ARG M 51 67.86 -17.35 2.45
C ARG M 51 67.08 -16.88 3.66
N PHE M 52 66.55 -15.67 3.54
CA PHE M 52 65.29 -15.36 4.19
C PHE M 52 64.31 -16.36 3.61
N ALA M 53 63.83 -17.27 4.45
CA ALA M 53 62.86 -18.25 4.00
C ALA M 53 61.59 -17.56 3.54
N THR M 54 60.98 -16.80 4.44
CA THR M 54 59.74 -16.09 4.23
C THR M 54 59.91 -14.71 4.82
N ARG M 55 58.77 -14.09 5.10
CA ARG M 55 58.70 -12.87 5.87
C ARG M 55 59.41 -12.99 7.21
N THR M 56 59.17 -14.08 7.95
CA THR M 56 59.57 -14.11 9.34
C THR M 56 60.49 -15.27 9.69
N THR M 57 61.14 -15.86 8.69
CA THR M 57 61.85 -17.11 8.91
C THR M 57 63.18 -17.08 8.19
N ILE M 58 64.22 -17.55 8.87
CA ILE M 58 65.58 -17.56 8.30
C ILE M 58 65.93 -19.02 8.00
N SER M 59 65.85 -19.38 6.72
CA SER M 59 66.23 -20.72 6.28
C SER M 59 67.74 -20.76 6.16
N LEU M 60 68.38 -21.18 7.25
CA LEU M 60 69.83 -21.28 7.27
C LEU M 60 70.27 -22.55 6.57
N THR M 61 71.23 -22.43 5.66
CA THR M 61 71.67 -23.54 4.83
C THR M 61 73.18 -23.68 4.92
N LYS M 62 73.67 -24.64 5.71
CA LYS M 62 72.88 -25.66 6.39
C LYS M 62 73.46 -26.15 7.70
N ALA M 63 72.53 -26.61 8.54
CA ALA M 63 72.68 -27.71 9.51
C ALA M 63 74.01 -27.69 10.28
N TRP M 64 74.30 -26.56 10.91
CA TRP M 64 75.53 -26.44 11.70
C TRP M 64 75.37 -27.19 13.01
N GLY M 65 76.51 -27.49 13.64
CA GLY M 65 76.62 -27.72 15.07
C GLY M 65 75.87 -28.89 15.69
N PRO M 66 76.04 -29.07 17.01
CA PRO M 66 77.03 -28.37 17.84
C PRO M 66 78.42 -28.98 17.68
N ALA M 67 78.48 -30.28 17.48
CA ALA M 67 79.74 -30.89 17.12
C ALA M 67 80.00 -30.63 15.64
N ASP M 68 81.20 -30.14 15.34
CA ASP M 68 81.73 -29.26 14.27
C ASP M 68 81.51 -27.79 14.60
N GLY M 69 81.18 -27.45 15.83
CA GLY M 69 81.66 -26.20 16.40
C GLY M 69 80.75 -25.24 17.12
N TYR M 70 79.54 -24.99 16.62
CA TYR M 70 78.77 -23.86 17.11
C TYR M 70 77.56 -24.33 17.91
N THR M 71 77.34 -23.74 19.08
CA THR M 71 76.34 -24.32 19.99
C THR M 71 74.97 -23.67 19.83
N THR M 72 74.90 -22.37 19.52
CA THR M 72 73.61 -21.68 19.46
C THR M 72 73.66 -20.66 18.33
N ILE M 73 72.78 -20.82 17.33
CA ILE M 73 72.52 -19.72 16.40
C ILE M 73 71.81 -18.61 17.14
N GLU M 74 72.38 -17.41 17.09
CA GLU M 74 71.68 -16.27 17.63
C GLU M 74 71.59 -15.19 16.57
N LEU M 75 70.53 -14.41 16.62
CA LEU M 75 70.42 -13.26 15.74
C LEU M 75 69.91 -12.09 16.54
N ARG M 76 70.26 -10.90 16.06
CA ARG M 76 69.81 -9.67 16.64
C ARG M 76 69.53 -8.70 15.51
N ARG M 77 68.77 -7.67 15.81
CA ARG M 77 68.60 -6.55 14.91
C ARG M 77 69.78 -5.61 15.13
N VAL M 78 70.29 -5.05 14.04
CA VAL M 78 71.21 -3.92 14.10
C VAL M 78 70.70 -2.90 13.10
N THR M 79 70.02 -1.88 13.60
CA THR M 79 69.53 -0.79 12.77
C THR M 79 70.62 0.25 12.63
N SER M 80 70.81 0.75 11.42
CA SER M 80 71.77 1.81 11.19
C SER M 80 71.28 3.11 11.80
N THR M 81 72.03 3.62 12.79
CA THR M 81 71.60 4.81 13.50
C THR M 81 72.04 6.09 12.79
N THR M 82 72.97 5.96 11.85
CA THR M 82 73.39 7.13 11.08
C THR M 82 72.57 7.26 9.81
N ASP M 83 72.64 6.24 8.96
CA ASP M 83 71.96 6.26 7.66
C ASP M 83 70.47 6.11 7.91
N ARG M 84 69.79 7.25 7.95
CA ARG M 84 68.34 7.24 8.07
C ARG M 84 67.73 6.81 6.75
N LEU M 85 66.47 6.37 6.80
CA LEU M 85 65.97 5.54 5.72
C LEU M 85 65.01 6.29 4.82
N VAL M 86 64.24 7.22 5.37
CA VAL M 86 63.58 8.22 4.54
C VAL M 86 63.86 9.58 5.13
N ASP M 87 64.37 10.48 4.30
CA ASP M 87 64.81 11.78 4.77
C ASP M 87 63.97 12.83 4.05
N PHE M 88 63.30 13.67 4.81
CA PHE M 88 62.36 14.58 4.19
C PHE M 88 63.08 15.79 3.61
N THR M 89 62.75 16.09 2.36
CA THR M 89 63.16 17.32 1.71
C THR M 89 61.89 18.09 1.38
N ASP M 90 62.07 19.31 0.88
CA ASP M 90 60.94 20.15 0.52
C ASP M 90 60.18 19.52 -0.64
N GLY M 91 58.89 19.82 -0.72
CA GLY M 91 57.90 18.84 -1.15
C GLY M 91 58.05 18.41 -2.59
N SER M 92 58.09 17.08 -2.85
CA SER M 92 58.15 15.84 -2.00
C SER M 92 57.10 15.65 -0.89
N ILE M 93 55.87 15.40 -1.35
CA ILE M 93 54.69 15.43 -0.50
C ILE M 93 54.77 14.39 0.62
N LEU M 94 54.12 14.69 1.74
CA LEU M 94 54.12 13.77 2.87
C LEU M 94 53.20 12.59 2.59
N ARG M 95 53.69 11.40 2.88
CA ARG M 95 52.91 10.19 2.65
C ARG M 95 52.78 9.43 3.96
N ALA M 96 51.77 8.57 4.01
CA ALA M 96 51.60 7.69 5.16
C ALA M 96 52.76 6.71 5.27
N TYR M 97 53.31 6.29 4.13
CA TYR M 97 54.48 5.43 4.15
C TYR M 97 55.69 6.19 4.66
N ASP M 98 55.86 7.42 4.21
CA ASP M 98 57.08 8.17 4.53
C ASP M 98 57.12 8.58 5.99
N LEU M 99 55.99 9.03 6.53
CA LEU M 99 55.95 9.45 7.92
C LEU M 99 56.10 8.27 8.86
N ASN M 100 55.51 7.13 8.50
CA ASN M 100 55.61 5.96 9.35
C ASN M 100 57.03 5.43 9.39
N VAL M 101 57.61 5.10 8.22
CA VAL M 101 58.97 4.55 8.12
C VAL M 101 60.00 5.47 8.79
N ALA M 102 59.76 6.77 8.73
CA ALA M 102 60.54 7.72 9.54
C ALA M 102 60.32 7.48 11.03
N GLN M 103 59.07 7.34 11.46
CA GLN M 103 58.80 7.08 12.87
C GLN M 103 59.15 5.64 13.23
N ILE M 104 58.98 4.70 12.29
CA ILE M 104 59.32 3.30 12.54
C ILE M 104 60.79 3.16 12.86
N GLN M 105 61.65 3.82 12.07
CA GLN M 105 63.08 3.61 12.21
C GLN M 105 63.61 4.19 13.51
N THR M 106 63.13 5.38 13.88
CA THR M 106 63.61 5.97 15.12
C THR M 106 62.97 5.30 16.34
N MET M 107 61.90 4.56 16.13
CA MET M 107 61.38 3.70 17.18
C MET M 107 62.31 2.52 17.40
N HIS M 108 62.93 2.03 16.32
CA HIS M 108 63.84 0.91 16.46
C HIS M 108 65.12 1.31 17.16
N VAL M 109 65.64 2.50 16.84
CA VAL M 109 66.96 2.91 17.31
C VAL M 109 66.95 3.10 18.81
N ALA M 110 65.88 3.70 19.33
CA ALA M 110 65.74 3.82 20.78
C ALA M 110 65.53 2.45 21.43
N GLU M 111 64.80 1.57 20.75
CA GLU M 111 64.59 0.23 21.30
C GLU M 111 65.86 -0.60 21.22
N GLU M 112 66.58 -0.53 20.09
CA GLU M 112 67.83 -1.26 19.96
C GLU M 112 68.87 -0.76 20.94
N ALA M 113 68.82 0.54 21.29
CA ALA M 113 69.62 1.07 22.38
C ALA M 113 69.27 0.40 23.69
N ARG M 114 67.99 0.51 24.10
CA ARG M 114 67.54 0.00 25.40
C ARG M 114 67.71 -1.50 25.52
N ASP M 115 67.62 -2.21 24.40
CA ASP M 115 67.78 -3.65 24.44
C ASP M 115 69.24 -4.04 24.61
N LEU M 116 70.15 -3.29 23.96
CA LEU M 116 71.58 -3.60 24.01
C LEU M 116 72.12 -3.47 25.41
N THR M 117 71.49 -2.64 26.23
CA THR M 117 72.03 -2.31 27.52
C THR M 117 71.78 -3.41 28.55
N THR M 118 70.71 -4.18 28.38
CA THR M 118 70.60 -5.41 29.16
C THR M 118 71.51 -6.49 28.58
N ASP M 119 71.81 -6.40 27.29
CA ASP M 119 72.45 -7.50 26.57
C ASP M 119 73.89 -7.73 27.01
N THR M 120 74.56 -6.69 27.52
CA THR M 120 75.97 -6.78 27.84
C THR M 120 76.22 -7.58 29.13
N ILE M 121 75.78 -7.04 30.25
CA ILE M 121 75.66 -7.76 31.50
C ILE M 121 74.49 -7.11 32.23
N GLY M 122 73.52 -7.92 32.62
CA GLY M 122 72.26 -7.38 33.09
C GLY M 122 71.44 -8.42 33.80
N VAL M 123 70.34 -7.96 34.39
CA VAL M 123 69.55 -8.81 35.26
C VAL M 123 68.76 -9.84 34.45
N ASN M 124 69.00 -11.11 34.76
CA ASN M 124 68.23 -12.22 34.23
C ASN M 124 66.98 -12.36 35.09
N ASN M 125 65.88 -12.73 34.45
CA ASN M 125 64.55 -12.63 35.05
C ASN M 125 64.22 -13.72 36.07
N LEU M 129 69.85 -11.82 38.61
CA LEU M 129 71.19 -12.39 38.46
C LEU M 129 71.74 -12.02 37.08
N ASP M 130 73.07 -12.01 36.95
CA ASP M 130 73.69 -11.41 35.76
C ASP M 130 74.09 -12.48 34.76
N ALA M 131 73.96 -12.14 33.48
CA ALA M 131 73.93 -13.11 32.40
C ALA M 131 74.63 -12.57 31.17
N ARG M 132 75.37 -13.46 30.49
CA ARG M 132 75.33 -13.74 29.05
C ARG M 132 76.48 -14.73 28.77
N GLY M 133 76.47 -15.43 27.64
CA GLY M 133 77.51 -16.36 27.25
C GLY M 133 78.82 -15.78 26.74
N ARG M 134 79.21 -14.57 27.15
CA ARG M 134 80.50 -14.03 26.72
C ARG M 134 81.62 -14.53 27.61
N ARG M 135 82.82 -14.04 27.33
CA ARG M 135 84.00 -14.58 27.98
C ARG M 135 84.34 -13.82 29.26
N ILE M 136 83.75 -12.63 29.45
CA ILE M 136 84.06 -11.62 30.47
C ILE M 136 85.56 -11.47 30.74
N VAL M 137 86.31 -11.00 29.72
CA VAL M 137 87.70 -11.37 29.40
C VAL M 137 88.70 -11.37 30.56
N ASN M 138 88.93 -10.22 31.20
CA ASN M 138 89.89 -10.17 32.30
C ASN M 138 89.36 -9.34 33.47
N LEU M 139 89.66 -9.82 34.68
CA LEU M 139 89.49 -9.09 35.93
C LEU M 139 90.76 -9.12 36.78
N ALA M 140 91.67 -10.04 36.47
CA ALA M 140 93.10 -10.04 36.80
C ALA M 140 93.50 -10.38 38.23
N ASN M 141 92.55 -10.55 39.15
CA ASN M 141 92.95 -10.96 40.49
C ASN M 141 91.88 -11.81 41.17
N ALA M 142 92.34 -12.89 41.81
CA ALA M 142 91.54 -13.71 42.68
C ALA M 142 91.80 -13.30 44.12
N VAL M 143 90.78 -12.77 44.77
CA VAL M 143 90.89 -12.35 46.16
C VAL M 143 89.97 -13.19 47.03
N ILE N 5 65.04 10.83 34.42
CA ILE N 5 65.10 11.33 35.78
C ILE N 5 63.71 11.27 36.43
N LYS N 6 63.39 10.19 37.13
CA LYS N 6 64.01 8.87 36.98
C LYS N 6 62.83 7.93 36.87
N THR N 7 62.84 7.06 35.86
CA THR N 7 61.73 6.14 35.69
C THR N 7 61.69 5.09 36.78
N VAL N 8 62.73 4.27 36.84
CA VAL N 8 62.82 3.18 37.79
C VAL N 8 63.09 3.80 39.16
N LEU N 9 62.30 3.39 40.14
CA LEU N 9 62.59 3.58 41.55
C LEU N 9 62.29 2.29 42.28
N THR N 10 62.67 2.28 43.55
CA THR N 10 62.07 1.41 44.55
C THR N 10 61.70 2.33 45.69
N TYR N 11 60.54 2.06 46.27
CA TYR N 11 60.09 2.74 47.47
C TYR N 11 60.65 2.02 48.68
N GLN N 12 60.05 2.31 49.83
CA GLN N 12 60.10 1.42 50.96
C GLN N 12 58.67 1.12 51.36
N LEU N 13 58.34 -0.16 51.46
CA LEU N 13 57.02 -0.57 51.88
C LEU N 13 57.12 -1.29 53.22
N ASP N 14 56.22 -0.95 54.12
CA ASP N 14 55.86 -1.79 55.24
C ASP N 14 54.34 -1.90 55.20
N GLY N 15 53.80 -2.94 55.84
CA GLY N 15 52.37 -3.19 55.78
C GLY N 15 51.55 -2.07 56.38
N SER N 16 50.30 -1.98 55.92
CA SER N 16 49.27 -0.96 56.10
C SER N 16 49.55 0.33 55.34
N ASN N 17 50.67 0.43 54.63
CA ASN N 17 50.93 1.53 53.70
C ASN N 17 50.68 1.02 52.29
N ARG N 18 49.86 1.73 51.53
CA ARG N 18 49.38 1.21 50.25
C ARG N 18 49.27 2.24 49.14
N ASP N 19 49.75 3.48 49.33
CA ASP N 19 49.52 4.53 48.35
C ASP N 19 50.82 5.20 47.96
N PHE N 20 51.30 4.88 46.76
CA PHE N 20 52.64 5.22 46.31
C PHE N 20 52.54 6.00 44.99
N ASN N 21 53.32 7.08 44.87
CA ASN N 21 53.11 8.01 43.75
C ASN N 21 54.14 7.83 42.65
N ILE N 22 53.83 8.31 41.45
CA ILE N 22 54.76 8.19 40.33
C ILE N 22 55.41 9.54 40.04
N PRO N 23 56.73 9.59 39.89
CA PRO N 23 57.36 10.88 39.58
C PRO N 23 57.31 11.24 38.11
N PHE N 24 57.36 10.27 37.20
CA PHE N 24 57.40 10.55 35.78
C PHE N 24 56.02 10.91 35.26
N GLU N 25 55.90 10.97 33.94
CA GLU N 25 54.61 11.03 33.27
C GLU N 25 54.53 9.85 32.31
N TYR N 26 53.36 9.21 32.26
CA TYR N 26 53.35 7.78 31.92
C TYR N 26 52.94 7.55 30.48
N LEU N 27 52.07 8.40 29.94
CA LEU N 27 51.56 8.52 28.57
C LEU N 27 50.55 7.42 28.17
N ALA N 28 50.44 6.31 28.91
CA ALA N 28 49.36 5.35 28.66
C ALA N 28 49.24 4.44 29.86
N ARG N 29 47.99 4.06 30.14
CA ARG N 29 47.57 3.39 31.37
C ARG N 29 48.35 2.12 31.64
N LYS N 30 48.77 1.41 30.59
CA LYS N 30 49.46 0.15 30.76
C LYS N 30 50.97 0.30 30.83
N PHE N 31 51.50 1.51 30.65
CA PHE N 31 52.95 1.65 30.50
C PHE N 31 53.66 1.51 31.84
N VAL N 32 52.96 1.79 32.93
CA VAL N 32 53.49 1.48 34.24
C VAL N 32 53.36 -0.02 34.47
N VAL N 33 54.46 -0.66 34.83
CA VAL N 33 54.40 -2.02 35.36
C VAL N 33 54.88 -1.95 36.81
N VAL N 34 54.19 -2.66 37.70
CA VAL N 34 54.41 -2.55 39.13
C VAL N 34 54.81 -3.92 39.65
N THR N 35 56.05 -4.03 40.12
CA THR N 35 56.59 -5.30 40.59
C THR N 35 57.13 -5.13 42.01
N LEU N 36 56.58 -5.90 42.93
CA LEU N 36 57.19 -6.07 44.24
C LEU N 36 58.44 -6.91 44.01
N ILE N 37 59.61 -6.30 44.18
CA ILE N 37 60.85 -7.04 43.91
C ILE N 37 61.07 -8.11 44.97
N GLY N 38 60.56 -7.87 46.18
CA GLY N 38 60.42 -8.89 47.21
C GLY N 38 61.72 -9.55 47.62
N VAL N 39 61.59 -10.75 48.17
CA VAL N 39 62.65 -11.73 47.99
C VAL N 39 62.70 -12.14 46.53
N ASP N 40 61.52 -12.31 45.91
CA ASP N 40 61.44 -12.82 44.56
C ASP N 40 60.53 -11.93 43.71
N ARG N 41 60.78 -11.96 42.41
CA ARG N 41 60.09 -11.06 41.48
C ARG N 41 58.64 -11.48 41.30
N LYS N 42 57.75 -10.50 41.36
CA LYS N 42 56.32 -10.74 41.19
C LYS N 42 55.72 -9.53 40.51
N VAL N 43 55.18 -9.73 39.31
CA VAL N 43 54.54 -8.68 38.54
C VAL N 43 53.10 -8.58 39.01
N LEU N 44 52.62 -7.35 39.21
CA LEU N 44 51.27 -7.17 39.73
C LEU N 44 50.37 -6.69 38.59
N THR N 45 49.06 -6.75 38.81
CA THR N 45 48.08 -6.73 37.73
C THR N 45 47.13 -5.53 37.93
N ILE N 46 46.53 -5.11 36.81
CA ILE N 46 46.11 -3.71 36.59
C ILE N 46 44.83 -3.38 37.36
N ASN N 47 44.05 -4.38 37.74
CA ASN N 47 42.85 -4.12 38.52
C ASN N 47 42.69 -5.06 39.71
N THR N 48 43.34 -6.23 39.68
CA THR N 48 43.30 -7.13 40.84
C THR N 48 43.90 -6.48 42.07
N ASP N 49 45.01 -5.79 41.90
CA ASP N 49 45.90 -5.55 43.02
C ASP N 49 46.28 -4.09 43.19
N TYR N 50 46.45 -3.35 42.10
CA TYR N 50 46.74 -1.93 42.19
C TYR N 50 45.84 -1.19 41.22
N ARG N 51 45.17 -0.16 41.71
CA ARG N 51 44.43 0.76 40.84
C ARG N 51 45.11 2.12 40.91
N PHE N 52 45.02 2.87 39.82
CA PHE N 52 45.58 4.22 39.84
C PHE N 52 44.60 5.13 40.54
N ALA N 53 45.00 5.63 41.71
CA ALA N 53 44.08 6.37 42.58
C ALA N 53 43.77 7.76 42.07
N THR N 54 44.77 8.54 41.69
CA THR N 54 44.55 9.92 41.28
C THR N 54 45.28 10.31 40.02
N ARG N 55 45.63 9.33 39.17
CA ARG N 55 46.45 9.34 37.94
C ARG N 55 47.93 9.47 38.28
N THR N 56 48.29 9.82 39.51
CA THR N 56 49.69 9.88 39.87
C THR N 56 50.06 9.13 41.12
N THR N 57 49.10 8.54 41.84
CA THR N 57 49.44 7.62 42.92
C THR N 57 48.82 6.27 42.61
N ILE N 58 49.61 5.20 42.72
CA ILE N 58 49.08 3.87 42.55
C ILE N 58 48.58 3.42 43.92
N SER N 59 47.28 3.17 44.02
CA SER N 59 46.76 2.57 45.23
C SER N 59 47.09 1.09 45.23
N LEU N 60 47.06 0.46 46.39
CA LEU N 60 47.28 -0.98 46.49
C LEU N 60 46.14 -1.59 47.28
N THR N 61 45.49 -2.60 46.70
CA THR N 61 44.32 -3.18 47.33
C THR N 61 44.68 -4.00 48.55
N LYS N 62 45.92 -4.49 48.61
CA LYS N 62 46.27 -5.56 49.52
C LYS N 62 47.27 -5.13 50.59
N ALA N 63 47.95 -4.00 50.37
CA ALA N 63 48.89 -3.38 51.33
C ALA N 63 49.96 -4.36 51.77
N TRP N 64 50.82 -4.71 50.81
CA TRP N 64 51.83 -5.73 51.07
C TRP N 64 52.87 -5.21 52.04
N GLY N 65 53.43 -6.14 52.80
CA GLY N 65 54.44 -5.84 53.79
C GLY N 65 55.62 -6.76 53.61
N PRO N 66 56.65 -6.58 54.42
CA PRO N 66 57.79 -7.52 54.39
C PRO N 66 57.43 -8.90 54.93
N ALA N 67 56.33 -9.03 55.66
CA ALA N 67 56.12 -10.20 56.49
C ALA N 67 55.54 -11.37 55.70
N ASP N 68 54.83 -11.10 54.62
CA ASP N 68 54.54 -12.17 53.67
C ASP N 68 55.64 -12.31 52.63
N GLY N 69 56.77 -11.64 52.83
CA GLY N 69 57.99 -11.95 52.13
C GLY N 69 58.51 -10.89 51.19
N TYR N 70 57.80 -9.77 51.02
CA TYR N 70 58.02 -8.90 49.87
C TYR N 70 58.44 -7.50 50.29
N THR N 71 59.66 -7.11 49.92
CA THR N 71 60.13 -5.73 49.82
C THR N 71 61.04 -5.65 48.60
N THR N 72 60.74 -4.76 47.65
CA THR N 72 59.82 -3.64 47.72
C THR N 72 59.23 -3.50 46.30
N ILE N 73 58.22 -2.64 46.13
CA ILE N 73 57.72 -2.26 44.81
C ILE N 73 58.80 -1.57 43.99
N GLU N 74 59.03 -2.10 42.79
CA GLU N 74 59.78 -1.40 41.76
C GLU N 74 58.85 -1.12 40.61
N LEU N 75 58.57 0.15 40.35
CA LEU N 75 57.72 0.54 39.22
C LEU N 75 58.61 1.22 38.19
N ARG N 76 58.76 0.57 37.05
CA ARG N 76 59.36 1.23 35.90
C ARG N 76 58.26 1.63 34.95
N ARG N 77 58.62 2.29 33.87
CA ARG N 77 57.70 2.60 32.80
C ARG N 77 58.17 1.85 31.55
N VAL N 78 57.76 0.59 31.44
CA VAL N 78 58.14 -0.16 30.25
C VAL N 78 57.27 0.31 29.09
N THR N 79 57.93 0.85 28.08
CA THR N 79 57.24 1.40 26.93
C THR N 79 57.54 0.50 25.73
N SER N 80 56.48 -0.08 25.19
CA SER N 80 56.59 -1.14 24.21
C SER N 80 57.04 -0.59 22.86
N THR N 81 57.79 -1.42 22.11
CA THR N 81 58.19 -1.00 20.77
C THR N 81 57.17 -1.44 19.73
N THR N 82 56.47 -2.54 19.97
CA THR N 82 55.55 -3.07 18.98
C THR N 82 54.22 -2.35 19.03
N ASP N 83 53.69 -2.16 20.24
CA ASP N 83 52.44 -1.44 20.49
C ASP N 83 52.67 0.07 20.36
N ARG N 84 52.89 0.49 19.11
CA ARG N 84 53.03 1.92 18.84
C ARG N 84 51.67 2.59 18.84
N LEU N 85 51.66 3.86 19.21
CA LEU N 85 50.40 4.53 19.49
C LEU N 85 49.96 5.42 18.33
N VAL N 86 50.89 5.91 17.54
CA VAL N 86 50.55 6.76 16.41
C VAL N 86 50.81 6.01 15.13
N ASP N 87 49.76 5.78 14.36
CA ASP N 87 49.87 5.18 13.04
C ASP N 87 49.23 6.10 12.04
N PHE N 88 50.01 6.51 11.05
CA PHE N 88 49.54 7.38 9.98
C PHE N 88 49.06 6.49 8.84
N THR N 89 47.75 6.44 8.66
CA THR N 89 47.20 5.81 7.48
C THR N 89 47.07 6.84 6.36
N ASP N 90 46.58 6.38 5.22
CA ASP N 90 46.22 7.31 4.16
C ASP N 90 45.09 8.20 4.64
N GLY N 91 45.17 9.48 4.27
CA GLY N 91 44.52 10.60 4.94
C GLY N 91 43.06 10.49 5.33
N SER N 92 42.64 10.58 6.62
CA SER N 92 43.35 10.74 7.92
C SER N 92 44.38 11.87 8.02
N ILE N 93 43.86 13.10 8.00
CA ILE N 93 44.67 14.32 7.94
C ILE N 93 45.63 14.39 9.11
N LEU N 94 46.84 14.88 8.86
CA LEU N 94 47.84 14.93 9.92
C LEU N 94 47.56 16.16 10.74
N ARG N 95 46.99 15.95 11.92
CA ARG N 95 47.01 17.00 12.92
C ARG N 95 48.40 17.06 13.53
N ALA N 96 48.68 18.19 14.19
CA ALA N 96 49.96 18.32 14.86
C ALA N 96 50.05 17.40 16.05
N TYR N 97 48.90 17.05 16.64
CA TYR N 97 48.90 16.18 17.82
C TYR N 97 49.40 14.79 17.51
N ASP N 98 49.11 14.29 16.31
CA ASP N 98 49.55 12.95 15.92
C ASP N 98 51.06 12.89 15.79
N LEU N 99 51.64 13.86 15.08
CA LEU N 99 53.09 13.91 14.91
C LEU N 99 53.79 14.17 16.23
N ASN N 100 53.12 14.86 17.15
CA ASN N 100 53.71 15.10 18.46
C ASN N 100 53.81 13.80 19.25
N VAL N 101 52.73 13.04 19.35
CA VAL N 101 52.72 11.84 20.20
C VAL N 101 53.63 10.76 19.61
N ALA N 102 53.83 10.80 18.29
CA ALA N 102 54.79 9.90 17.65
C ALA N 102 56.21 10.20 18.09
N GLN N 103 56.57 11.49 18.16
CA GLN N 103 57.91 11.82 18.63
C GLN N 103 57.96 11.88 20.15
N ILE N 104 56.81 11.96 20.82
CA ILE N 104 56.83 11.92 22.28
C ILE N 104 57.15 10.52 22.76
N GLN N 105 56.46 9.52 22.21
CA GLN N 105 56.55 8.15 22.71
C GLN N 105 57.91 7.54 22.43
N THR N 106 58.53 7.93 21.32
CA THR N 106 59.81 7.34 20.98
C THR N 106 60.95 7.93 21.81
N MET N 107 60.74 9.11 22.38
CA MET N 107 61.71 9.63 23.35
C MET N 107 61.61 8.89 24.67
N HIS N 108 60.39 8.47 25.01
CA HIS N 108 60.13 7.80 26.27
C HIS N 108 60.83 6.46 26.34
N VAL N 109 60.99 5.79 25.21
CA VAL N 109 61.81 4.58 25.16
C VAL N 109 63.27 4.94 25.36
N ALA N 110 63.70 6.04 24.74
CA ALA N 110 65.10 6.38 24.70
C ALA N 110 65.61 6.81 26.08
N GLU N 111 64.74 7.43 26.89
CA GLU N 111 65.18 7.75 28.24
C GLU N 111 65.13 6.54 29.15
N GLU N 112 64.21 5.61 28.88
CA GLU N 112 64.13 4.38 29.67
C GLU N 112 65.41 3.55 29.52
N ALA N 113 66.11 3.74 28.42
CA ALA N 113 67.43 3.16 28.27
C ALA N 113 68.44 3.76 29.25
N ARG N 114 68.22 5.03 29.66
CA ARG N 114 69.20 5.67 30.51
C ARG N 114 68.90 5.46 31.99
N ASP N 115 67.76 4.84 32.30
CA ASP N 115 67.61 4.33 33.65
C ASP N 115 67.72 2.82 33.68
N LEU N 116 68.12 2.23 32.57
CA LEU N 116 68.57 0.84 32.64
C LEU N 116 69.99 0.78 33.18
N THR N 117 70.78 1.83 32.91
CA THR N 117 72.22 1.78 33.14
C THR N 117 72.56 1.75 34.62
N THR N 118 71.61 2.12 35.48
CA THR N 118 71.88 2.12 36.90
C THR N 118 71.60 0.76 37.52
N ASP N 119 70.77 -0.05 36.87
CA ASP N 119 70.28 -1.28 37.48
C ASP N 119 71.02 -2.52 37.01
N THR N 120 72.05 -2.36 36.18
CA THR N 120 73.06 -3.38 36.00
C THR N 120 74.30 -2.87 36.71
N ILE N 121 75.39 -3.65 36.64
CA ILE N 121 76.31 -3.93 37.75
C ILE N 121 76.66 -2.75 38.66
N GLY N 122 77.05 -1.60 38.10
CA GLY N 122 77.65 -0.54 38.88
C GLY N 122 79.05 -0.87 39.36
N VAL N 123 79.91 0.14 39.37
CA VAL N 123 81.22 0.00 39.98
C VAL N 123 81.22 0.74 41.31
N ASN N 124 81.73 0.09 42.36
CA ASN N 124 81.81 0.76 43.65
C ASN N 124 83.21 1.29 43.89
N ASN N 125 84.20 0.71 43.19
CA ASN N 125 85.63 0.94 43.39
C ASN N 125 86.02 0.67 44.84
N LEU N 129 81.29 -6.86 41.94
CA LEU N 129 80.92 -5.45 42.00
C LEU N 129 79.50 -5.26 42.50
N ASP N 130 78.80 -6.38 42.73
CA ASP N 130 77.41 -6.34 43.14
C ASP N 130 77.11 -7.57 43.98
N ALA N 131 76.03 -7.48 44.76
CA ALA N 131 75.61 -8.52 45.68
C ALA N 131 74.63 -9.51 45.08
N ARG N 132 74.74 -9.81 43.79
CA ARG N 132 74.00 -10.94 43.25
C ARG N 132 74.53 -12.23 43.85
N GLY N 133 73.62 -13.13 44.20
CA GLY N 133 74.02 -14.43 44.68
C GLY N 133 74.69 -15.27 43.60
N ARG N 134 74.25 -15.08 42.36
CA ARG N 134 74.86 -15.76 41.22
C ARG N 134 75.08 -14.76 40.10
N ARG N 135 76.22 -14.92 39.45
CA ARG N 135 76.38 -14.64 38.03
C ARG N 135 76.53 -16.00 37.36
N ILE N 136 76.09 -16.08 36.10
CA ILE N 136 75.89 -17.33 35.41
C ILE N 136 76.69 -17.30 34.10
N VAL N 137 76.18 -17.98 33.09
CA VAL N 137 76.72 -18.87 32.06
C VAL N 137 78.06 -18.51 31.39
N ASN N 138 78.86 -17.63 32.01
CA ASN N 138 80.37 -17.68 32.13
C ASN N 138 81.01 -16.51 31.40
N LYS O 6 81.76 7.45 21.21
CA LYS O 6 82.43 8.74 21.17
C LYS O 6 81.44 9.89 21.40
N THR O 7 80.29 9.60 22.03
CA THR O 7 79.46 10.67 22.54
C THR O 7 80.09 11.35 23.76
N VAL O 8 80.99 10.63 24.45
CA VAL O 8 81.78 11.16 25.55
C VAL O 8 83.24 10.91 25.17
N LEU O 9 84.12 11.87 25.47
CA LEU O 9 85.56 11.67 25.34
C LEU O 9 86.26 12.35 26.49
N THR O 10 87.49 11.91 26.72
CA THR O 10 88.32 12.41 27.81
C THR O 10 89.47 13.21 27.22
N TYR O 11 89.80 14.32 27.86
CA TYR O 11 90.81 15.26 27.39
C TYR O 11 91.68 15.68 28.55
N GLN O 12 92.87 15.10 28.68
CA GLN O 12 93.86 15.64 29.58
C GLN O 12 94.94 16.32 28.75
N LEU O 13 95.47 17.43 29.25
CA LEU O 13 96.27 18.33 28.45
C LEU O 13 97.18 19.16 29.33
N ASP O 14 98.10 19.90 28.70
CA ASP O 14 98.94 20.84 29.42
C ASP O 14 98.18 22.13 29.73
N GLY O 15 98.58 22.79 30.81
CA GLY O 15 97.83 23.91 31.32
C GLY O 15 97.90 25.15 30.45
N SER O 16 96.96 26.06 30.73
CA SER O 16 96.79 27.34 30.03
C SER O 16 96.57 27.17 28.53
N ASN O 17 95.98 26.04 28.14
CA ASN O 17 95.54 25.80 26.77
C ASN O 17 94.04 25.53 26.83
N ARG O 18 93.32 26.06 25.84
CA ARG O 18 91.87 26.10 25.94
C ARG O 18 91.14 25.72 24.64
N ASP O 19 91.84 25.67 23.51
CA ASP O 19 91.20 25.42 22.22
C ASP O 19 91.00 23.92 21.98
N PHE O 20 90.00 23.35 22.65
CA PHE O 20 89.59 21.98 22.37
C PHE O 20 88.62 21.92 21.20
N ASN O 21 88.80 20.92 20.35
CA ASN O 21 87.84 20.61 19.30
C ASN O 21 86.89 19.54 19.82
N ILE O 22 85.62 19.65 19.47
CA ILE O 22 84.61 18.65 19.82
C ILE O 22 84.00 18.11 18.53
N PRO O 23 84.10 16.81 18.27
CA PRO O 23 82.95 16.12 17.73
C PRO O 23 82.21 15.34 18.81
N PHE O 24 80.92 15.60 18.92
CA PHE O 24 80.06 14.46 18.66
C PHE O 24 79.21 14.90 17.46
N GLU O 25 78.23 15.78 17.67
CA GLU O 25 77.85 17.08 17.10
C GLU O 25 76.48 17.31 17.71
N TYR O 26 76.10 18.56 17.97
CA TYR O 26 74.99 18.76 18.88
C TYR O 26 73.77 19.38 18.20
N LEU O 27 72.77 19.69 19.04
CA LEU O 27 71.57 20.37 18.59
C LEU O 27 71.40 21.70 19.31
N ALA O 28 71.50 21.70 20.64
CA ALA O 28 71.45 22.91 21.44
C ALA O 28 72.74 23.01 22.25
N ARG O 29 73.15 24.26 22.49
CA ARG O 29 74.47 24.53 23.04
C ARG O 29 74.55 24.11 24.51
N LYS O 30 73.41 24.04 25.19
CA LYS O 30 73.37 23.60 26.57
C LYS O 30 73.33 22.08 26.71
N PHE O 31 73.50 21.35 25.60
CA PHE O 31 73.56 19.90 25.69
C PHE O 31 74.96 19.42 25.99
N VAL O 32 75.96 20.19 25.55
CA VAL O 32 77.31 19.93 25.98
C VAL O 32 77.42 20.27 27.45
N VAL O 33 77.71 19.27 28.26
CA VAL O 33 78.10 19.49 29.65
C VAL O 33 79.54 18.98 29.78
N VAL O 34 80.34 19.70 30.54
CA VAL O 34 81.78 19.50 30.55
C VAL O 34 82.26 19.65 31.98
N THR O 35 83.24 18.83 32.36
CA THR O 35 83.46 18.51 33.77
C THR O 35 84.91 18.71 34.16
N LEU O 36 85.14 18.64 35.47
CA LEU O 36 86.45 18.61 36.08
C LEU O 36 86.47 17.37 36.97
N ILE O 37 87.65 16.79 37.17
CA ILE O 37 87.81 15.35 37.18
C ILE O 37 88.60 14.93 38.43
N GLY O 38 89.01 13.66 38.47
CA GLY O 38 89.01 12.64 39.49
C GLY O 38 89.20 13.01 40.95
N VAL O 39 89.82 14.14 41.27
CA VAL O 39 89.75 14.61 42.66
C VAL O 39 88.33 15.07 42.98
N ASP O 40 87.71 15.83 42.08
CA ASP O 40 86.35 16.29 42.25
C ASP O 40 85.52 16.00 41.01
N ARG O 41 84.23 16.31 41.09
CA ARG O 41 83.30 16.16 39.98
C ARG O 41 82.77 17.50 39.50
N LYS O 42 83.64 18.50 39.41
CA LYS O 42 83.22 19.89 39.22
C LYS O 42 82.67 20.14 37.81
N VAL O 43 81.42 20.61 37.76
CA VAL O 43 80.69 20.84 36.52
C VAL O 43 80.56 22.35 36.33
N LEU O 44 81.26 22.87 35.33
CA LEU O 44 81.32 24.32 35.13
C LEU O 44 80.25 24.76 34.13
N THR O 45 79.83 26.01 34.26
CA THR O 45 78.70 26.56 33.54
C THR O 45 79.14 27.41 32.35
N ILE O 46 78.18 27.77 31.51
CA ILE O 46 78.51 28.27 30.17
C ILE O 46 79.02 29.70 30.23
N ASN O 47 78.15 30.65 30.59
CA ASN O 47 78.50 32.06 30.38
C ASN O 47 79.43 32.62 31.43
N THR O 48 79.40 32.07 32.65
CA THR O 48 80.46 32.36 33.61
C THR O 48 81.81 31.89 33.09
N ASP O 49 81.83 30.73 32.45
CA ASP O 49 83.11 30.15 32.09
C ASP O 49 83.32 30.00 30.59
N TYR O 50 82.53 29.19 29.88
CA TYR O 50 82.94 28.74 28.55
C TYR O 50 81.89 29.09 27.49
N ARG O 51 82.31 29.77 26.44
CA ARG O 51 81.47 29.89 25.27
C ARG O 51 81.81 28.76 24.29
N PHE O 52 81.19 28.76 23.11
CA PHE O 52 81.74 28.06 21.94
C PHE O 52 82.06 29.13 20.91
N ALA O 53 83.24 29.06 20.33
CA ALA O 53 83.68 30.09 19.41
C ALA O 53 83.37 29.74 17.96
N THR O 54 83.87 28.61 17.49
CA THR O 54 83.78 28.26 16.07
C THR O 54 82.77 27.15 15.82
N ARG O 55 81.76 27.05 16.71
CA ARG O 55 80.65 26.06 16.76
C ARG O 55 81.12 24.59 16.68
N THR O 56 82.41 24.34 16.84
CA THR O 56 82.96 23.01 17.00
C THR O 56 84.06 23.03 18.05
N THR O 57 84.37 24.19 18.60
CA THR O 57 85.36 24.32 19.65
C THR O 57 84.74 24.94 20.88
N ILE O 58 85.24 24.53 22.04
CA ILE O 58 84.77 25.06 23.31
C ILE O 58 85.62 26.22 23.79
N SER O 59 86.87 26.35 23.30
CA SER O 59 87.71 27.56 23.41
C SER O 59 87.84 28.06 24.85
N LEU O 60 88.25 27.14 25.73
CA LEU O 60 87.50 26.81 26.93
C LEU O 60 87.02 28.02 27.70
N THR O 61 87.80 28.47 28.67
CA THR O 61 87.51 29.71 29.39
C THR O 61 88.78 30.54 29.37
N LYS O 62 89.72 29.97 30.11
CA LYS O 62 91.15 30.20 30.26
C LYS O 62 91.49 29.14 31.31
N ALA O 63 92.75 29.10 31.76
CA ALA O 63 93.62 27.94 31.87
C ALA O 63 92.93 26.61 32.18
N TRP O 64 92.28 26.45 33.34
CA TRP O 64 92.63 25.38 34.28
C TRP O 64 93.13 24.10 33.64
N GLY O 65 94.31 23.68 34.09
CA GLY O 65 94.94 22.45 33.71
C GLY O 65 96.37 22.46 34.22
N PRO O 66 96.88 21.30 34.63
CA PRO O 66 96.11 20.24 35.26
C PRO O 66 96.20 20.41 36.78
N ALA O 67 96.86 21.50 37.20
CA ALA O 67 97.58 21.53 38.48
C ALA O 67 96.67 21.48 39.69
N ASP O 68 95.42 21.93 39.57
CA ASP O 68 94.54 21.99 40.74
C ASP O 68 93.76 20.68 40.93
N GLY O 69 94.48 19.56 40.92
CA GLY O 69 93.88 18.25 41.03
C GLY O 69 92.92 17.87 39.92
N TYR O 70 93.06 18.50 38.76
CA TYR O 70 92.07 18.42 37.69
C TYR O 70 92.78 17.89 36.44
N THR O 71 92.87 16.57 36.31
CA THR O 71 93.70 15.93 35.29
C THR O 71 92.92 14.99 34.35
N THR O 72 92.30 15.50 33.27
CA THR O 72 91.73 16.83 33.06
C THR O 72 90.42 16.43 32.32
N ILE O 73 89.89 17.34 31.50
CA ILE O 73 88.46 17.48 31.18
C ILE O 73 87.86 16.30 30.42
N GLU O 74 86.62 15.95 30.77
CA GLU O 74 85.81 14.94 30.09
C GLU O 74 84.49 15.54 29.64
N LEU O 75 84.45 16.15 28.46
CA LEU O 75 83.22 16.76 27.98
C LEU O 75 82.32 15.70 27.37
N ARG O 76 81.02 15.98 27.35
CA ARG O 76 80.06 14.98 26.93
C ARG O 76 78.74 15.62 26.51
N ARG O 77 78.03 14.92 25.64
CA ARG O 77 76.62 15.17 25.36
C ARG O 77 75.77 14.74 26.54
N VAL O 78 74.86 15.61 26.96
CA VAL O 78 73.61 15.21 27.61
C VAL O 78 72.50 15.96 26.91
N THR O 79 71.77 15.29 26.02
CA THR O 79 70.52 15.83 25.51
C THR O 79 69.43 15.70 26.55
N SER O 80 68.58 16.71 26.64
CA SER O 80 67.43 16.64 27.52
C SER O 80 66.28 15.95 26.81
N THR O 81 65.71 14.94 27.47
CA THR O 81 64.57 14.21 26.92
C THR O 81 63.25 14.85 27.25
N THR O 82 63.22 15.84 28.14
CA THR O 82 61.96 16.42 28.55
C THR O 82 61.66 17.66 27.73
N ASP O 83 62.62 18.58 27.69
CA ASP O 83 62.51 19.80 26.90
C ASP O 83 62.71 19.45 25.44
N ARG O 84 61.62 19.17 24.74
CA ARG O 84 61.68 18.95 23.31
C ARG O 84 61.95 20.27 22.60
N LEU O 85 62.92 20.25 21.68
CA LEU O 85 63.31 21.48 20.99
C LEU O 85 62.20 21.97 20.09
N VAL O 86 61.62 21.08 19.31
CA VAL O 86 60.48 21.44 18.51
C VAL O 86 59.21 20.87 19.15
N ASP O 87 58.18 21.71 19.21
CA ASP O 87 56.81 21.29 19.38
C ASP O 87 56.08 21.63 18.09
N PHE O 88 55.51 20.62 17.44
CA PHE O 88 54.74 20.87 16.23
C PHE O 88 53.43 21.53 16.63
N THR O 89 53.09 22.62 15.95
CA THR O 89 51.81 23.27 16.13
C THR O 89 51.00 23.14 14.85
N ASP O 90 49.72 23.48 14.96
CA ASP O 90 48.87 23.51 13.78
C ASP O 90 49.32 24.62 12.85
N GLY O 91 49.02 24.43 11.57
CA GLY O 91 49.86 24.99 10.52
C GLY O 91 49.80 26.52 10.42
N SER O 92 50.96 27.20 10.34
CA SER O 92 52.41 26.84 10.58
C SER O 92 53.02 25.62 9.87
N ILE O 93 53.19 25.76 8.54
CA ILE O 93 53.57 24.64 7.70
C ILE O 93 54.93 24.10 8.11
N LEU O 94 55.11 22.81 7.89
CA LEU O 94 56.35 22.15 8.28
C LEU O 94 57.46 22.58 7.35
N ARG O 95 58.63 22.83 7.90
CA ARG O 95 59.83 22.95 7.09
C ARG O 95 60.50 21.58 7.11
N ALA O 96 61.15 21.21 6.02
CA ALA O 96 61.72 19.87 5.93
C ALA O 96 62.95 19.74 6.80
N TYR O 97 63.52 20.87 7.21
CA TYR O 97 64.55 20.84 8.24
C TYR O 97 63.97 20.33 9.55
N ASP O 98 62.73 20.71 9.86
CA ASP O 98 62.11 20.35 11.13
C ASP O 98 61.82 18.85 11.21
N LEU O 99 61.19 18.30 10.17
CA LEU O 99 60.73 16.90 10.19
C LEU O 99 61.90 15.94 10.37
N ASN O 100 63.08 16.34 9.93
CA ASN O 100 64.26 15.60 10.32
C ASN O 100 64.58 15.81 11.79
N VAL O 101 64.78 17.08 12.21
CA VAL O 101 65.32 17.43 13.54
C VAL O 101 64.47 16.84 14.67
N ALA O 102 63.17 16.70 14.41
CA ALA O 102 62.28 15.96 15.31
C ALA O 102 62.74 14.53 15.54
N GLN O 103 62.95 13.77 14.47
CA GLN O 103 63.41 12.39 14.66
C GLN O 103 64.91 12.34 14.88
N ILE O 104 65.63 13.40 14.53
CA ILE O 104 67.08 13.43 14.78
C ILE O 104 67.37 13.48 16.26
N GLN O 105 66.56 14.23 17.02
CA GLN O 105 66.84 14.40 18.44
C GLN O 105 66.63 13.11 19.22
N THR O 106 65.56 12.38 18.90
CA THR O 106 65.26 11.19 19.69
C THR O 106 66.12 10.00 19.28
N MET O 107 66.90 10.13 18.21
CA MET O 107 67.92 9.13 17.94
C MET O 107 69.17 9.39 18.76
N HIS O 108 69.32 10.61 19.28
CA HIS O 108 70.57 10.99 19.92
C HIS O 108 70.59 10.60 21.39
N VAL O 109 69.41 10.50 22.00
CA VAL O 109 69.35 9.90 23.31
C VAL O 109 69.74 8.43 23.23
N ALA O 110 69.34 7.76 22.15
CA ALA O 110 69.70 6.36 21.94
C ALA O 110 71.20 6.17 21.78
N GLU O 111 71.85 7.07 21.03
CA GLU O 111 73.30 6.97 20.90
C GLU O 111 74.00 7.33 22.20
N GLU O 112 73.40 8.20 23.01
CA GLU O 112 73.97 8.52 24.31
C GLU O 112 73.80 7.35 25.25
N ALA O 113 72.62 6.72 25.22
CA ALA O 113 72.24 5.73 26.22
C ALA O 113 73.07 4.46 26.12
N ARG O 114 73.43 4.05 24.91
CA ARG O 114 74.16 2.80 24.78
C ARG O 114 75.60 2.95 25.28
N ASP O 115 76.18 4.13 25.09
CA ASP O 115 77.63 4.25 25.20
C ASP O 115 78.10 4.30 26.64
N LEU O 116 77.28 4.87 27.54
CA LEU O 116 77.71 4.90 28.93
C LEU O 116 77.46 3.55 29.60
N THR O 117 76.64 2.70 28.99
CA THR O 117 76.50 1.34 29.49
C THR O 117 77.68 0.49 29.09
N THR O 118 78.28 0.80 27.94
CA THR O 118 79.44 0.06 27.46
C THR O 118 80.70 0.38 28.26
N ASP O 119 80.65 1.39 29.12
CA ASP O 119 81.86 1.81 29.82
C ASP O 119 82.07 1.03 31.11
N THR O 120 80.99 0.64 31.78
CA THR O 120 81.03 -0.51 32.68
C THR O 120 81.11 -1.76 31.81
N ILE O 121 81.20 -2.96 32.39
CA ILE O 121 82.09 -4.09 32.01
C ILE O 121 82.21 -4.43 30.50
N GLY O 122 81.53 -3.69 29.63
CA GLY O 122 82.06 -3.53 28.29
C GLY O 122 81.24 -4.32 27.33
N VAL O 123 81.73 -4.44 26.11
CA VAL O 123 81.24 -5.48 25.23
C VAL O 123 82.45 -6.23 24.72
N ASN O 124 83.38 -5.48 24.14
CA ASN O 124 84.53 -6.01 23.44
C ASN O 124 85.75 -5.27 23.95
N ASN P 3 6.68 4.82 71.95
CA ASN P 3 6.35 3.81 70.95
C ASN P 3 6.65 4.30 69.54
N VAL P 4 7.53 3.63 68.80
CA VAL P 4 8.35 2.51 69.27
C VAL P 4 9.78 2.98 68.99
N ILE P 5 10.74 2.51 69.79
CA ILE P 5 12.14 2.89 69.61
C ILE P 5 12.65 2.38 68.26
N LYS P 6 13.14 3.29 67.43
CA LYS P 6 13.54 2.98 66.07
C LYS P 6 15.05 3.03 65.83
N THR P 7 15.81 3.65 66.72
CA THR P 7 17.22 3.83 66.45
C THR P 7 18.14 3.48 67.61
N VAL P 8 17.58 3.08 68.76
CA VAL P 8 18.33 2.35 69.76
C VAL P 8 17.88 0.91 69.65
N LEU P 9 18.81 -0.04 69.73
CA LEU P 9 18.43 -1.43 69.62
C LEU P 9 19.41 -2.31 70.36
N THR P 10 18.87 -3.34 71.01
CA THR P 10 19.62 -4.21 71.90
C THR P 10 19.48 -5.65 71.42
N TYR P 11 20.51 -6.18 70.79
CA TYR P 11 20.44 -7.56 70.38
C TYR P 11 20.93 -8.47 71.50
N GLN P 12 20.34 -9.65 71.59
CA GLN P 12 20.85 -10.70 72.46
C GLN P 12 22.20 -11.13 71.92
N LEU P 13 23.24 -10.92 72.73
CA LEU P 13 24.60 -11.16 72.29
C LEU P 13 24.84 -12.65 72.03
N ASP P 14 24.34 -13.50 72.93
CA ASP P 14 24.05 -14.92 72.66
C ASP P 14 25.31 -15.71 72.31
N GLY P 15 26.23 -15.76 73.27
CA GLY P 15 27.44 -16.55 73.11
C GLY P 15 28.33 -15.99 72.01
N SER P 16 28.86 -16.89 71.22
CA SER P 16 29.68 -16.52 70.07
C SER P 16 28.78 -16.30 68.86
N ASN P 17 28.35 -15.05 68.67
CA ASN P 17 27.76 -14.59 67.42
C ASN P 17 28.48 -13.30 67.05
N ARG P 18 29.07 -13.28 65.85
CA ARG P 18 30.04 -12.24 65.53
C ARG P 18 29.40 -11.05 64.84
N ASP P 19 28.17 -11.19 64.37
CA ASP P 19 27.72 -10.40 63.24
C ASP P 19 26.24 -10.03 63.32
N PHE P 20 25.97 -8.73 63.44
CA PHE P 20 24.62 -8.21 63.68
C PHE P 20 24.26 -7.16 62.61
N ASN P 21 22.97 -6.93 62.40
CA ASN P 21 22.51 -6.01 61.36
C ASN P 21 22.05 -4.68 61.94
N ILE P 22 22.11 -3.60 61.15
CA ILE P 22 21.68 -2.28 61.63
C ILE P 22 20.60 -1.72 60.71
N PRO P 23 19.35 -1.68 61.18
CA PRO P 23 18.23 -1.32 60.27
C PRO P 23 18.02 0.16 60.04
N PHE P 24 18.28 1.02 61.02
CA PHE P 24 17.99 2.45 60.86
C PHE P 24 18.95 3.09 59.86
N GLU P 25 18.62 4.31 59.45
CA GLU P 25 19.27 4.97 58.32
C GLU P 25 20.34 5.98 58.77
N TYR P 26 21.35 5.44 59.44
CA TYR P 26 22.51 6.19 59.93
C TYR P 26 23.20 6.97 58.82
N LEU P 27 23.49 8.25 59.07
CA LEU P 27 23.98 9.06 57.98
C LEU P 27 25.47 8.84 57.72
N ALA P 28 26.28 8.68 58.74
CA ALA P 28 27.69 8.44 58.51
C ALA P 28 28.18 7.39 59.48
N ARG P 29 29.35 6.82 59.18
CA ARG P 29 29.89 5.67 59.90
C ARG P 29 30.03 5.94 61.39
N LYS P 30 30.54 7.12 61.73
CA LYS P 30 30.80 7.44 63.13
C LYS P 30 29.55 7.82 63.90
N PHE P 31 28.38 7.83 63.27
CA PHE P 31 27.16 8.16 63.99
C PHE P 31 26.58 6.96 64.71
N VAL P 32 27.02 5.76 64.39
CA VAL P 32 26.62 4.57 65.12
C VAL P 32 27.63 4.34 66.22
N VAL P 33 27.21 4.47 67.46
CA VAL P 33 27.99 3.96 68.56
C VAL P 33 27.38 2.63 68.97
N VAL P 34 28.25 1.63 69.10
CA VAL P 34 27.87 0.32 69.59
C VAL P 34 28.39 0.26 71.01
N THR P 35 27.61 -0.32 71.93
CA THR P 35 28.13 -0.55 73.27
C THR P 35 27.80 -1.97 73.70
N LEU P 36 28.35 -2.33 74.85
CA LEU P 36 28.24 -3.67 75.39
C LEU P 36 27.57 -3.57 76.76
N ILE P 37 26.62 -4.45 77.02
CA ILE P 37 25.85 -4.37 78.26
C ILE P 37 26.09 -5.64 79.06
N GLY P 38 26.21 -5.50 80.38
CA GLY P 38 25.89 -6.64 81.22
C GLY P 38 26.60 -6.78 82.55
N VAL P 39 27.76 -6.16 82.68
CA VAL P 39 28.21 -5.65 83.96
C VAL P 39 28.60 -4.20 83.71
N ASP P 40 29.06 -3.92 82.49
CA ASP P 40 29.62 -2.62 82.15
C ASP P 40 28.86 -1.97 81.00
N ARG P 41 29.43 -0.87 80.53
CA ARG P 41 28.96 -0.05 79.43
C ARG P 41 30.10 0.17 78.42
N LYS P 42 30.71 -0.92 77.97
CA LYS P 42 31.94 -0.83 77.20
C LYS P 42 31.66 -0.28 75.81
N VAL P 43 32.41 0.75 75.43
CA VAL P 43 32.37 1.32 74.10
C VAL P 43 33.60 0.80 73.37
N LEU P 44 33.41 0.51 72.09
CA LEU P 44 34.38 -0.20 71.27
C LEU P 44 34.56 0.59 69.99
N THR P 45 35.82 0.81 69.62
CA THR P 45 36.19 1.73 68.55
C THR P 45 36.22 0.98 67.23
N ILE P 46 36.09 1.72 66.13
CA ILE P 46 35.66 1.10 64.87
C ILE P 46 36.80 0.30 64.23
N ASN P 47 37.83 1.01 63.72
CA ASN P 47 38.63 0.44 62.64
C ASN P 47 39.50 -0.72 63.09
N THR P 48 39.73 -0.84 64.40
CA THR P 48 40.41 -1.99 64.97
C THR P 48 39.44 -3.06 65.41
N ASP P 49 38.51 -2.72 66.31
CA ASP P 49 37.81 -3.76 67.06
C ASP P 49 36.67 -4.37 66.24
N TYR P 50 36.05 -3.60 65.36
CA TYR P 50 34.99 -4.16 64.53
C TYR P 50 34.94 -3.48 63.18
N ARG P 51 34.98 -4.27 62.13
CA ARG P 51 34.64 -3.67 60.87
C ARG P 51 33.15 -3.45 60.78
N PHE P 52 32.77 -2.37 60.12
CA PHE P 52 31.55 -2.37 59.35
C PHE P 52 31.72 -3.51 58.37
N ALA P 53 30.90 -4.55 58.53
CA ALA P 53 30.92 -5.66 57.58
C ALA P 53 30.60 -5.18 56.19
N THR P 54 29.41 -4.61 56.04
CA THR P 54 28.87 -4.15 54.78
C THR P 54 28.21 -2.82 55.04
N ARG P 55 27.32 -2.46 54.14
CA ARG P 55 26.44 -1.31 54.31
C ARG P 55 25.65 -1.37 55.61
N THR P 56 25.10 -2.52 55.96
CA THR P 56 24.12 -2.56 57.03
C THR P 56 24.46 -3.53 58.15
N THR P 57 25.72 -3.95 58.25
CA THR P 57 26.06 -5.06 59.13
C THR P 57 27.35 -4.73 59.87
N ILE P 58 27.39 -5.07 61.15
CA ILE P 58 28.54 -4.74 62.01
C ILE P 58 29.23 -6.08 62.34
N SER P 59 30.30 -6.37 61.60
CA SER P 59 31.11 -7.56 61.87
C SER P 59 31.98 -7.26 63.08
N LEU P 60 31.49 -7.69 64.25
CA LEU P 60 32.20 -7.45 65.49
C LEU P 60 33.22 -8.55 65.71
N THR P 61 34.46 -8.15 66.02
CA THR P 61 35.58 -9.07 66.11
C THR P 61 36.28 -8.90 67.45
N LYS P 62 36.03 -9.80 68.41
CA LYS P 62 35.23 -11.01 68.23
C LYS P 62 34.46 -11.45 69.46
N ALA P 63 33.36 -12.14 69.16
CA ALA P 63 32.76 -13.24 69.95
C ALA P 63 32.77 -13.01 71.46
N TRP P 64 32.19 -11.89 71.89
CA TRP P 64 32.12 -11.57 73.31
C TRP P 64 31.06 -12.43 73.97
N GLY P 65 31.14 -12.53 75.30
CA GLY P 65 30.02 -12.84 76.18
C GLY P 65 29.31 -14.17 76.03
N PRO P 66 28.29 -14.40 76.88
CA PRO P 66 27.96 -13.58 78.05
C PRO P 66 28.87 -13.89 79.22
N ALA P 67 29.29 -15.14 79.35
CA ALA P 67 30.32 -15.47 80.30
C ALA P 67 31.67 -15.07 79.72
N ASP P 68 32.44 -14.33 80.51
CA ASP P 68 33.49 -13.30 80.28
C ASP P 68 32.87 -11.93 80.05
N GLY P 69 31.59 -11.74 80.36
CA GLY P 69 31.15 -10.47 80.90
C GLY P 69 29.92 -9.75 80.39
N TYR P 70 29.71 -9.70 79.07
CA TYR P 70 28.72 -8.79 78.52
C TYR P 70 27.51 -9.54 77.99
N THR P 71 26.30 -9.09 78.34
CA THR P 71 25.13 -9.91 78.05
C THR P 71 24.47 -9.56 76.72
N THR P 72 24.48 -8.29 76.31
CA THR P 72 23.77 -7.86 75.11
C THR P 72 24.58 -6.79 74.41
N ILE P 73 25.00 -7.05 73.17
CA ILE P 73 25.48 -5.97 72.32
C ILE P 73 24.31 -5.08 71.95
N GLU P 74 24.45 -3.79 72.23
CA GLU P 74 23.45 -2.85 71.76
C GLU P 74 24.13 -1.76 70.96
N LEU P 75 23.41 -1.17 70.04
CA LEU P 75 23.92 -0.02 69.32
C LEU P 75 22.81 1.00 69.15
N ARG P 76 23.23 2.24 69.06
CA ARG P 76 22.33 3.34 68.83
C ARG P 76 23.00 4.31 67.89
N ARG P 77 22.19 5.17 67.30
CA ARG P 77 22.70 6.28 66.54
C ARG P 77 22.97 7.41 67.51
N VAL P 78 24.07 8.14 67.28
CA VAL P 78 24.30 9.43 67.90
C VAL P 78 24.71 10.39 66.79
N THR P 79 23.77 11.21 66.34
CA THR P 79 24.06 12.23 65.35
C THR P 79 24.57 13.46 66.07
N SER P 80 25.64 14.04 65.54
CA SER P 80 26.15 15.30 66.08
C SER P 80 25.17 16.42 65.78
N THR P 81 24.65 17.04 66.84
CA THR P 81 23.64 18.08 66.65
C THR P 81 24.29 19.45 66.52
N THR P 82 25.57 19.57 66.84
CA THR P 82 26.27 20.83 66.63
C THR P 82 26.90 20.86 65.24
N ASP P 83 27.80 19.92 64.98
CA ASP P 83 28.56 19.87 63.74
C ASP P 83 27.61 19.42 62.63
N ARG P 84 27.04 20.40 61.94
CA ARG P 84 26.23 20.09 60.78
C ARG P 84 27.10 19.61 59.63
N LEU P 85 26.47 18.96 58.66
CA LEU P 85 27.25 18.11 57.77
C LEU P 85 27.42 18.72 56.40
N VAL P 86 26.44 19.47 55.92
CA VAL P 86 26.66 20.36 54.79
C VAL P 86 26.08 21.72 55.14
N ASP P 87 26.91 22.75 55.03
CA ASP P 87 26.55 24.09 55.45
C ASP P 87 26.55 24.98 54.23
N PHE P 88 25.45 25.67 53.98
CA PHE P 88 25.35 26.41 52.73
C PHE P 88 26.02 27.78 52.86
N THR P 89 26.92 28.04 51.92
CA THR P 89 27.49 29.36 51.72
C THR P 89 27.00 29.87 50.39
N ASP P 90 27.28 31.14 50.11
CA ASP P 90 26.83 31.74 48.84
C ASP P 90 27.52 31.06 47.67
N GLY P 91 26.85 31.09 46.51
CA GLY P 91 26.87 29.96 45.61
C GLY P 91 28.24 29.67 45.01
N SER P 92 28.71 28.40 45.09
CA SER P 92 28.24 27.14 45.76
C SER P 92 26.80 26.67 45.49
N ILE P 93 26.61 26.21 44.25
CA ILE P 93 25.29 25.91 43.69
C ILE P 93 24.56 24.86 44.52
N LEU P 94 23.23 24.95 44.52
CA LEU P 94 22.42 23.98 45.24
C LEU P 94 22.38 22.65 44.49
N ARG P 95 22.70 21.57 45.19
CA ARG P 95 22.67 20.26 44.60
C ARG P 95 21.57 19.45 45.27
N ALA P 96 21.14 18.41 44.58
CA ALA P 96 20.19 17.47 45.18
C ALA P 96 20.83 16.74 46.36
N TYR P 97 22.12 16.44 46.27
CA TYR P 97 22.82 15.84 47.39
C TYR P 97 22.93 16.81 48.55
N ASP P 98 23.19 18.08 48.25
CA ASP P 98 23.44 19.06 49.31
C ASP P 98 22.15 19.39 50.06
N LEU P 99 21.04 19.50 49.34
CA LEU P 99 19.78 19.83 50.01
C LEU P 99 19.26 18.65 50.81
N ASN P 100 19.44 17.43 50.28
CA ASN P 100 18.91 16.27 50.98
C ASN P 100 19.67 16.01 52.26
N VAL P 101 21.00 15.85 52.18
CA VAL P 101 21.86 15.58 53.35
C VAL P 101 21.67 16.63 54.43
N ALA P 102 21.42 17.88 54.03
CA ALA P 102 21.00 18.91 54.97
C ALA P 102 19.65 18.58 55.60
N GLN P 103 18.69 18.12 54.80
CA GLN P 103 17.39 17.76 55.36
C GLN P 103 17.45 16.39 56.04
N ILE P 104 18.29 15.48 55.51
CA ILE P 104 18.47 14.15 56.14
C ILE P 104 18.95 14.30 57.56
N GLN P 105 19.96 15.15 57.77
CA GLN P 105 20.60 15.25 59.07
C GLN P 105 19.67 15.86 60.10
N THR P 106 18.93 16.89 59.72
CA THR P 106 18.01 17.51 60.68
C THR P 106 16.76 16.65 60.87
N MET P 107 16.53 15.71 59.97
CA MET P 107 15.49 14.72 60.22
C MET P 107 15.94 13.73 61.28
N HIS P 108 17.24 13.43 61.32
CA HIS P 108 17.74 12.49 62.32
C HIS P 108 17.75 13.12 63.69
N VAL P 109 18.12 14.40 63.78
CA VAL P 109 18.34 15.04 65.07
C VAL P 109 17.02 15.17 65.82
N ALA P 110 15.95 15.48 65.11
CA ALA P 110 14.63 15.47 65.72
C ALA P 110 14.19 14.06 66.07
N GLU P 111 14.56 13.08 65.25
CA GLU P 111 14.18 11.70 65.54
C GLU P 111 15.02 11.13 66.67
N GLU P 112 16.33 11.39 66.66
CA GLU P 112 17.20 10.92 67.73
C GLU P 112 16.82 11.56 69.06
N ALA P 113 16.29 12.79 69.02
CA ALA P 113 15.69 13.38 70.21
C ALA P 113 14.49 12.57 70.68
N ARG P 114 13.48 12.42 69.82
CA ARG P 114 12.22 11.75 70.19
C ARG P 114 12.45 10.30 70.59
N ASP P 115 13.45 9.67 70.01
CA ASP P 115 13.75 8.29 70.35
C ASP P 115 14.40 8.19 71.72
N LEU P 116 15.30 9.13 72.04
CA LEU P 116 16.04 9.12 73.30
C LEU P 116 15.09 9.27 74.48
N THR P 117 13.96 9.93 74.25
CA THR P 117 13.07 10.29 75.34
C THR P 117 12.26 9.08 75.83
N THR P 118 11.97 8.12 74.95
CA THR P 118 11.45 6.86 75.43
C THR P 118 12.56 6.02 76.04
N ASP P 119 13.80 6.22 75.57
CA ASP P 119 14.90 5.32 75.88
C ASP P 119 15.30 5.36 77.35
N THR P 120 15.03 6.48 78.04
CA THR P 120 15.47 6.65 79.41
C THR P 120 14.64 5.83 80.40
N ILE P 121 13.38 6.18 80.55
CA ILE P 121 12.38 5.36 81.21
C ILE P 121 11.05 5.72 80.55
N GLY P 122 10.33 4.72 80.06
CA GLY P 122 9.21 4.97 79.20
C GLY P 122 8.38 3.74 78.98
N VAL P 123 7.24 3.94 78.30
CA VAL P 123 6.24 2.89 78.21
C VAL P 123 6.69 1.79 77.24
N ASN P 124 6.75 0.57 77.78
CA ASN P 124 7.00 -0.63 77.00
C ASN P 124 5.68 -1.06 76.39
N ASN P 125 5.73 -1.60 75.18
CA ASN P 125 4.55 -1.81 74.34
C ASN P 125 3.66 -2.98 74.76
N LEU P 129 4.00 -0.17 80.66
CA LEU P 129 4.92 -0.45 81.76
C LEU P 129 6.30 0.09 81.44
N ASP P 130 7.10 0.37 82.46
CA ASP P 130 8.32 1.14 82.26
C ASP P 130 9.55 0.24 82.24
N ALA P 131 10.54 0.65 81.44
CA ALA P 131 11.58 -0.25 80.98
C ALA P 131 12.90 0.51 80.86
N ARG P 132 13.99 -0.18 81.23
CA ARG P 132 15.23 -0.39 80.46
C ARG P 132 16.21 -1.10 81.42
N GLY P 133 17.29 -1.70 80.91
CA GLY P 133 18.29 -2.37 81.72
C GLY P 133 19.27 -1.50 82.48
N ARG P 134 18.90 -0.27 82.87
CA ARG P 134 19.80 0.57 83.65
C ARG P 134 19.69 0.23 85.13
N ARG P 135 20.50 0.93 85.92
CA ARG P 135 20.62 0.60 87.33
C ARG P 135 19.58 1.30 88.18
N ILE P 136 18.93 2.34 87.63
CA ILE P 136 18.05 3.33 88.28
C ILE P 136 18.58 3.77 89.66
N VAL P 137 19.74 4.45 89.68
CA VAL P 137 20.78 4.40 90.71
C VAL P 137 20.32 4.54 92.16
N ASN P 138 19.70 5.67 92.52
CA ASN P 138 19.23 5.85 93.89
C ASN P 138 17.84 6.47 93.95
N LEU P 139 17.04 5.98 94.90
CA LEU P 139 15.78 6.58 95.30
C LEU P 139 15.69 6.74 96.82
N ALA P 140 16.56 6.02 97.55
CA ALA P 140 17.01 6.28 98.92
C ALA P 140 16.04 5.96 100.06
N ASN P 141 14.81 5.54 99.78
CA ASN P 141 13.94 5.14 100.88
C ASN P 141 12.96 4.05 100.46
N ALA P 142 12.83 3.07 101.35
CA ALA P 142 11.80 2.03 101.25
C ALA P 142 10.64 2.40 102.16
N VAL P 143 9.49 2.68 101.55
CA VAL P 143 8.29 3.01 102.31
C VAL P 143 7.22 1.95 102.09
N ILE Q 5 1.55 21.29 71.30
CA ILE Q 5 0.33 21.70 71.99
C ILE Q 5 -0.91 21.33 71.15
N LYS Q 6 -1.49 20.15 71.38
CA LYS Q 6 -0.83 18.99 71.98
C LYS Q 6 -1.17 17.83 71.04
N THR Q 7 -0.15 17.10 70.61
CA THR Q 7 -0.38 15.96 69.73
C THR Q 7 -1.16 14.86 70.42
N VAL Q 8 -0.56 14.24 71.42
CA VAL Q 8 -1.14 13.14 72.15
C VAL Q 8 -2.26 13.69 73.00
N LEU Q 9 -3.43 13.09 72.88
CA LEU Q 9 -4.50 13.24 73.86
C LEU Q 9 -5.07 11.86 74.16
N THR Q 10 -5.97 11.84 75.13
CA THR Q 10 -6.98 10.81 75.26
C THR Q 10 -8.28 11.55 75.43
N TYR Q 11 -9.32 11.05 74.77
CA TYR Q 11 -10.67 11.54 74.95
C TYR Q 11 -11.30 10.85 76.14
N GLN Q 12 -12.61 10.94 76.20
CA GLN Q 12 -13.41 10.00 76.97
C GLN Q 12 -14.41 9.38 76.03
N LEU Q 13 -14.49 8.05 76.01
CA LEU Q 13 -15.44 7.36 75.18
C LEU Q 13 -16.40 6.58 76.05
N ASP Q 14 -17.67 6.68 75.71
CA ASP Q 14 -18.69 5.71 76.11
C ASP Q 14 -19.42 5.34 74.83
N GLY Q 15 -20.08 4.19 74.84
CA GLY Q 15 -20.70 3.66 73.63
C GLY Q 15 -21.80 4.57 73.10
N SER Q 16 -22.03 4.44 71.79
CA SER Q 16 -22.88 5.23 70.88
C SER Q 16 -22.29 6.60 70.56
N ASN Q 17 -21.15 6.97 71.13
CA ASN Q 17 -20.40 8.15 70.71
C ASN Q 17 -19.25 7.67 69.83
N ARG Q 18 -19.11 8.26 68.65
CA ARG Q 18 -18.20 7.74 67.64
C ARG Q 18 -17.46 8.82 66.84
N ASP Q 19 -17.59 10.09 67.19
CA ASP Q 19 -17.06 11.16 66.35
C ASP Q 19 -16.17 12.09 67.16
N PHE Q 20 -14.86 11.96 66.97
CA PHE Q 20 -13.85 12.59 67.80
C PHE Q 20 -12.92 13.41 66.92
N ASN Q 21 -12.57 14.62 67.36
CA ASN Q 21 -11.87 15.55 66.47
C ASN Q 21 -10.38 15.65 66.77
N ILE Q 22 -9.60 16.11 65.79
CA ILE Q 22 -8.16 16.26 66.00
C ILE Q 22 -7.82 17.73 66.20
N PRO Q 23 -7.05 18.07 67.24
CA PRO Q 23 -6.68 19.48 67.40
C PRO Q 23 -5.51 19.91 66.55
N PHE Q 24 -4.56 19.01 66.29
CA PHE Q 24 -3.36 19.37 65.55
C PHE Q 24 -3.66 19.47 64.05
N GLU Q 25 -2.60 19.61 63.25
CA GLU Q 25 -2.69 19.45 61.82
C GLU Q 25 -1.73 18.34 61.42
N TYR Q 26 -2.17 17.47 60.51
CA TYR Q 26 -1.66 16.11 60.52
C TYR Q 26 -0.59 15.89 59.46
N LEU Q 27 -0.70 16.59 58.33
CA LEU Q 27 0.18 16.72 57.17
C LEU Q 27 0.19 15.48 56.25
N ALA Q 28 -0.30 14.31 56.70
CA ALA Q 28 -0.47 13.18 55.80
C ALA Q 28 -1.40 12.18 56.46
N ARG Q 29 -2.21 11.55 55.60
CA ARG Q 29 -3.37 10.75 55.98
C ARG Q 29 -3.02 9.62 56.97
N LYS Q 30 -1.82 9.06 56.84
CA LYS Q 30 -1.43 7.95 57.70
C LYS Q 30 -0.76 8.41 58.99
N PHE Q 31 -0.51 9.70 59.16
CA PHE Q 31 0.32 10.14 60.28
C PHE Q 31 -0.45 10.07 61.59
N VAL Q 32 -1.77 10.10 61.51
CA VAL Q 32 -2.59 9.82 62.69
C VAL Q 32 -2.62 8.32 62.91
N VAL Q 33 -2.26 7.88 64.12
CA VAL Q 33 -2.52 6.51 64.52
C VAL Q 33 -3.50 6.57 65.69
N VAL Q 34 -4.50 5.70 65.67
CA VAL Q 34 -5.63 5.77 66.58
C VAL Q 34 -5.67 4.48 67.39
N THR Q 35 -5.44 4.57 68.69
CA THR Q 35 -5.38 3.42 69.56
C THR Q 35 -6.34 3.59 70.72
N LEU Q 36 -7.33 2.71 70.79
CA LEU Q 36 -8.10 2.52 72.01
C LEU Q 36 -7.15 1.97 73.05
N ILE Q 37 -6.77 2.79 74.04
CA ILE Q 37 -5.79 2.34 75.03
C ILE Q 37 -6.39 1.27 75.92
N GLY Q 38 -7.70 1.32 76.12
CA GLY Q 38 -8.47 0.22 76.68
C GLY Q 38 -8.06 -0.19 78.07
N VAL Q 39 -8.39 -1.43 78.42
CA VAL Q 39 -7.54 -2.15 79.34
C VAL Q 39 -6.21 -2.45 78.68
N ASP Q 40 -6.25 -2.81 77.40
CA ASP Q 40 -5.05 -3.23 76.68
C ASP Q 40 -4.93 -2.50 75.36
N ARG Q 41 -3.69 -2.35 74.90
CA ARG Q 41 -3.41 -1.56 73.71
C ARG Q 41 -3.90 -2.25 72.45
N LYS Q 42 -4.56 -1.47 71.60
CA LYS Q 42 -5.11 -1.99 70.36
C LYS Q 42 -5.03 -0.88 69.33
N VAL Q 43 -4.34 -1.15 68.23
CA VAL Q 43 -4.17 -0.21 67.14
C VAL Q 43 -5.31 -0.43 66.15
N LEU Q 44 -5.87 0.65 65.61
CA LEU Q 44 -7.05 0.61 64.77
C LEU Q 44 -6.63 0.92 63.33
N THR Q 45 -7.45 0.53 62.36
CA THR Q 45 -6.97 0.39 60.98
C THR Q 45 -7.76 1.26 59.99
N ILE Q 46 -7.00 1.89 59.08
CA ILE Q 46 -7.31 3.17 58.42
C ILE Q 46 -8.69 3.19 57.73
N ASN Q 47 -9.23 2.03 57.39
CA ASN Q 47 -10.55 2.00 56.77
C ASN Q 47 -11.55 1.08 57.47
N THR Q 48 -11.07 0.02 58.17
CA THR Q 48 -11.98 -0.93 58.80
C THR Q 48 -12.87 -0.29 59.84
N ASP Q 49 -12.30 0.60 60.63
CA ASP Q 49 -12.93 0.94 61.90
C ASP Q 49 -13.03 2.44 62.15
N TYR Q 50 -12.04 3.23 61.77
CA TYR Q 50 -12.17 4.68 61.79
C TYR Q 50 -11.96 5.24 60.38
N ARG Q 51 -12.83 6.14 59.96
CA ARG Q 51 -12.63 6.92 58.76
C ARG Q 51 -12.58 8.39 59.13
N PHE Q 52 -11.76 9.16 58.41
CA PHE Q 52 -11.73 10.60 58.68
C PHE Q 52 -12.97 11.22 58.07
N ALA Q 53 -13.84 11.75 58.92
CA ALA Q 53 -15.14 12.22 58.48
C ALA Q 53 -15.08 13.55 57.74
N THR Q 54 -14.32 14.52 58.26
CA THR Q 54 -14.31 15.85 57.66
C THR Q 54 -12.93 16.48 57.59
N ARG Q 55 -11.88 15.65 57.58
CA ARG Q 55 -10.43 15.91 57.65
C ARG Q 55 -10.00 16.31 59.06
N THR Q 56 -10.95 16.62 59.94
CA THR Q 56 -10.58 16.94 61.30
C THR Q 56 -11.35 16.20 62.38
N THR Q 57 -12.34 15.37 62.02
CA THR Q 57 -12.96 14.50 63.01
C THR Q 57 -12.81 13.06 62.54
N ILE Q 58 -12.35 12.18 63.43
CA ILE Q 58 -12.27 10.77 63.10
C ILE Q 58 -13.60 10.15 63.47
N SER Q 59 -14.31 9.64 62.47
CA SER Q 59 -15.52 8.89 62.75
C SER Q 59 -15.11 7.48 63.18
N LEU Q 60 -16.04 6.76 63.80
CA LEU Q 60 -15.79 5.38 64.20
C LEU Q 60 -16.94 4.52 63.75
N THR Q 61 -16.63 3.45 63.03
CA THR Q 61 -17.70 2.61 62.47
C THR Q 61 -18.38 1.78 63.54
N LYS Q 62 -17.69 1.53 64.65
CA LYS Q 62 -18.06 0.45 65.54
C LYS Q 62 -18.37 0.93 66.96
N ALA Q 63 -18.18 2.22 67.24
CA ALA Q 63 -18.73 2.93 68.41
C ALA Q 63 -18.39 2.25 69.72
N TRP Q 64 -17.09 2.12 70.00
CA TRP Q 64 -16.67 1.30 71.10
C TRP Q 64 -17.02 1.96 72.43
N GLY Q 65 -17.27 1.11 73.42
CA GLY Q 65 -17.60 1.56 74.73
C GLY Q 65 -16.68 0.91 75.74
N PRO Q 66 -16.88 1.23 77.01
CA PRO Q 66 -16.13 0.53 78.07
C PRO Q 66 -16.58 -0.91 78.25
N ALA Q 67 -17.72 -1.29 77.70
CA ALA Q 67 -18.36 -2.53 78.09
C ALA Q 67 -17.76 -3.73 77.38
N ASP Q 68 -17.22 -3.55 76.17
CA ASP Q 68 -16.39 -4.60 75.60
C ASP Q 68 -14.93 -4.46 76.02
N GLY Q 69 -14.66 -3.58 76.98
CA GLY Q 69 -13.41 -3.59 77.71
C GLY Q 69 -12.51 -2.40 77.50
N TYR Q 70 -12.89 -1.44 76.66
CA TYR Q 70 -11.93 -0.47 76.12
C TYR Q 70 -12.31 0.96 76.48
N THR Q 71 -11.44 1.61 77.25
CA THR Q 71 -11.33 3.06 77.39
C THR Q 71 -9.85 3.39 77.49
N THR Q 72 -9.34 4.26 76.61
CA THR Q 72 -10.03 5.19 75.73
C THR Q 72 -9.16 5.30 74.47
N ILE Q 73 -9.64 5.97 73.42
CA ILE Q 73 -8.83 6.34 72.26
C ILE Q 73 -7.69 7.27 72.65
N GLU Q 74 -6.48 6.88 72.28
CA GLU Q 74 -5.33 7.77 72.30
C GLU Q 74 -4.87 7.94 70.86
N LEU Q 75 -4.96 9.16 70.35
CA LEU Q 75 -4.53 9.44 68.98
C LEU Q 75 -3.30 10.36 69.03
N ARG Q 76 -2.15 9.78 68.73
CA ARG Q 76 -0.98 10.60 68.55
C ARG Q 76 -0.77 10.83 67.06
N ARG Q 77 0.18 11.69 66.72
CA ARG Q 77 0.57 11.89 65.34
C ARG Q 77 2.00 11.34 65.17
N VAL Q 78 2.07 10.03 64.94
CA VAL Q 78 3.39 9.44 64.74
C VAL Q 78 3.86 9.82 63.34
N THR Q 79 5.00 10.48 63.29
CA THR Q 79 5.56 10.94 62.04
C THR Q 79 6.88 10.22 61.81
N SER Q 80 6.92 9.46 60.73
CA SER Q 80 8.00 8.53 60.45
C SER Q 80 9.28 9.27 60.09
N THR Q 81 10.41 8.67 60.45
CA THR Q 81 11.69 9.23 60.01
C THR Q 81 12.11 8.67 58.66
N THR Q 82 11.69 7.44 58.36
CA THR Q 82 12.16 6.78 57.14
C THR Q 82 11.32 7.22 55.95
N ASP Q 83 10.01 7.27 56.12
CA ASP Q 83 9.07 7.70 55.09
C ASP Q 83 9.04 9.23 55.00
N ARG Q 84 10.16 9.78 54.52
CA ARG Q 84 10.23 11.21 54.29
C ARG Q 84 9.44 11.57 53.05
N LEU Q 85 8.91 12.79 53.04
CA LEU Q 85 7.94 13.15 52.02
C LEU Q 85 8.55 14.02 50.93
N VAL Q 86 9.62 14.72 51.23
CA VAL Q 86 10.26 15.58 50.24
C VAL Q 86 11.61 14.99 49.88
N ASP Q 87 11.76 14.59 48.63
CA ASP Q 87 13.03 14.11 48.12
C ASP Q 87 13.42 14.98 46.94
N PHE Q 88 14.62 15.53 47.00
CA PHE Q 88 15.15 16.36 45.94
C PHE Q 88 16.02 15.50 45.05
N THR Q 89 15.55 15.26 43.83
CA THR Q 89 16.36 14.60 42.83
C THR Q 89 17.09 15.65 42.00
N ASP Q 90 17.89 15.19 41.04
CA ASP Q 90 18.43 16.09 40.04
C ASP Q 90 17.26 16.66 39.24
N GLY Q 91 17.36 17.95 38.92
CA GLY Q 91 16.23 18.81 38.58
C GLY Q 91 15.24 18.38 37.52
N SER Q 92 13.91 18.35 37.75
CA SER Q 92 13.08 18.50 38.99
C SER Q 92 13.27 19.75 39.86
N ILE Q 93 12.82 20.90 39.33
CA ILE Q 93 13.06 22.25 39.87
C ILE Q 93 12.69 22.34 41.35
N LEU Q 94 13.39 23.21 42.08
CA LEU Q 94 13.01 23.46 43.47
C LEU Q 94 11.98 24.56 43.44
N ARG Q 95 10.72 24.17 43.59
CA ARG Q 95 9.74 25.12 44.04
C ARG Q 95 9.97 25.40 45.51
N ALA Q 96 9.43 26.53 45.97
CA ALA Q 96 9.55 26.85 47.38
C ALA Q 96 8.72 25.90 48.22
N TYR Q 97 7.66 25.33 47.64
CA TYR Q 97 6.78 24.41 48.34
C TYR Q 97 7.52 23.15 48.77
N ASP Q 98 8.43 22.66 47.93
CA ASP Q 98 9.20 21.46 48.27
C ASP Q 98 10.09 21.71 49.48
N LEU Q 99 10.80 22.84 49.48
CA LEU Q 99 11.67 23.19 50.60
C LEU Q 99 10.86 23.50 51.84
N ASN Q 100 9.61 23.93 51.67
CA ASN Q 100 8.76 24.20 52.82
C ASN Q 100 8.37 22.91 53.52
N VAL Q 101 7.82 21.94 52.79
CA VAL Q 101 7.29 20.73 53.42
C VAL Q 101 8.42 19.89 54.02
N ALA Q 102 9.63 20.03 53.47
CA ALA Q 102 10.79 19.37 54.06
C ALA Q 102 11.13 19.94 55.43
N GLN Q 103 11.02 21.26 55.60
CA GLN Q 103 11.26 21.81 56.93
C GLN Q 103 9.99 21.79 57.77
N ILE Q 104 8.82 21.60 57.15
CA ILE Q 104 7.60 21.48 57.94
C ILE Q 104 7.57 20.14 58.66
N GLN Q 105 7.83 19.05 57.94
CA GLN Q 105 7.67 17.71 58.48
C GLN Q 105 8.71 17.41 59.54
N THR Q 106 9.90 17.99 59.41
CA THR Q 106 10.95 17.69 60.38
C THR Q 106 10.74 18.46 61.67
N MET Q 107 9.93 19.53 61.64
CA MET Q 107 9.52 20.16 62.88
C MET Q 107 8.47 19.33 63.58
N HIS Q 108 7.63 18.65 62.79
CA HIS Q 108 6.55 17.84 63.34
C HIS Q 108 7.04 16.68 64.15
N VAL Q 109 8.19 16.11 63.78
CA VAL Q 109 8.82 15.09 64.61
C VAL Q 109 9.36 15.72 65.88
N ALA Q 110 9.95 16.91 65.74
CA ALA Q 110 10.61 17.56 66.86
C ALA Q 110 9.63 17.99 67.92
N GLU Q 111 8.41 18.35 67.52
CA GLU Q 111 7.42 18.70 68.52
C GLU Q 111 6.80 17.47 69.16
N GLU Q 112 6.68 16.37 68.39
CA GLU Q 112 6.18 15.11 68.93
C GLU Q 112 7.08 14.59 70.06
N ALA Q 113 8.36 14.96 70.03
CA ALA Q 113 9.26 14.68 71.12
C ALA Q 113 8.87 15.44 72.40
N ARG Q 114 8.16 16.56 72.26
CA ARG Q 114 7.81 17.34 73.44
C ARG Q 114 6.45 16.97 73.98
N ASP Q 115 5.74 16.07 73.31
CA ASP Q 115 4.58 15.47 73.96
C ASP Q 115 4.83 14.01 74.27
N LEU Q 116 6.07 13.54 74.06
CA LEU Q 116 6.45 12.28 74.65
C LEU Q 116 6.74 12.47 76.13
N THR Q 117 7.21 13.67 76.51
CA THR Q 117 7.76 13.91 77.84
C THR Q 117 6.68 13.86 78.91
N THR Q 118 5.42 13.97 78.51
CA THR Q 118 4.34 13.94 79.48
C THR Q 118 3.88 12.52 79.76
N ASP Q 119 4.13 11.60 78.84
CA ASP Q 119 3.55 10.27 78.92
C ASP Q 119 4.52 9.22 79.45
N THR Q 120 5.70 9.63 79.88
CA THR Q 120 6.52 8.84 80.79
C THR Q 120 6.47 9.54 82.14
N ILE Q 121 7.19 8.98 83.11
CA ILE Q 121 6.77 8.83 84.50
C ILE Q 121 5.99 10.01 85.12
N GLY Q 122 6.48 11.24 84.98
CA GLY Q 122 5.95 12.35 85.73
C GLY Q 122 6.30 12.30 87.21
N VAL Q 123 6.57 13.46 87.79
CA VAL Q 123 6.73 13.56 89.22
C VAL Q 123 5.46 14.19 89.81
N ASN Q 124 4.95 13.59 90.89
CA ASN Q 124 3.79 14.17 91.53
C ASN Q 124 4.18 14.94 92.78
N ASN Q 125 5.34 14.62 93.35
CA ASN Q 125 5.84 15.14 94.63
C ASN Q 125 4.82 14.89 95.74
N LEU Q 129 6.18 6.74 91.23
CA LEU Q 129 5.69 8.05 90.80
C LEU Q 129 4.50 7.91 89.85
N ASP Q 130 4.17 6.68 89.48
CA ASP Q 130 3.12 6.41 88.52
C ASP Q 130 2.44 5.10 88.87
N ALA Q 131 1.24 4.91 88.35
CA ALA Q 131 0.39 3.76 88.64
C ALA Q 131 0.58 2.62 87.65
N ARG Q 132 1.77 2.42 87.11
CA ARG Q 132 2.05 1.21 86.35
C ARG Q 132 1.98 0.00 87.26
N GLY Q 133 1.38 -1.08 86.76
CA GLY Q 133 1.36 -2.31 87.52
C GLY Q 133 2.75 -2.91 87.67
N ARG Q 134 3.60 -2.72 86.65
CA ARG Q 134 4.96 -3.19 86.70
C ARG Q 134 5.90 -2.11 86.18
N ARG Q 135 7.05 -2.04 86.82
CA ARG Q 135 8.29 -1.63 86.17
C ARG Q 135 9.16 -2.89 86.11
N ILE Q 136 10.00 -2.96 85.09
CA ILE Q 136 10.69 -4.19 84.72
C ILE Q 136 12.20 -3.91 84.71
N VAL Q 137 12.91 -4.62 83.87
CA VAL Q 137 14.20 -5.33 83.91
C VAL Q 137 15.38 -4.68 84.66
N ASN Q 138 15.12 -3.69 85.53
CA ASN Q 138 15.76 -3.46 86.88
C ASN Q 138 16.49 -2.12 86.91
N LYS R 6 21.80 22.14 78.89
CA LYS R 6 21.95 23.54 79.25
C LYS R 6 21.06 24.45 78.38
N THR R 7 20.00 23.89 77.80
CA THR R 7 18.96 24.73 77.21
C THR R 7 18.15 25.44 78.28
N VAL R 8 18.13 24.89 79.49
CA VAL R 8 17.50 25.50 80.66
C VAL R 8 18.59 25.54 81.73
N LEU R 9 18.63 26.64 82.49
CA LEU R 9 19.50 26.75 83.66
C LEU R 9 18.77 27.49 84.75
N THR R 10 19.26 27.29 85.97
CA THR R 10 18.68 27.89 87.16
C THR R 10 19.63 28.94 87.71
N TYR R 11 19.07 30.06 88.17
CA TYR R 11 19.84 31.21 88.62
C TYR R 11 19.22 31.72 89.90
N GLN R 12 19.80 31.37 91.05
CA GLN R 12 19.44 32.02 92.30
C GLN R 12 20.58 32.97 92.67
N LEU R 13 20.23 34.11 93.26
CA LEU R 13 21.17 35.21 93.39
C LEU R 13 20.72 36.16 94.50
N ASP R 14 21.61 37.09 94.85
CA ASP R 14 21.27 38.16 95.80
C ASP R 14 20.43 39.23 95.13
N GLY R 15 19.63 39.92 95.94
CA GLY R 15 18.63 40.82 95.41
C GLY R 15 19.23 42.10 94.83
N SER R 16 18.38 42.79 94.05
CA SER R 16 18.68 44.05 93.36
C SER R 16 19.87 43.92 92.41
N ASN R 17 20.09 42.72 91.89
CA ASN R 17 21.08 42.48 90.84
C ASN R 17 20.32 41.92 89.65
N ARG R 18 20.72 42.35 88.45
CA ARG R 18 19.91 42.08 87.28
C ARG R 18 20.70 41.65 86.04
N ASP R 19 22.02 41.79 86.05
CA ASP R 19 22.84 41.52 84.87
C ASP R 19 23.17 40.03 84.76
N PHE R 20 22.19 39.22 84.37
CA PHE R 20 22.43 37.82 84.07
C PHE R 20 22.94 37.63 82.66
N ASN R 21 23.97 36.79 82.51
CA ASN R 21 24.42 36.33 81.21
C ASN R 21 23.63 35.08 80.83
N ILE R 22 23.28 34.96 79.56
CA ILE R 22 22.64 33.76 79.05
C ILE R 22 23.51 33.17 77.94
N PRO R 23 23.99 31.94 78.08
CA PRO R 23 23.99 31.05 76.93
C PRO R 23 22.80 30.10 76.96
N PHE R 24 22.04 30.08 75.87
CA PHE R 24 22.01 28.82 75.16
C PHE R 24 22.53 29.17 73.76
N GLU R 25 21.69 29.80 72.94
CA GLU R 25 21.76 31.03 72.15
C GLU R 25 20.50 30.94 71.30
N TYR R 26 19.86 32.07 71.01
CA TYR R 26 18.49 31.98 70.50
C TYR R 26 18.37 32.36 69.04
N LEU R 27 17.12 32.39 68.57
CA LEU R 27 16.80 32.85 67.22
C LEU R 27 15.92 34.09 67.26
N ALA R 28 14.83 34.04 68.00
CA ALA R 28 13.93 35.17 68.19
C ALA R 28 13.85 35.50 69.66
N ARG R 29 13.66 36.79 69.95
CA ARG R 29 13.82 37.29 71.32
C ARG R 29 12.70 36.81 72.23
N LYS R 30 11.55 36.46 71.65
CA LYS R 30 10.45 35.93 72.42
C LYS R 30 10.55 34.43 72.65
N PHE R 31 11.68 33.81 72.31
CA PHE R 31 11.85 32.39 72.60
C PHE R 31 12.37 32.20 74.01
N VAL R 32 13.14 33.17 74.50
CA VAL R 32 13.50 33.17 75.90
C VAL R 32 12.26 33.45 76.73
N VAL R 33 11.87 32.46 77.52
CA VAL R 33 10.86 32.67 78.54
C VAL R 33 11.56 32.44 79.88
N VAL R 34 11.20 33.26 80.86
CA VAL R 34 11.96 33.37 82.10
C VAL R 34 10.96 33.51 83.23
N THR R 35 11.26 32.87 84.36
CA THR R 35 10.23 32.52 85.33
C THR R 35 10.59 32.96 86.74
N LEU R 36 9.61 32.85 87.63
CA LEU R 36 9.76 33.04 89.05
C LEU R 36 9.20 31.78 89.69
N ILE R 37 9.71 31.43 90.88
CA ILE R 37 10.01 30.05 91.21
C ILE R 37 9.41 29.72 92.58
N GLY R 38 9.77 28.55 93.12
CA GLY R 38 9.05 27.48 93.79
C GLY R 38 7.86 27.81 94.66
N VAL R 39 7.72 29.01 95.19
CA VAL R 39 6.44 29.37 95.79
C VAL R 39 5.37 29.51 94.70
N ASP R 40 5.72 30.19 93.60
CA ASP R 40 4.80 30.35 92.48
C ASP R 40 5.49 29.97 91.18
N ARG R 41 4.73 30.02 90.09
CA ARG R 41 5.24 29.78 88.74
C ARG R 41 5.15 31.03 87.88
N LYS R 42 5.52 32.18 88.44
CA LYS R 42 5.26 33.47 87.80
C LYS R 42 6.11 33.69 86.56
N VAL R 43 5.45 33.91 85.43
CA VAL R 43 6.08 34.08 84.13
C VAL R 43 5.92 35.54 83.72
N LEU R 44 7.03 36.28 83.71
CA LEU R 44 7.00 37.71 83.47
C LEU R 44 7.26 38.00 81.99
N THR R 45 6.74 39.13 81.52
CA THR R 45 6.72 39.47 80.10
C THR R 45 7.83 40.45 79.76
N ILE R 46 8.05 40.63 78.45
CA ILE R 46 9.26 41.28 77.97
C ILE R 46 9.24 42.78 78.22
N ASN R 47 8.34 43.51 77.55
CA ASN R 47 8.47 44.97 77.53
C ASN R 47 7.97 45.64 78.80
N THR R 48 7.01 45.04 79.49
CA THR R 48 6.68 45.48 80.83
C THR R 48 7.87 45.31 81.76
N ASP R 49 8.62 44.23 81.60
CA ASP R 49 9.66 43.94 82.56
C ASP R 49 11.06 43.91 81.97
N TYR R 50 11.38 43.01 81.05
CA TYR R 50 12.80 42.73 80.76
C TYR R 50 13.12 42.94 79.29
N ARG R 51 14.12 43.75 79.00
CA ARG R 51 14.68 43.78 77.65
C ARG R 51 15.87 42.83 77.59
N PHE R 52 16.55 42.77 76.44
CA PHE R 52 17.91 42.26 76.38
C PHE R 52 18.80 43.43 75.97
N ALA R 53 19.90 43.63 76.68
CA ALA R 53 20.73 44.79 76.44
C ALA R 53 21.87 44.49 75.49
N THR R 54 22.72 43.52 75.80
CA THR R 54 23.91 43.22 75.02
C THR R 54 23.76 41.94 74.22
N ARG R 55 22.51 41.60 73.85
CA ARG R 55 22.05 40.41 73.10
C ARG R 55 22.57 39.08 73.65
N THR R 56 23.13 39.07 74.84
CA THR R 56 23.50 37.87 75.55
C THR R 56 23.18 38.02 77.03
N THR R 57 22.68 39.18 77.42
CA THR R 57 22.26 39.44 78.79
C THR R 57 20.80 39.84 78.81
N ILE R 58 20.12 39.46 79.89
CA ILE R 58 18.73 39.80 80.07
C ILE R 58 18.55 41.07 80.91
N SER R 59 19.59 41.49 81.67
CA SER R 59 19.74 42.83 82.26
C SER R 59 18.50 43.25 83.07
N LEU R 60 18.12 42.38 84.00
CA LEU R 60 16.76 41.83 84.07
C LEU R 60 15.67 42.86 83.87
N THR R 61 15.16 43.42 84.97
CA THR R 61 14.21 44.52 84.92
C THR R 61 14.73 45.59 85.86
N LYS R 62 14.66 45.19 87.13
CA LYS R 62 15.20 45.70 88.37
C LYS R 62 14.63 44.67 89.36
N ALA R 63 14.88 44.88 90.65
CA ALA R 63 15.43 43.91 91.62
C ALA R 63 15.04 42.45 91.38
N TRP R 64 13.76 42.07 91.44
CA TRP R 64 13.30 41.03 92.36
C TRP R 64 14.29 39.91 92.62
N GLY R 65 14.62 39.74 93.88
CA GLY R 65 15.39 38.64 94.40
C GLY R 65 15.68 38.90 95.85
N PRO R 66 15.76 37.85 96.67
CA PRO R 66 15.02 36.61 96.52
C PRO R 66 13.75 36.69 97.36
N ALA R 67 13.54 37.87 97.96
CA ALA R 67 12.82 37.99 99.23
C ALA R 67 11.35 37.64 99.12
N ASP R 68 10.72 37.88 97.97
CA ASP R 68 9.27 37.65 97.86
C ASP R 68 8.94 36.22 97.47
N GLY R 69 9.51 35.26 98.22
CA GLY R 69 9.33 33.85 97.95
C GLY R 69 9.85 33.38 96.60
N TYR R 70 10.80 34.09 96.02
CA TYR R 70 11.22 33.89 94.64
C TYR R 70 12.72 33.58 94.64
N THR R 71 13.08 32.30 94.83
CA THR R 71 14.47 31.91 95.09
C THR R 71 15.03 30.90 94.09
N THR R 72 15.56 31.34 92.93
CA THR R 72 15.24 32.55 92.16
C THR R 72 15.28 31.95 90.73
N ILE R 73 15.56 32.78 89.73
CA ILE R 73 15.10 32.67 88.34
C ILE R 73 15.61 31.43 87.61
N GLU R 74 14.75 30.81 86.79
CA GLU R 74 15.09 29.71 85.90
C GLU R 74 14.71 30.07 84.46
N LEU R 75 15.61 30.73 83.73
CA LEU R 75 15.31 31.11 82.36
C LEU R 75 15.55 29.93 81.41
N ARG R 76 14.86 29.96 80.28
CA ARG R 76 14.87 28.80 79.39
C ARG R 76 14.45 29.19 77.99
N ARG R 77 14.97 28.41 77.03
CA ARG R 77 14.45 28.39 75.66
C ARG R 77 13.08 27.75 75.63
N VAL R 78 12.13 28.40 74.96
CA VAL R 78 11.00 27.72 74.32
C VAL R 78 10.93 28.26 72.90
N THR R 79 11.41 27.50 71.93
CA THR R 79 11.15 27.80 70.53
C THR R 79 9.73 27.40 70.17
N SER R 80 9.06 28.23 69.40
CA SER R 80 7.74 27.90 68.89
C SER R 80 7.88 27.03 67.66
N THR R 81 7.14 25.93 67.64
CA THR R 81 7.15 25.01 66.51
C THR R 81 6.12 25.34 65.46
N THR R 82 5.21 26.26 65.75
CA THR R 82 4.16 26.56 64.80
C THR R 82 4.51 27.76 63.95
N ASP R 83 4.91 28.84 64.60
CA ASP R 83 5.34 30.06 63.93
C ASP R 83 6.74 29.83 63.39
N ARG R 84 6.82 29.41 62.14
CA ARG R 84 8.12 29.30 61.48
C ARG R 84 8.64 30.69 61.16
N LEU R 85 9.90 30.94 61.50
CA LEU R 85 10.49 32.25 61.30
C LEU R 85 10.62 32.57 59.83
N VAL R 86 11.12 31.60 59.06
CA VAL R 86 11.19 31.78 57.63
C VAL R 86 10.09 30.95 56.97
N ASP R 87 9.40 31.57 56.03
CA ASP R 87 8.62 30.88 55.02
C ASP R 87 9.30 31.12 53.69
N PHE R 88 9.70 30.06 53.02
CA PHE R 88 10.30 30.19 51.71
C PHE R 88 9.20 30.54 50.72
N THR R 89 9.45 31.54 49.90
CA THR R 89 8.53 31.94 48.84
C THR R 89 9.22 31.76 47.50
N ASP R 90 8.42 31.80 46.44
CA ASP R 90 8.98 31.77 45.09
C ASP R 90 9.76 33.05 44.83
N GLY R 91 10.81 32.90 44.01
CA GLY R 91 12.01 33.71 44.17
C GLY R 91 11.79 35.19 43.90
N SER R 92 12.18 36.09 44.84
CA SER R 92 12.72 35.97 46.25
C SER R 92 13.87 35.01 46.54
N ILE R 93 15.03 35.34 45.98
CA ILE R 93 16.14 34.40 45.91
C ILE R 93 16.69 34.15 47.30
N LEU R 94 17.22 32.95 47.50
CA LEU R 94 17.64 32.53 48.83
C LEU R 94 18.90 33.26 49.24
N ARG R 95 19.09 33.45 50.53
CA ARG R 95 20.39 33.81 51.06
C ARG R 95 20.90 32.57 51.80
N ALA R 96 22.22 32.41 51.82
CA ALA R 96 22.77 31.22 52.43
C ALA R 96 22.70 31.29 53.94
N TYR R 97 22.46 32.47 54.47
CA TYR R 97 22.08 32.59 55.87
C TYR R 97 20.75 31.89 56.12
N ASP R 98 19.81 32.02 55.19
CA ASP R 98 18.47 31.48 55.37
C ASP R 98 18.46 29.96 55.36
N LEU R 99 19.09 29.35 54.35
CA LEU R 99 19.04 27.90 54.18
C LEU R 99 19.65 27.18 55.36
N ASN R 100 20.58 27.84 56.05
CA ASN R 100 21.01 27.33 57.34
C ASN R 100 19.91 27.50 58.38
N VAL R 101 19.43 28.74 58.60
CA VAL R 101 18.53 29.09 59.72
C VAL R 101 17.23 28.28 59.67
N ALA R 102 16.81 27.90 58.46
CA ALA R 102 15.69 26.98 58.28
C ALA R 102 15.93 25.63 58.97
N GLN R 103 17.07 24.99 58.70
CA GLN R 103 17.34 23.72 59.37
C GLN R 103 17.89 23.95 60.77
N ILE R 104 18.38 25.16 61.06
CA ILE R 104 18.92 25.44 62.39
C ILE R 104 17.80 25.48 63.42
N GLN R 105 16.62 25.99 63.03
CA GLN R 105 15.54 26.15 64.00
C GLN R 105 14.97 24.80 64.42
N THR R 106 14.76 23.90 63.48
CA THR R 106 14.12 22.63 63.81
C THR R 106 15.09 21.68 64.49
N MET R 107 16.38 21.98 64.49
CA MET R 107 17.30 21.21 65.32
C MET R 107 17.24 21.68 66.76
N HIS R 108 16.65 22.84 67.00
CA HIS R 108 16.69 23.42 68.34
C HIS R 108 15.50 22.97 69.18
N VAL R 109 14.41 22.59 68.53
CA VAL R 109 13.35 21.92 69.26
C VAL R 109 13.85 20.56 69.74
N ALA R 110 14.68 19.89 68.93
CA ALA R 110 15.25 18.61 69.31
C ALA R 110 16.19 18.73 70.50
N GLU R 111 17.01 19.78 70.54
CA GLU R 111 17.87 20.00 71.70
C GLU R 111 17.06 20.42 72.92
N GLU R 112 15.92 21.08 72.69
CA GLU R 112 15.06 21.43 73.81
C GLU R 112 14.35 20.18 74.32
N ALA R 113 13.88 19.34 73.42
CA ALA R 113 12.99 18.24 73.77
C ALA R 113 13.69 17.16 74.58
N ARG R 114 14.96 16.90 74.30
CA ARG R 114 15.64 15.83 75.01
C ARG R 114 15.93 16.24 76.45
N ASP R 115 16.22 17.51 76.68
CA ASP R 115 16.84 17.91 77.93
C ASP R 115 15.83 17.98 79.07
N LEU R 116 14.57 18.31 78.77
CA LEU R 116 13.59 18.34 79.85
C LEU R 116 13.11 16.93 80.20
N THR R 117 13.32 15.98 79.31
CA THR R 117 13.05 14.58 79.65
C THR R 117 14.14 14.04 80.57
N THR R 118 15.36 14.51 80.40
CA THR R 118 16.49 14.06 81.22
C THR R 118 16.42 14.60 82.64
N ASP R 119 15.48 15.52 82.92
CA ASP R 119 15.43 16.13 84.24
C ASP R 119 14.58 15.31 85.20
N THR R 120 13.52 14.67 84.70
CA THR R 120 12.97 13.49 85.35
C THR R 120 13.95 12.35 85.12
N ILE R 121 13.69 11.14 85.64
CA ILE R 121 14.64 10.24 86.34
C ILE R 121 16.05 10.05 85.71
N GLY R 122 16.34 10.70 84.58
CA GLY R 122 17.72 11.04 84.29
C GLY R 122 18.26 10.11 83.26
N VAL R 123 19.56 10.18 83.01
CA VAL R 123 20.21 9.08 82.30
C VAL R 123 21.41 8.63 83.14
N ASN R 124 22.02 9.59 83.83
CA ASN R 124 23.35 9.40 84.38
C ASN R 124 23.55 10.44 85.48
#